data_6X2Y
#
_entry.id   6X2Y
#
_cell.length_a   106.666
_cell.length_b   106.666
_cell.length_c   304.022
_cell.angle_alpha   90.000
_cell.angle_beta   90.000
_cell.angle_gamma   90.000
#
_symmetry.space_group_name_H-M   'P 43 21 2'
#
loop_
_entity.id
_entity.type
_entity.pdbx_description
1 polymer 'GTP-binding nuclear protein Ran'
2 polymer 'Ran-specific GTPase-activating protein 1'
3 polymer Exportin-1
4 polymer 'Protein diaphanous homolog 3'
5 non-polymer 'PHOSPHOAMINOPHOSPHONIC ACID-GUANYLATE ESTER'
6 non-polymer 'MAGNESIUM ION'
7 non-polymer GLYCEROL
8 non-polymer 1,2-ETHANEDIOL
9 water water
#
loop_
_entity_poly.entity_id
_entity_poly.type
_entity_poly.pdbx_seq_one_letter_code
_entity_poly.pdbx_strand_id
1 'polypeptide(L)'
;MAAQGEPQVQFKLVLVGDGGTGKTTFVKRHLTGEFEKKYVATLGVEVHPLVFHTNRGPIKFNVWDTAGQEKFGGLRDGYY
IQAQCAIIMFDVTSRVTYKNVPNWHRDLVRVCENIPIVLCGNKVDIKDRKVKAKSIVFHRKKNLQYYDISAKSNYNFEKP
FLWLARKLIGDPNLEFVAMPALAPPEVVMDPALAAQYEHDLEVAQTTALPDEDDDL
;
A
2 'polypeptide(L)'
;DIHFEPVVHLEKVDVKTMEEDEEVLYKVRAKLFRFDADAKEWKERGTGDCKFLKNKKTNKVRILMRRDKTLKICANHIIA
PEYTLKPNVGSDRSWVYACTADIAEGEAEAFTFAIRFGSKENADKFKEEFEKAQEINKKA
;
B
3 'polypeptide(L)'
;GGSMEGILDFSNDLDIALLDQVVSTFYQGSGVQQKQAQEILTKFQDNPDAWQKADQILQFSTNPQSKFIALSILDKLITR
KWKLLPNDHRIGIRNFVVGMIISMCQDDEVFKTQKNLINKSDLTLVQILKQEWPQNWPEFIPELIGSSSSSVNVCENNMI
VLKLLSEEVFDFSAEQMTQAKALHLKNSMSKEFEQIFKLCFQVLEQGSSSSLIVATLESLLRYLHWIPYRYIYETNILEL
LSTKFMTSPDTRAITLKCLTEVSNLKIPQDNDLIKRQTVLFFQNTLQQIATSVMPVTADLKATYANANGNDQSFLQDLAM
FLTTYLARNRALLESDESLRELLLNAHQYLIQLSKIEERELFKTTLDYWHNLVADLFYEPLKKHIYEEICSQLRLVIIEN
MVRPEEVLVVENDEGEIVREFVKESDTIQLYKSEREVLVYLTHLNVIDTEEIMISKLARQIDGSEWSWHNINTLSWAIGS
ISGTMSEDTEKRFVVTVIKDLLGLCEQKRGKDNKAVVASDIMYVVGQYPRFLKAHWNFLRTVILKLFKFMHETHEGVQDM
ACDTFIKIVQKCKYHFVIQQPRESEPFIQTIIRDIQKTTADLQPQQVHTFYKACGIIISEERSVAERNRLLSDLMQLPNM
AWDTIVEQSTANPTLLLDSETVKIIANIIKTNVAVCTSMGADFYPQLGHIYYNMLQLYRAVSSMISAQVAAEGLIATKTP
KVRGLRTIKKEILKLVETYISKARNLDDVVKVLVEPLLNAVLEDYMNNVPDARDAEVLNCMTTVVEKVGHMIPQGVILIL
QSVFECTLDMINKDFTEYPEHRVEFYKLLKVINEKSFAAFLELPPAAFKLFVDAICWAFKHNNRDVEVNGLQIALDLVKN
IERMGNVPFANEFHKNYFFIFVSETFFVLTDSDHKSGFSKQALLLMKLISLVYDNKISVPLYQEAEVPQGTSNQVYLSQY
LANMLSNAFPHLTSEQIASFLSALTKQCKDLVVFKGTLRDFLVQIKEVGGDPTDYLFAEDKENA
;
C
4 'polypeptide(L)' VEALLARLRAL D
#
# COMPACT_ATOMS: atom_id res chain seq x y z
N VAL A 9 26.98 -9.26 -17.60
CA VAL A 9 26.18 -9.88 -16.55
C VAL A 9 24.88 -9.08 -16.37
N GLN A 10 23.89 -9.40 -17.21
CA GLN A 10 22.61 -8.73 -17.17
C GLN A 10 21.49 -9.74 -16.97
N PHE A 11 20.42 -9.29 -16.30
CA PHE A 11 19.32 -10.17 -15.93
C PHE A 11 18.00 -9.58 -16.40
N LYS A 12 17.10 -10.44 -16.85
CA LYS A 12 15.79 -10.01 -17.32
C LYS A 12 14.82 -9.96 -16.15
N LEU A 13 14.21 -8.79 -15.92
CA LEU A 13 13.26 -8.58 -14.84
C LEU A 13 11.92 -8.16 -15.45
N VAL A 14 10.89 -8.96 -15.21
CA VAL A 14 9.51 -8.62 -15.58
C VAL A 14 8.84 -7.98 -14.38
N LEU A 15 8.07 -6.93 -14.63
CA LEU A 15 7.37 -6.17 -13.60
C LEU A 15 5.88 -6.19 -13.93
N VAL A 16 5.09 -6.81 -13.06
CA VAL A 16 3.66 -7.02 -13.31
C VAL A 16 2.85 -6.48 -12.13
N GLY A 17 1.58 -6.24 -12.40
CA GLY A 17 0.65 -5.71 -11.42
C GLY A 17 -0.44 -4.92 -12.09
N ASP A 18 -1.53 -4.69 -11.33
CA ASP A 18 -2.69 -3.98 -11.85
C ASP A 18 -2.31 -2.59 -12.36
N GLY A 19 -3.14 -2.07 -13.26
CA GLY A 19 -2.90 -0.73 -13.77
C GLY A 19 -3.02 0.31 -12.67
N GLY A 20 -2.13 1.29 -12.71
CA GLY A 20 -2.14 2.37 -11.75
C GLY A 20 -1.42 2.10 -10.44
N THR A 21 -0.82 0.92 -10.28
CA THR A 21 -0.13 0.56 -9.05
C THR A 21 1.23 1.23 -8.91
N GLY A 22 1.75 1.85 -9.96
CA GLY A 22 2.99 2.59 -9.87
C GLY A 22 4.21 1.89 -10.44
N LYS A 23 4.02 0.83 -11.22
CA LYS A 23 5.16 0.11 -11.79
C LYS A 23 6.04 1.05 -12.62
N THR A 24 5.42 1.78 -13.55
CA THR A 24 6.19 2.67 -14.42
C THR A 24 6.85 3.79 -13.62
N THR A 25 6.13 4.35 -12.64
CA THR A 25 6.71 5.40 -11.81
C THR A 25 7.88 4.88 -11.00
N PHE A 26 7.77 3.65 -10.49
CA PHE A 26 8.86 3.06 -9.71
C PHE A 26 10.12 2.91 -10.55
N VAL A 27 9.98 2.43 -11.80
CA VAL A 27 11.15 2.29 -12.65
C VAL A 27 11.73 3.65 -13.01
N LYS A 28 10.87 4.59 -13.40
CA LYS A 28 11.31 5.95 -13.74
C LYS A 28 12.16 6.55 -12.63
N ARG A 29 11.70 6.40 -11.38
CA ARG A 29 12.45 6.92 -10.25
C ARG A 29 13.86 6.34 -10.22
N HIS A 30 13.99 5.04 -10.51
CA HIS A 30 15.30 4.42 -10.53
C HIS A 30 16.11 4.85 -11.75
N LEU A 31 15.45 5.16 -12.87
CA LEU A 31 16.16 5.49 -14.09
C LEU A 31 16.73 6.91 -14.04
N THR A 32 15.90 7.88 -13.70
CA THR A 32 16.26 9.29 -13.77
C THR A 32 16.21 10.01 -12.43
N GLY A 33 15.66 9.41 -11.39
CA GLY A 33 15.44 10.10 -10.14
C GLY A 33 14.18 10.93 -10.08
N GLU A 34 13.40 10.98 -11.17
CA GLU A 34 12.20 11.80 -11.21
C GLU A 34 11.02 11.04 -10.61
N PHE A 35 10.02 11.82 -10.18
CA PHE A 35 8.73 11.27 -9.76
C PHE A 35 7.66 11.76 -10.74
N GLU A 36 7.17 10.86 -11.57
CA GLU A 36 6.12 11.19 -12.54
C GLU A 36 4.78 11.22 -11.82
N LYS A 37 4.17 12.40 -11.75
CA LYS A 37 2.87 12.55 -11.11
C LYS A 37 1.72 12.08 -12.00
N LYS A 38 1.90 12.07 -13.31
CA LYS A 38 0.83 11.72 -14.23
C LYS A 38 0.78 10.21 -14.44
N TYR A 39 -0.44 9.71 -14.67
CA TYR A 39 -0.67 8.30 -15.00
C TYR A 39 -0.89 8.22 -16.50
N VAL A 40 0.19 7.96 -17.24
CA VAL A 40 0.10 7.62 -18.65
C VAL A 40 0.25 6.12 -18.75
N ALA A 41 -0.84 5.43 -19.08
CA ALA A 41 -0.86 3.98 -19.04
C ALA A 41 0.16 3.39 -20.00
N THR A 42 0.94 2.44 -19.51
CA THR A 42 1.87 1.71 -20.36
C THR A 42 1.10 0.90 -21.41
N LEU A 43 1.59 0.93 -22.64
CA LEU A 43 0.98 0.21 -23.75
C LEU A 43 1.86 -0.98 -24.09
N GLY A 44 1.41 -2.18 -23.72
CA GLY A 44 2.18 -3.38 -23.97
C GLY A 44 3.32 -3.56 -22.98
N VAL A 45 4.49 -3.02 -23.31
CA VAL A 45 5.66 -3.12 -22.44
C VAL A 45 6.64 -2.04 -22.83
N GLU A 46 7.44 -1.59 -21.87
CA GLU A 46 8.61 -0.76 -22.11
C GLU A 46 9.82 -1.42 -21.48
N VAL A 47 10.88 -1.61 -22.26
CA VAL A 47 12.11 -2.21 -21.78
C VAL A 47 13.07 -1.10 -21.40
N HIS A 48 13.70 -1.23 -20.22
CA HIS A 48 14.65 -0.24 -19.75
C HIS A 48 15.83 -0.96 -19.10
N PRO A 49 17.06 -0.67 -19.54
CA PRO A 49 18.25 -1.19 -18.84
C PRO A 49 18.48 -0.41 -17.57
N LEU A 50 18.74 -1.12 -16.47
CA LEU A 50 18.98 -0.50 -15.18
C LEU A 50 20.22 -1.16 -14.57
N VAL A 51 21.21 -0.33 -14.23
CA VAL A 51 22.50 -0.81 -13.74
C VAL A 51 22.67 -0.35 -12.30
N PHE A 52 23.13 -1.26 -11.45
CA PHE A 52 23.49 -0.94 -10.08
C PHE A 52 24.95 -1.29 -9.84
N HIS A 53 25.60 -0.51 -8.99
CA HIS A 53 27.01 -0.70 -8.65
C HIS A 53 27.11 -1.39 -7.31
N THR A 54 27.73 -2.56 -7.28
CA THR A 54 27.86 -3.35 -6.07
C THR A 54 29.33 -3.66 -5.78
N ASN A 55 29.59 -4.14 -4.57
CA ASN A 55 30.92 -4.62 -4.22
C ASN A 55 31.30 -5.87 -4.99
N ARG A 56 30.36 -6.51 -5.68
CA ARG A 56 30.64 -7.61 -6.59
C ARG A 56 30.69 -7.15 -8.04
N GLY A 57 30.76 -5.85 -8.28
CA GLY A 57 30.75 -5.33 -9.63
C GLY A 57 29.39 -4.81 -10.02
N PRO A 58 29.25 -4.37 -11.27
CA PRO A 58 27.95 -3.86 -11.72
C PRO A 58 27.02 -5.00 -12.08
N ILE A 59 25.73 -4.80 -11.80
CA ILE A 59 24.69 -5.73 -12.20
C ILE A 59 23.65 -4.97 -13.02
N LYS A 60 23.26 -5.54 -14.15
CA LYS A 60 22.37 -4.87 -15.09
C LYS A 60 21.03 -5.60 -15.14
N PHE A 61 19.96 -4.85 -14.94
CA PHE A 61 18.60 -5.37 -15.06
C PHE A 61 17.99 -4.86 -16.36
N ASN A 62 17.52 -5.78 -17.19
CA ASN A 62 16.67 -5.43 -18.32
C ASN A 62 15.24 -5.49 -17.83
N VAL A 63 14.72 -4.32 -17.41
CA VAL A 63 13.42 -4.24 -16.76
C VAL A 63 12.33 -4.21 -17.82
N TRP A 64 11.54 -5.27 -17.89
CA TRP A 64 10.37 -5.31 -18.77
C TRP A 64 9.18 -4.80 -17.97
N ASP A 65 8.91 -3.50 -18.09
CA ASP A 65 7.80 -2.84 -17.42
C ASP A 65 6.54 -3.08 -18.25
N THR A 66 5.74 -4.08 -17.84
CA THR A 66 4.56 -4.47 -18.59
C THR A 66 3.34 -3.63 -18.18
N ALA A 67 2.27 -3.78 -18.96
CA ALA A 67 1.05 -3.00 -18.76
C ALA A 67 0.09 -3.75 -17.86
N GLY A 68 -0.54 -3.01 -16.95
CA GLY A 68 -1.50 -3.60 -16.02
C GLY A 68 -2.93 -3.58 -16.50
N GLN A 69 -3.34 -2.52 -17.19
CA GLN A 69 -4.68 -2.47 -17.74
C GLN A 69 -4.84 -3.53 -18.82
N GLU A 70 -5.99 -4.21 -18.81
CA GLU A 70 -6.19 -5.34 -19.71
C GLU A 70 -6.29 -4.87 -21.16
N LYS A 71 -6.98 -3.75 -21.40
CA LYS A 71 -7.12 -3.24 -22.76
C LYS A 71 -5.80 -2.82 -23.37
N PHE A 72 -4.73 -2.75 -22.57
CA PHE A 72 -3.39 -2.45 -23.07
C PHE A 72 -2.43 -3.59 -22.81
N GLY A 73 -2.96 -4.80 -22.57
CA GLY A 73 -2.13 -5.89 -22.08
C GLY A 73 -1.06 -6.33 -23.07
N GLY A 74 -1.29 -6.13 -24.36
CA GLY A 74 -0.29 -6.55 -25.34
C GLY A 74 -0.14 -8.05 -25.38
N LEU A 75 1.10 -8.51 -25.37
CA LEU A 75 1.41 -9.94 -25.45
C LEU A 75 1.14 -10.68 -24.15
N ARG A 76 0.71 -9.98 -23.10
CA ARG A 76 0.42 -10.57 -21.79
C ARG A 76 1.56 -11.46 -21.30
N ASP A 77 1.30 -12.75 -21.08
CA ASP A 77 2.34 -13.60 -20.54
C ASP A 77 3.47 -13.87 -21.53
N GLY A 78 3.38 -13.39 -22.77
CA GLY A 78 4.49 -13.50 -23.69
C GLY A 78 5.69 -12.71 -23.24
N TYR A 79 5.47 -11.63 -22.47
CA TYR A 79 6.56 -10.82 -21.98
C TYR A 79 7.40 -11.56 -20.94
N TYR A 80 6.91 -12.67 -20.38
CA TYR A 80 7.57 -13.30 -19.25
C TYR A 80 8.60 -14.34 -19.67
N ILE A 81 8.67 -14.67 -20.96
CA ILE A 81 9.51 -15.78 -21.37
C ILE A 81 10.97 -15.43 -21.14
N GLN A 82 11.69 -16.36 -20.52
CA GLN A 82 13.11 -16.22 -20.20
C GLN A 82 13.37 -15.09 -19.20
N ALA A 83 12.37 -14.74 -18.39
CA ALA A 83 12.62 -13.83 -17.29
C ALA A 83 13.37 -14.55 -16.18
N GLN A 84 14.32 -13.85 -15.57
CA GLN A 84 15.14 -14.43 -14.51
C GLN A 84 14.77 -13.93 -13.12
N CYS A 85 13.91 -12.93 -13.03
CA CYS A 85 13.44 -12.38 -11.75
C CYS A 85 12.21 -11.54 -12.05
N ALA A 86 11.49 -11.17 -11.00
CA ALA A 86 10.25 -10.45 -11.21
C ALA A 86 9.86 -9.65 -9.98
N ILE A 87 9.05 -8.62 -10.21
CA ILE A 87 8.42 -7.82 -9.16
C ILE A 87 6.93 -7.80 -9.44
N ILE A 88 6.13 -8.26 -8.48
CA ILE A 88 4.68 -8.11 -8.50
C ILE A 88 4.32 -6.92 -7.63
N MET A 89 3.55 -6.00 -8.20
N MET A 89 3.58 -5.97 -8.20
CA MET A 89 3.25 -4.72 -7.58
CA MET A 89 3.28 -4.72 -7.52
C MET A 89 1.74 -4.60 -7.35
C MET A 89 1.78 -4.53 -7.37
N PHE A 90 1.37 -4.05 -6.20
CA PHE A 90 -0.02 -3.71 -5.92
C PHE A 90 -0.05 -2.39 -5.17
N ASP A 91 -1.24 -1.89 -4.91
CA ASP A 91 -1.45 -0.57 -4.33
C ASP A 91 -2.11 -0.73 -2.97
N VAL A 92 -1.41 -0.34 -1.90
CA VAL A 92 -1.97 -0.52 -0.57
C VAL A 92 -3.18 0.35 -0.32
N THR A 93 -3.47 1.30 -1.22
CA THR A 93 -4.69 2.09 -1.14
C THR A 93 -5.83 1.52 -1.98
N SER A 94 -5.61 0.39 -2.64
CA SER A 94 -6.63 -0.23 -3.50
C SER A 94 -6.67 -1.73 -3.22
N ARG A 95 -7.71 -2.18 -2.51
CA ARG A 95 -7.83 -3.59 -2.14
C ARG A 95 -7.86 -4.49 -3.37
N VAL A 96 -8.49 -4.04 -4.45
CA VAL A 96 -8.63 -4.90 -5.62
C VAL A 96 -7.26 -5.20 -6.22
N THR A 97 -6.31 -4.28 -6.12
CA THR A 97 -4.99 -4.55 -6.67
C THR A 97 -4.27 -5.65 -5.89
N TYR A 98 -4.56 -5.78 -4.59
CA TYR A 98 -4.01 -6.91 -3.85
C TYR A 98 -4.81 -8.19 -4.11
N LYS A 99 -6.12 -8.07 -4.32
CA LYS A 99 -6.92 -9.25 -4.65
C LYS A 99 -6.46 -9.90 -5.95
N ASN A 100 -5.91 -9.11 -6.87
CA ASN A 100 -5.46 -9.62 -8.16
C ASN A 100 -4.05 -10.18 -8.13
N VAL A 101 -3.32 -9.98 -7.04
CA VAL A 101 -1.94 -10.45 -6.90
C VAL A 101 -1.85 -11.94 -7.17
N PRO A 102 -2.75 -12.79 -6.65
CA PRO A 102 -2.68 -14.22 -7.01
C PRO A 102 -2.84 -14.47 -8.49
N ASN A 103 -3.57 -13.60 -9.21
CA ASN A 103 -3.76 -13.82 -10.64
C ASN A 103 -2.48 -13.51 -11.41
N TRP A 104 -1.84 -12.38 -11.11
CA TRP A 104 -0.56 -12.08 -11.73
C TRP A 104 0.48 -13.13 -11.41
N HIS A 105 0.53 -13.59 -10.15
CA HIS A 105 1.51 -14.60 -9.77
C HIS A 105 1.27 -15.91 -10.51
N ARG A 106 0.01 -16.29 -10.70
CA ARG A 106 -0.31 -17.51 -11.43
C ARG A 106 0.19 -17.43 -12.87
N ASP A 107 -0.14 -16.35 -13.57
CA ASP A 107 0.32 -16.18 -14.95
C ASP A 107 1.84 -16.13 -15.03
N LEU A 108 2.49 -15.63 -13.98
CA LEU A 108 3.93 -15.43 -14.02
C LEU A 108 4.68 -16.75 -13.81
N VAL A 109 4.34 -17.51 -12.77
CA VAL A 109 5.10 -18.71 -12.45
C VAL A 109 4.74 -19.89 -13.34
N ARG A 110 3.70 -19.76 -14.16
CA ARG A 110 3.43 -20.79 -15.16
C ARG A 110 4.45 -20.72 -16.30
N VAL A 111 4.96 -19.53 -16.59
CA VAL A 111 6.03 -19.36 -17.57
C VAL A 111 7.40 -19.44 -16.92
N CYS A 112 7.58 -18.80 -15.76
CA CYS A 112 8.85 -18.77 -15.04
C CYS A 112 8.69 -19.60 -13.76
N GLU A 113 9.02 -20.88 -13.85
CA GLU A 113 8.70 -21.82 -12.78
C GLU A 113 9.65 -21.74 -11.59
N ASN A 114 10.79 -21.06 -11.70
CA ASN A 114 11.76 -21.08 -10.62
C ASN A 114 12.62 -19.80 -10.69
N ILE A 115 12.03 -18.68 -10.31
CA ILE A 115 12.75 -17.41 -10.31
C ILE A 115 12.51 -16.67 -9.01
N PRO A 116 13.46 -15.88 -8.52
CA PRO A 116 13.19 -15.02 -7.36
C PRO A 116 12.19 -13.94 -7.71
N ILE A 117 11.18 -13.78 -6.85
CA ILE A 117 10.08 -12.84 -7.06
C ILE A 117 9.94 -11.97 -5.82
N VAL A 118 9.84 -10.66 -6.02
CA VAL A 118 9.56 -9.69 -4.97
C VAL A 118 8.12 -9.23 -5.11
N LEU A 119 7.38 -9.24 -4.00
CA LEU A 119 6.04 -8.66 -3.94
C LEU A 119 6.13 -7.30 -3.27
N CYS A 120 5.59 -6.28 -3.92
CA CYS A 120 5.73 -4.91 -3.48
C CYS A 120 4.36 -4.28 -3.28
N GLY A 121 4.11 -3.77 -2.08
CA GLY A 121 2.93 -2.95 -1.82
C GLY A 121 3.31 -1.49 -1.90
N ASN A 122 2.93 -0.84 -3.00
CA ASN A 122 3.36 0.53 -3.26
C ASN A 122 2.41 1.54 -2.60
N LYS A 123 2.87 2.79 -2.54
CA LYS A 123 2.07 3.95 -2.12
C LYS A 123 1.78 3.93 -0.62
N VAL A 124 2.75 3.51 0.19
CA VAL A 124 2.58 3.50 1.64
C VAL A 124 2.71 4.91 2.18
N ASP A 125 3.05 5.86 1.30
CA ASP A 125 3.11 7.26 1.71
C ASP A 125 1.73 7.85 1.94
N ILE A 126 0.68 7.22 1.42
CA ILE A 126 -0.68 7.73 1.56
C ILE A 126 -1.23 7.31 2.92
N LYS A 127 -1.81 8.26 3.65
CA LYS A 127 -2.23 8.00 5.02
C LYS A 127 -3.33 6.96 5.10
N ASP A 128 -4.34 7.07 4.23
CA ASP A 128 -5.53 6.22 4.32
C ASP A 128 -5.27 4.87 3.66
N ARG A 129 -4.36 4.12 4.27
CA ARG A 129 -3.99 2.81 3.75
C ARG A 129 -5.16 1.83 3.87
N LYS A 130 -5.45 1.13 2.78
CA LYS A 130 -6.59 0.21 2.74
C LYS A 130 -6.22 -1.25 2.89
N VAL A 131 -5.01 -1.65 2.50
CA VAL A 131 -4.56 -3.03 2.61
C VAL A 131 -3.61 -3.09 3.81
N LYS A 132 -4.15 -3.48 4.95
CA LYS A 132 -3.37 -3.47 6.19
C LYS A 132 -2.27 -4.53 6.16
N ALA A 133 -1.20 -4.24 6.89
CA ALA A 133 -0.02 -5.11 6.87
C ALA A 133 -0.37 -6.53 7.26
N LYS A 134 -1.21 -6.71 8.27
CA LYS A 134 -1.56 -8.04 8.73
C LYS A 134 -2.41 -8.82 7.72
N SER A 135 -2.97 -8.13 6.73
CA SER A 135 -3.73 -8.79 5.68
C SER A 135 -2.85 -9.32 4.54
N ILE A 136 -1.59 -8.88 4.47
CA ILE A 136 -0.70 -9.21 3.36
C ILE A 136 0.06 -10.48 3.74
N VAL A 137 -0.42 -11.63 3.27
CA VAL A 137 0.17 -12.92 3.61
C VAL A 137 0.36 -13.82 2.40
N PHE A 138 0.02 -13.36 1.19
CA PHE A 138 0.07 -14.22 0.03
C PHE A 138 1.50 -14.69 -0.27
N HIS A 139 2.49 -13.85 0.03
CA HIS A 139 3.88 -14.18 -0.26
C HIS A 139 4.40 -15.35 0.56
N ARG A 140 3.72 -15.69 1.66
CA ARG A 140 4.28 -16.68 2.59
C ARG A 140 4.42 -18.04 1.94
N LYS A 141 3.32 -18.60 1.44
CA LYS A 141 3.37 -19.93 0.85
C LYS A 141 4.04 -19.94 -0.50
N LYS A 142 4.15 -18.80 -1.16
CA LYS A 142 4.76 -18.73 -2.48
C LYS A 142 6.24 -18.36 -2.43
N ASN A 143 6.80 -18.21 -1.24
CA ASN A 143 8.23 -17.93 -1.05
C ASN A 143 8.66 -16.64 -1.77
N LEU A 144 7.76 -15.67 -1.85
CA LEU A 144 8.12 -14.36 -2.37
C LEU A 144 8.65 -13.48 -1.24
N GLN A 145 9.61 -12.62 -1.58
CA GLN A 145 10.02 -11.56 -0.69
C GLN A 145 9.03 -10.41 -0.77
N TYR A 146 8.68 -9.85 0.38
CA TYR A 146 7.73 -8.74 0.42
C TYR A 146 8.36 -7.48 0.99
N TYR A 147 8.01 -6.33 0.40
CA TYR A 147 8.40 -5.02 0.90
C TYR A 147 7.25 -4.04 0.76
N ASP A 148 6.98 -3.28 1.83
CA ASP A 148 6.29 -2.01 1.70
C ASP A 148 7.21 -1.03 0.98
N ILE A 149 6.71 -0.41 -0.10
CA ILE A 149 7.50 0.60 -0.80
C ILE A 149 6.62 1.81 -1.10
N SER A 150 7.30 2.90 -1.45
CA SER A 150 6.64 4.10 -1.96
C SER A 150 7.59 4.74 -2.96
N ALA A 151 7.20 4.77 -4.23
CA ALA A 151 8.00 5.50 -5.21
C ALA A 151 7.99 7.00 -4.95
N LYS A 152 7.03 7.49 -4.19
CA LYS A 152 6.92 8.93 -3.92
C LYS A 152 7.90 9.36 -2.84
N SER A 153 7.91 8.67 -1.69
CA SER A 153 8.79 9.00 -0.59
C SER A 153 10.08 8.20 -0.60
N ASN A 154 10.28 7.34 -1.60
CA ASN A 154 11.46 6.49 -1.74
C ASN A 154 11.62 5.49 -0.59
N TYR A 155 10.57 5.27 0.18
CA TYR A 155 10.62 4.29 1.26
C TYR A 155 10.88 2.89 0.70
N ASN A 156 12.02 2.29 1.10
CA ASN A 156 12.41 0.95 0.67
C ASN A 156 12.51 0.82 -0.83
N PHE A 157 12.68 1.92 -1.57
CA PHE A 157 12.65 1.84 -3.02
C PHE A 157 13.84 1.08 -3.58
N GLU A 158 14.91 0.90 -2.80
CA GLU A 158 16.06 0.14 -3.25
C GLU A 158 16.00 -1.34 -2.86
N LYS A 159 15.16 -1.69 -1.88
CA LYS A 159 15.15 -3.06 -1.37
C LYS A 159 14.83 -4.11 -2.43
N PRO A 160 13.85 -3.94 -3.33
CA PRO A 160 13.56 -5.01 -4.28
C PRO A 160 14.75 -5.36 -5.16
N PHE A 161 15.53 -4.38 -5.58
CA PHE A 161 16.67 -4.66 -6.44
C PHE A 161 17.85 -5.19 -5.64
N LEU A 162 18.01 -4.74 -4.40
CA LEU A 162 19.05 -5.29 -3.54
C LEU A 162 18.81 -6.78 -3.29
N TRP A 163 17.57 -7.15 -2.96
CA TRP A 163 17.25 -8.55 -2.69
C TRP A 163 17.44 -9.40 -3.94
N LEU A 164 16.92 -8.93 -5.08
CA LEU A 164 17.06 -9.68 -6.32
C LEU A 164 18.53 -9.81 -6.72
N ALA A 165 19.31 -8.75 -6.53
CA ALA A 165 20.73 -8.82 -6.85
C ALA A 165 21.42 -9.91 -6.03
N ARG A 166 21.12 -9.97 -4.73
CA ARG A 166 21.72 -10.99 -3.88
C ARG A 166 21.32 -12.39 -4.33
N LYS A 167 20.04 -12.58 -4.70
CA LYS A 167 19.58 -13.88 -5.16
C LYS A 167 20.23 -14.26 -6.49
N LEU A 168 20.29 -13.33 -7.43
CA LEU A 168 20.79 -13.66 -8.77
C LEU A 168 22.30 -13.87 -8.77
N ILE A 169 23.03 -13.17 -7.90
CA ILE A 169 24.48 -13.33 -7.82
C ILE A 169 24.90 -14.45 -6.89
N GLY A 170 24.06 -14.82 -5.92
CA GLY A 170 24.40 -15.88 -5.00
C GLY A 170 25.23 -15.45 -3.81
N ASP A 171 25.19 -14.18 -3.45
CA ASP A 171 26.01 -13.62 -2.37
C ASP A 171 25.09 -12.85 -1.42
N PRO A 172 24.77 -13.39 -0.24
CA PRO A 172 23.90 -12.66 0.69
C PRO A 172 24.53 -11.40 1.25
N ASN A 173 25.82 -11.17 1.00
CA ASN A 173 26.52 -10.00 1.51
C ASN A 173 26.75 -8.94 0.45
N LEU A 174 26.21 -9.13 -0.75
CA LEU A 174 26.30 -8.11 -1.77
C LEU A 174 25.66 -6.82 -1.28
N GLU A 175 26.32 -5.69 -1.56
CA GLU A 175 25.87 -4.38 -1.13
C GLU A 175 26.02 -3.39 -2.26
N PHE A 176 25.15 -2.39 -2.29
CA PHE A 176 25.33 -1.26 -3.20
C PHE A 176 26.51 -0.41 -2.73
N VAL A 177 27.36 -0.01 -3.67
CA VAL A 177 28.50 0.85 -3.38
C VAL A 177 28.47 2.06 -4.30
N ALA A 178 29.29 3.06 -3.96
CA ALA A 178 29.30 4.32 -4.67
C ALA A 178 30.08 4.21 -5.97
N MET A 179 29.45 4.59 -7.07
CA MET A 179 30.15 4.66 -8.34
C MET A 179 31.27 5.69 -8.27
N PRO A 180 32.42 5.43 -8.90
CA PRO A 180 33.54 6.38 -8.79
C PRO A 180 33.22 7.70 -9.48
N ALA A 181 33.66 8.79 -8.86
CA ALA A 181 33.34 10.14 -9.31
C ALA A 181 34.55 10.73 -10.04
N LEU A 182 34.47 10.73 -11.37
CA LEU A 182 35.51 11.36 -12.18
C LEU A 182 35.56 12.86 -11.91
N ALA A 183 36.74 13.43 -12.08
CA ALA A 183 36.88 14.88 -11.96
C ALA A 183 36.14 15.55 -13.11
N PRO A 184 35.30 16.54 -12.84
CA PRO A 184 34.53 17.19 -13.91
C PRO A 184 35.40 18.14 -14.71
N PRO A 185 34.98 18.47 -15.93
CA PRO A 185 35.75 19.40 -16.76
C PRO A 185 35.42 20.86 -16.48
N GLU A 186 36.32 21.73 -16.91
CA GLU A 186 36.12 23.17 -16.80
C GLU A 186 35.73 23.78 -18.15
N ASP A 190 30.93 29.88 -23.93
CA ASP A 190 30.88 30.50 -25.24
C ASP A 190 29.92 31.69 -25.24
N PRO A 191 30.43 32.87 -25.60
CA PRO A 191 29.54 34.05 -25.63
C PRO A 191 28.42 33.95 -26.65
N ALA A 192 28.59 33.14 -27.70
CA ALA A 192 27.54 32.94 -28.70
C ALA A 192 26.37 32.12 -28.18
N LEU A 193 26.44 31.61 -26.96
CA LEU A 193 25.33 30.91 -26.33
C LEU A 193 24.90 31.58 -25.03
N ALA A 194 25.37 32.81 -24.76
CA ALA A 194 24.98 33.50 -23.54
C ALA A 194 23.49 33.82 -23.54
N ALA A 195 23.00 34.47 -24.61
CA ALA A 195 21.59 34.80 -24.68
C ALA A 195 20.70 33.57 -24.75
N GLN A 196 21.25 32.42 -25.12
CA GLN A 196 20.46 31.18 -25.13
C GLN A 196 20.26 30.65 -23.72
N TYR A 197 21.33 30.53 -22.94
CA TYR A 197 21.22 30.03 -21.58
C TYR A 197 20.45 31.01 -20.68
N GLU A 198 20.47 32.30 -21.02
CA GLU A 198 19.71 33.28 -20.24
C GLU A 198 18.22 33.17 -20.53
N HIS A 199 17.85 32.70 -21.72
CA HIS A 199 16.44 32.46 -22.02
C HIS A 199 15.90 31.29 -21.22
N ASP A 200 16.63 30.17 -21.22
CA ASP A 200 16.20 28.98 -20.50
C ASP A 200 16.18 29.23 -18.99
N LEU A 201 17.12 30.04 -18.49
CA LEU A 201 17.21 30.30 -17.06
C LEU A 201 16.06 31.17 -16.58
N GLU A 202 15.59 32.09 -17.42
CA GLU A 202 14.51 32.98 -17.01
C GLU A 202 13.18 32.22 -16.95
N VAL A 203 12.96 31.29 -17.87
CA VAL A 203 11.77 30.44 -17.81
C VAL A 203 11.82 29.54 -16.59
N ALA A 204 13.01 29.10 -16.20
CA ALA A 204 13.13 28.16 -15.09
C ALA A 204 12.85 28.84 -13.75
N GLN A 205 13.32 30.08 -13.57
CA GLN A 205 13.08 30.78 -12.32
C GLN A 205 11.60 31.06 -12.09
N THR A 206 10.84 31.30 -13.17
CA THR A 206 9.42 31.61 -13.08
C THR A 206 8.54 30.38 -13.18
N THR A 207 9.11 29.18 -13.17
CA THR A 207 8.37 27.93 -13.03
C THR A 207 8.58 27.42 -11.62
N ALA A 208 7.51 27.35 -10.85
CA ALA A 208 7.62 26.99 -9.44
C ALA A 208 8.11 25.55 -9.28
N LEU A 209 8.99 25.34 -8.31
CA LEU A 209 9.44 23.99 -7.98
C LEU A 209 8.27 23.18 -7.44
N PRO A 210 8.15 21.91 -7.79
CA PRO A 210 7.04 21.09 -7.32
C PRO A 210 7.19 20.72 -5.85
N ASP A 211 6.04 20.44 -5.22
CA ASP A 211 5.99 19.85 -3.88
C ASP A 211 6.69 20.71 -2.84
N GLU A 212 6.41 22.01 -2.86
CA GLU A 212 7.11 22.94 -1.98
C GLU A 212 6.76 22.70 -0.50
N ASP A 213 5.72 21.92 -0.21
CA ASP A 213 5.39 21.61 1.17
C ASP A 213 6.17 20.43 1.72
N ASP A 214 6.88 19.69 0.88
CA ASP A 214 7.70 18.58 1.34
C ASP A 214 8.79 19.09 2.29
N ASP A 215 9.38 18.15 3.04
CA ASP A 215 10.47 18.49 3.93
C ASP A 215 11.78 18.71 3.17
N LEU A 216 11.82 18.46 1.87
CA LEU A 216 13.04 18.63 1.09
C LEU A 216 12.73 18.77 -0.39
N THR B 17 36.14 4.81 -5.11
CA THR B 17 35.10 5.83 -5.21
C THR B 17 35.66 7.11 -5.83
N MET B 18 36.98 7.20 -5.89
CA MET B 18 37.69 8.35 -6.47
C MET B 18 37.33 9.65 -5.74
N GLU B 19 37.29 9.58 -4.40
CA GLU B 19 37.08 10.76 -3.58
C GLU B 19 38.15 10.95 -2.52
N GLU B 20 39.08 10.01 -2.35
CA GLU B 20 40.05 10.08 -1.26
C GLU B 20 40.98 11.26 -1.42
N ASP B 21 41.31 11.65 -2.65
CA ASP B 21 42.23 12.75 -2.92
C ASP B 21 41.58 14.13 -2.75
N GLU B 22 40.42 14.22 -2.11
CA GLU B 22 39.69 15.46 -1.97
C GLU B 22 39.36 15.72 -0.50
N GLU B 23 38.92 16.95 -0.23
CA GLU B 23 38.59 17.40 1.12
C GLU B 23 37.18 17.95 1.13
N VAL B 24 36.45 17.73 2.22
CA VAL B 24 35.06 18.11 2.32
C VAL B 24 34.98 19.51 2.92
N LEU B 25 34.65 20.51 2.09
CA LEU B 25 34.51 21.88 2.58
C LEU B 25 33.14 22.13 3.18
N TYR B 26 32.10 21.60 2.55
CA TYR B 26 30.73 21.81 2.98
C TYR B 26 29.91 20.59 2.60
N LYS B 27 28.95 20.25 3.46
CA LYS B 27 28.08 19.09 3.25
C LYS B 27 26.69 19.43 3.75
N VAL B 28 25.69 19.32 2.87
CA VAL B 28 24.30 19.61 3.23
C VAL B 28 23.38 18.66 2.50
N ARG B 29 22.28 18.30 3.16
CA ARG B 29 21.23 17.50 2.55
C ARG B 29 20.38 18.38 1.64
N ALA B 30 20.02 17.85 0.48
CA ALA B 30 19.29 18.66 -0.50
C ALA B 30 18.63 17.75 -1.53
N LYS B 31 17.65 18.33 -2.23
CA LYS B 31 16.99 17.71 -3.36
C LYS B 31 17.31 18.52 -4.61
N LEU B 32 17.67 17.83 -5.69
CA LEU B 32 18.14 18.47 -6.90
C LEU B 32 17.14 18.28 -8.04
N PHE B 33 16.89 19.35 -8.78
CA PHE B 33 15.98 19.34 -9.91
C PHE B 33 16.71 19.74 -11.18
N ARG B 34 16.34 19.10 -12.29
CA ARG B 34 16.74 19.53 -13.62
C ARG B 34 15.51 20.05 -14.35
N PHE B 35 15.69 21.12 -15.12
CA PHE B 35 14.57 21.76 -15.81
C PHE B 35 14.42 21.17 -17.20
N ASP B 36 13.27 20.56 -17.45
CA ASP B 36 12.91 20.09 -18.79
C ASP B 36 12.21 21.25 -19.49
N ALA B 37 12.99 22.05 -20.21
CA ALA B 37 12.43 23.23 -20.89
C ALA B 37 11.42 22.83 -21.95
N ASP B 38 11.62 21.67 -22.60
CA ASP B 38 10.68 21.23 -23.62
C ASP B 38 9.32 20.86 -23.04
N ALA B 39 9.24 20.63 -21.73
CA ALA B 39 8.00 20.27 -21.07
C ALA B 39 7.51 21.33 -20.09
N LYS B 40 8.26 22.42 -19.91
CA LYS B 40 7.89 23.48 -18.95
C LYS B 40 7.67 22.86 -17.57
N GLU B 41 8.63 22.05 -17.15
CA GLU B 41 8.44 21.21 -15.98
C GLU B 41 9.77 20.95 -15.30
N TRP B 42 9.79 21.09 -13.97
CA TRP B 42 10.93 20.63 -13.19
C TRP B 42 10.82 19.13 -12.96
N LYS B 43 11.98 18.48 -12.92
CA LYS B 43 12.05 17.05 -12.66
C LYS B 43 13.15 16.77 -11.64
N GLU B 44 12.81 15.98 -10.62
CA GLU B 44 13.80 15.61 -9.61
C GLU B 44 14.90 14.79 -10.25
N ARG B 45 16.14 15.04 -9.82
CA ARG B 45 17.27 14.23 -10.24
C ARG B 45 17.83 13.36 -9.14
N GLY B 46 17.62 13.73 -7.88
CA GLY B 46 18.15 12.94 -6.78
C GLY B 46 18.05 13.68 -5.46
N THR B 47 18.01 12.93 -4.37
CA THR B 47 17.98 13.48 -3.02
C THR B 47 19.08 12.81 -2.20
N GLY B 48 19.83 13.60 -1.46
CA GLY B 48 20.95 13.07 -0.70
C GLY B 48 21.87 14.20 -0.25
N ASP B 49 23.09 13.80 0.12
CA ASP B 49 24.08 14.76 0.60
C ASP B 49 24.74 15.46 -0.59
N CYS B 50 24.74 16.79 -0.56
CA CYS B 50 25.49 17.60 -1.51
C CYS B 50 26.76 18.08 -0.84
N LYS B 51 27.90 17.84 -1.48
CA LYS B 51 29.21 18.07 -0.88
C LYS B 51 30.04 19.02 -1.74
N PHE B 52 30.81 19.89 -1.08
CA PHE B 52 31.80 20.74 -1.73
C PHE B 52 33.16 20.09 -1.53
N LEU B 53 33.75 19.57 -2.60
CA LEU B 53 34.98 18.79 -2.53
C LEU B 53 36.14 19.58 -3.12
N LYS B 54 37.13 19.89 -2.28
CA LYS B 54 38.33 20.61 -2.70
C LYS B 54 39.43 19.59 -3.01
N ASN B 55 39.78 19.47 -4.28
CA ASN B 55 40.88 18.58 -4.69
C ASN B 55 42.19 19.10 -4.14
N LYS B 56 42.99 18.20 -3.56
CA LYS B 56 44.19 18.62 -2.85
C LYS B 56 45.34 18.96 -3.78
N LYS B 57 45.37 18.40 -4.99
CA LYS B 57 46.46 18.67 -5.92
C LYS B 57 46.02 19.50 -7.12
N THR B 58 44.96 20.31 -6.96
CA THR B 58 44.61 21.33 -7.95
C THR B 58 43.85 22.47 -7.28
N ASN B 59 43.50 22.28 -6.01
CA ASN B 59 42.76 23.25 -5.19
C ASN B 59 41.39 23.60 -5.78
N LYS B 60 40.94 22.91 -6.82
CA LYS B 60 39.64 23.16 -7.40
C LYS B 60 38.54 22.53 -6.55
N VAL B 61 37.38 23.21 -6.51
CA VAL B 61 36.23 22.77 -5.73
C VAL B 61 35.10 22.40 -6.69
N ARG B 62 34.47 21.25 -6.44
CA ARG B 62 33.38 20.77 -7.28
C ARG B 62 32.17 20.43 -6.41
N ILE B 63 31.03 20.31 -7.08
CA ILE B 63 29.82 19.78 -6.46
C ILE B 63 29.76 18.29 -6.73
N LEU B 64 29.65 17.49 -5.67
CA LEU B 64 29.42 16.05 -5.80
C LEU B 64 28.23 15.67 -4.95
N MET B 65 27.19 15.13 -5.58
CA MET B 65 25.95 14.80 -4.91
C MET B 65 25.52 13.40 -5.30
N ARG B 66 25.19 12.57 -4.31
CA ARG B 66 24.77 11.20 -4.54
C ARG B 66 23.37 10.98 -3.99
N ARG B 67 22.61 10.11 -4.66
CA ARG B 67 21.31 9.71 -4.15
C ARG B 67 21.48 8.79 -2.95
N ASP B 68 20.52 8.89 -2.01
CA ASP B 68 20.54 7.98 -0.88
C ASP B 68 20.30 6.54 -1.35
N LYS B 69 20.76 5.60 -0.52
CA LYS B 69 20.58 4.16 -0.73
C LYS B 69 21.36 3.64 -1.93
N THR B 70 21.03 4.10 -3.14
CA THR B 70 21.72 3.63 -4.32
C THR B 70 23.09 4.27 -4.52
N LEU B 71 23.32 5.42 -3.91
CA LEU B 71 24.59 6.15 -3.97
C LEU B 71 24.98 6.53 -5.40
N LYS B 72 24.00 6.61 -6.30
CA LYS B 72 24.29 7.00 -7.68
C LYS B 72 24.50 8.50 -7.78
N ILE B 73 25.46 8.89 -8.63
CA ILE B 73 25.83 10.29 -8.76
C ILE B 73 24.76 11.03 -9.56
N CYS B 74 24.23 12.10 -8.97
CA CYS B 74 23.25 12.94 -9.65
C CYS B 74 23.74 14.37 -9.85
N ALA B 75 24.96 14.70 -9.42
CA ALA B 75 25.53 16.02 -9.67
C ALA B 75 27.04 15.92 -9.52
N ASN B 76 27.77 16.32 -10.57
CA ASN B 76 29.23 16.32 -10.54
C ASN B 76 29.71 17.42 -11.49
N HIS B 77 30.13 18.55 -10.93
CA HIS B 77 30.58 19.68 -11.73
C HIS B 77 31.34 20.65 -10.84
N ILE B 78 32.23 21.42 -11.46
CA ILE B 78 33.01 22.42 -10.73
C ILE B 78 32.14 23.65 -10.47
N ILE B 79 32.25 24.20 -9.26
CA ILE B 79 31.60 25.46 -8.91
C ILE B 79 32.28 26.58 -9.67
N ALA B 80 31.92 26.74 -10.94
CA ALA B 80 32.58 27.74 -11.78
C ALA B 80 32.30 29.15 -11.26
N PRO B 81 33.28 30.06 -11.34
CA PRO B 81 33.02 31.45 -10.95
C PRO B 81 32.02 32.15 -11.87
N GLU B 82 31.79 31.62 -13.07
CA GLU B 82 30.81 32.21 -13.98
C GLU B 82 29.38 32.02 -13.48
N TYR B 83 29.11 30.91 -12.80
CA TYR B 83 27.76 30.56 -12.41
C TYR B 83 27.18 31.58 -11.42
N THR B 84 25.86 31.76 -11.47
CA THR B 84 25.15 32.72 -10.65
C THR B 84 23.94 32.07 -10.02
N LEU B 85 23.82 32.18 -8.69
CA LEU B 85 22.69 31.61 -7.96
C LEU B 85 21.52 32.59 -7.96
N LYS B 86 20.37 32.13 -8.44
CA LYS B 86 19.16 32.93 -8.53
C LYS B 86 17.99 32.23 -7.84
N PRO B 87 17.12 32.99 -7.17
CA PRO B 87 15.98 32.36 -6.48
C PRO B 87 14.94 31.85 -7.46
N ASN B 88 14.13 30.91 -6.97
CA ASN B 88 12.97 30.41 -7.69
C ASN B 88 11.73 31.16 -7.21
N VAL B 89 10.72 31.25 -8.08
CA VAL B 89 9.55 32.07 -7.78
C VAL B 89 8.77 31.52 -6.60
N GLY B 90 8.82 30.20 -6.38
CA GLY B 90 7.97 29.61 -5.36
C GLY B 90 8.70 29.07 -4.15
N SER B 91 9.86 29.61 -3.82
CA SER B 91 10.65 29.02 -2.74
C SER B 91 11.60 30.05 -2.16
N ASP B 92 11.68 30.09 -0.82
CA ASP B 92 12.67 30.86 -0.10
C ASP B 92 13.83 30.00 0.38
N ARG B 93 13.92 28.75 -0.09
CA ARG B 93 14.94 27.81 0.35
C ARG B 93 15.50 27.04 -0.84
N SER B 94 15.66 27.72 -1.97
CA SER B 94 16.17 27.06 -3.17
C SER B 94 16.96 28.05 -4.01
N TRP B 95 17.78 27.51 -4.90
CA TRP B 95 18.55 28.32 -5.85
C TRP B 95 18.47 27.67 -7.22
N VAL B 96 18.42 28.51 -8.25
CA VAL B 96 18.42 28.08 -9.65
C VAL B 96 19.64 28.66 -10.32
N TYR B 97 20.36 27.82 -11.07
CA TYR B 97 21.54 28.29 -11.77
C TYR B 97 21.84 27.36 -12.93
N ALA B 98 22.30 27.93 -14.04
CA ALA B 98 22.64 27.15 -15.22
C ALA B 98 23.99 26.50 -15.05
N CYS B 99 24.09 25.25 -15.47
CA CYS B 99 25.33 24.49 -15.45
C CYS B 99 25.64 24.07 -16.88
N THR B 100 26.90 24.22 -17.28
CA THR B 100 27.31 23.98 -18.65
C THR B 100 28.09 22.69 -18.85
N ALA B 101 28.53 22.03 -17.78
CA ALA B 101 29.31 20.80 -17.92
C ALA B 101 29.15 19.99 -16.63
N ASP B 102 28.12 19.14 -16.61
CA ASP B 102 27.87 18.22 -15.51
C ASP B 102 28.00 16.79 -16.03
N ILE B 103 28.83 15.98 -15.38
CA ILE B 103 29.15 14.64 -15.86
C ILE B 103 28.55 13.56 -14.96
N ALA B 104 27.37 13.83 -14.42
CA ALA B 104 26.75 12.85 -13.53
C ALA B 104 26.25 11.63 -14.30
N GLU B 105 25.75 11.83 -15.51
CA GLU B 105 25.25 10.75 -16.33
C GLU B 105 26.09 10.58 -17.60
N GLY B 106 27.41 10.77 -17.47
CA GLY B 106 28.32 10.48 -18.54
C GLY B 106 28.98 11.67 -19.22
N GLU B 107 28.64 11.83 -20.49
CA GLU B 107 29.19 12.90 -21.29
C GLU B 107 28.80 14.25 -20.72
N ALA B 108 29.76 15.18 -20.68
CA ALA B 108 29.55 16.51 -20.12
C ALA B 108 28.37 17.20 -20.78
N GLU B 109 27.30 17.39 -20.00
CA GLU B 109 26.07 17.99 -20.48
C GLU B 109 25.83 19.30 -19.75
N ALA B 110 24.92 20.11 -20.29
CA ALA B 110 24.54 21.39 -19.70
C ALA B 110 23.11 21.31 -19.19
N PHE B 111 22.89 21.87 -17.99
CA PHE B 111 21.59 21.79 -17.34
C PHE B 111 21.25 23.13 -16.71
N THR B 112 19.95 23.36 -16.55
CA THR B 112 19.46 24.41 -15.65
C THR B 112 19.03 23.70 -14.37
N PHE B 113 19.81 23.90 -13.31
CA PHE B 113 19.63 23.16 -12.08
C PHE B 113 18.85 23.97 -11.05
N ALA B 114 18.14 23.24 -10.18
CA ALA B 114 17.51 23.81 -9.00
C ALA B 114 17.79 22.88 -7.82
N ILE B 115 18.17 23.47 -6.69
CA ILE B 115 18.53 22.71 -5.51
C ILE B 115 17.80 23.29 -4.31
N ARG B 116 17.11 22.44 -3.56
CA ARG B 116 16.30 22.86 -2.43
C ARG B 116 16.81 22.23 -1.15
N PHE B 117 16.64 22.94 -0.05
CA PHE B 117 17.17 22.54 1.26
C PHE B 117 16.04 22.49 2.28
N GLY B 118 16.38 22.08 3.50
CA GLY B 118 15.38 21.91 4.54
C GLY B 118 14.90 23.21 5.15
N SER B 119 15.66 24.28 5.02
CA SER B 119 15.30 25.54 5.64
C SER B 119 15.93 26.68 4.86
N LYS B 120 15.38 27.89 5.07
CA LYS B 120 15.97 29.07 4.47
C LYS B 120 17.39 29.29 4.97
N GLU B 121 17.69 28.83 6.19
CA GLU B 121 19.03 28.97 6.74
C GLU B 121 20.03 28.16 5.95
N ASN B 122 19.76 26.87 5.76
CA ASN B 122 20.68 26.02 5.00
C ASN B 122 20.80 26.49 3.55
N ALA B 123 19.76 27.13 3.01
CA ALA B 123 19.86 27.67 1.67
C ALA B 123 20.79 28.87 1.62
N ASP B 124 20.70 29.76 2.61
CA ASP B 124 21.59 30.91 2.66
C ASP B 124 23.03 30.48 2.97
N LYS B 125 23.19 29.51 3.87
CA LYS B 125 24.52 28.99 4.16
C LYS B 125 25.14 28.35 2.92
N PHE B 126 24.34 27.64 2.13
CA PHE B 126 24.83 27.05 0.89
C PHE B 126 25.35 28.12 -0.06
N LYS B 127 24.58 29.20 -0.23
CA LYS B 127 24.99 30.26 -1.14
C LYS B 127 26.29 30.91 -0.67
N GLU B 128 26.46 31.04 0.64
CA GLU B 128 27.71 31.56 1.19
C GLU B 128 28.88 30.65 0.79
N GLU B 129 28.80 29.37 1.16
CA GLU B 129 29.85 28.42 0.80
C GLU B 129 30.00 28.30 -0.71
N PHE B 130 28.91 28.42 -1.46
CA PHE B 130 28.99 28.34 -2.92
C PHE B 130 29.82 29.47 -3.50
N GLU B 131 29.78 30.65 -2.88
CA GLU B 131 30.54 31.79 -3.38
C GLU B 131 31.99 31.77 -2.88
N LYS B 132 32.20 31.31 -1.64
CA LYS B 132 33.56 31.14 -1.16
C LYS B 132 34.32 30.13 -2.01
N ALA B 133 33.64 29.05 -2.42
CA ALA B 133 34.26 28.09 -3.33
C ALA B 133 34.45 28.68 -4.72
N GLN B 134 33.61 29.63 -5.10
CA GLN B 134 33.80 30.32 -6.37
C GLN B 134 35.09 31.15 -6.35
N GLU B 135 35.39 31.77 -5.21
CA GLU B 135 36.62 32.56 -5.08
C GLU B 135 37.86 31.67 -5.09
N ILE B 136 37.77 30.50 -4.45
CA ILE B 136 38.89 29.57 -4.45
C ILE B 136 39.19 29.09 -5.87
N ASN B 137 38.16 28.94 -6.69
CA ASN B 137 38.32 28.32 -8.01
C ASN B 137 38.80 29.28 -9.08
N LYS B 138 38.93 30.57 -8.78
CA LYS B 138 39.46 31.52 -9.76
C LYS B 138 40.89 31.94 -9.45
N LYS B 139 41.56 31.24 -8.53
CA LYS B 139 42.96 31.51 -8.24
C LYS B 139 43.86 30.56 -9.03
N SER C 3 9.95 -2.29 -43.32
CA SER C 3 10.21 -3.64 -43.79
C SER C 3 9.70 -4.67 -42.78
N MET C 4 9.76 -4.30 -41.50
CA MET C 4 9.33 -5.20 -40.43
C MET C 4 7.82 -5.38 -40.38
N GLU C 5 7.06 -4.53 -41.07
CA GLU C 5 5.60 -4.52 -40.95
C GLU C 5 4.92 -5.30 -42.08
N GLY C 6 5.62 -6.25 -42.68
CA GLY C 6 5.02 -7.04 -43.75
C GLY C 6 4.08 -8.12 -43.25
N ILE C 7 4.42 -8.73 -42.11
CA ILE C 7 3.61 -9.82 -41.58
C ILE C 7 2.22 -9.34 -41.18
N LEU C 8 2.05 -8.04 -40.97
CA LEU C 8 0.73 -7.48 -40.68
C LEU C 8 -0.19 -7.52 -41.89
N ASP C 9 0.34 -7.85 -43.07
CA ASP C 9 -0.45 -7.93 -44.30
C ASP C 9 -0.89 -9.39 -44.49
N PHE C 10 -2.17 -9.65 -44.26
CA PHE C 10 -2.69 -11.01 -44.33
C PHE C 10 -3.20 -11.39 -45.72
N SER C 11 -3.23 -10.44 -46.66
CA SER C 11 -3.62 -10.78 -48.03
C SER C 11 -2.61 -11.72 -48.67
N ASN C 12 -1.34 -11.55 -48.35
CA ASN C 12 -0.30 -12.46 -48.83
C ASN C 12 -0.25 -13.69 -47.94
N ASP C 13 0.68 -14.59 -48.25
CA ASP C 13 1.00 -15.69 -47.35
C ASP C 13 1.94 -15.20 -46.26
N LEU C 14 1.80 -15.77 -45.07
CA LEU C 14 2.63 -15.35 -43.96
C LEU C 14 4.05 -15.88 -44.13
N ASP C 15 5.02 -14.98 -44.19
CA ASP C 15 6.43 -15.35 -44.25
C ASP C 15 6.88 -15.74 -42.85
N ILE C 16 6.97 -17.06 -42.60
CA ILE C 16 7.31 -17.55 -41.27
C ILE C 16 8.70 -17.07 -40.87
N ALA C 17 9.67 -17.13 -41.79
CA ALA C 17 11.01 -16.67 -41.49
C ALA C 17 11.03 -15.19 -41.13
N LEU C 18 10.14 -14.39 -41.72
CA LEU C 18 10.05 -12.98 -41.36
C LEU C 18 9.40 -12.81 -39.99
N LEU C 19 8.54 -13.75 -39.58
CA LEU C 19 7.95 -13.69 -38.25
C LEU C 19 9.01 -13.88 -37.18
N ASP C 20 9.83 -14.93 -37.30
CA ASP C 20 10.88 -15.17 -36.33
C ASP C 20 11.86 -14.01 -36.25
N GLN C 21 12.07 -13.31 -37.38
CA GLN C 21 12.94 -12.14 -37.35
C GLN C 21 12.35 -11.04 -36.47
N VAL C 22 11.04 -10.81 -36.57
CA VAL C 22 10.39 -9.83 -35.71
C VAL C 22 10.38 -10.32 -34.28
N VAL C 23 10.16 -11.62 -34.07
CA VAL C 23 10.12 -12.17 -32.72
C VAL C 23 11.50 -12.09 -32.07
N SER C 24 12.53 -12.52 -32.79
CA SER C 24 13.88 -12.49 -32.22
C SER C 24 14.33 -11.07 -31.95
N THR C 25 14.04 -10.14 -32.87
CA THR C 25 14.35 -8.73 -32.62
C THR C 25 13.65 -8.21 -31.37
N PHE C 26 12.53 -8.83 -30.99
CA PHE C 26 11.81 -8.40 -29.80
C PHE C 26 12.43 -8.97 -28.53
N TYR C 27 12.67 -10.28 -28.48
CA TYR C 27 13.17 -10.90 -27.26
C TYR C 27 14.65 -10.66 -27.04
N GLN C 28 15.47 -11.01 -28.03
CA GLN C 28 16.92 -10.88 -27.91
C GLN C 28 17.44 -9.55 -28.41
N GLY C 29 16.61 -8.73 -29.05
CA GLY C 29 17.04 -7.44 -29.52
C GLY C 29 17.03 -6.40 -28.42
N SER C 30 17.15 -5.14 -28.84
CA SER C 30 17.21 -4.03 -27.89
C SER C 30 16.93 -2.73 -28.63
N GLY C 31 16.61 -1.70 -27.84
CA GLY C 31 16.53 -0.35 -28.38
C GLY C 31 15.35 -0.15 -29.30
N VAL C 32 15.58 0.64 -30.35
CA VAL C 32 14.49 1.07 -31.24
C VAL C 32 13.94 -0.12 -32.02
N GLN C 33 14.82 -1.05 -32.43
CA GLN C 33 14.35 -2.18 -33.22
C GLN C 33 13.48 -3.12 -32.39
N GLN C 34 13.85 -3.33 -31.12
CA GLN C 34 13.01 -4.14 -30.24
C GLN C 34 11.67 -3.45 -30.00
N LYS C 35 11.67 -2.13 -29.81
CA LYS C 35 10.43 -1.41 -29.58
C LYS C 35 9.53 -1.46 -30.81
N GLN C 36 10.11 -1.45 -32.01
CA GLN C 36 9.30 -1.52 -33.22
C GLN C 36 8.72 -2.92 -33.42
N ALA C 37 9.56 -3.95 -33.24
CA ALA C 37 9.06 -5.33 -33.32
C ALA C 37 7.98 -5.57 -32.28
N GLN C 38 8.09 -4.92 -31.12
CA GLN C 38 7.08 -5.07 -30.08
C GLN C 38 5.71 -4.61 -30.57
N GLU C 39 5.65 -3.39 -31.13
CA GLU C 39 4.38 -2.87 -31.63
C GLU C 39 3.85 -3.69 -32.80
N ILE C 40 4.75 -4.35 -33.55
CA ILE C 40 4.31 -5.19 -34.66
C ILE C 40 3.70 -6.49 -34.12
N LEU C 41 4.35 -7.11 -33.14
CA LEU C 41 3.84 -8.37 -32.60
C LEU C 41 2.51 -8.17 -31.88
N THR C 42 2.38 -7.07 -31.13
CA THR C 42 1.10 -6.76 -30.50
C THR C 42 0.00 -6.60 -31.55
N LYS C 43 0.32 -5.93 -32.66
CA LYS C 43 -0.69 -5.73 -33.72
C LYS C 43 -0.97 -7.03 -34.46
N PHE C 44 0.05 -7.87 -34.65
CA PHE C 44 -0.16 -9.17 -35.28
C PHE C 44 -1.06 -10.04 -34.41
N GLN C 45 -0.72 -10.15 -33.12
CA GLN C 45 -1.48 -11.00 -32.21
C GLN C 45 -2.91 -10.50 -32.03
N ASP C 46 -3.11 -9.18 -32.08
CA ASP C 46 -4.44 -8.61 -31.92
C ASP C 46 -5.28 -8.66 -33.19
N ASN C 47 -4.73 -9.16 -34.29
CA ASN C 47 -5.51 -9.32 -35.50
C ASN C 47 -6.61 -10.35 -35.26
N PRO C 48 -7.89 -10.00 -35.43
CA PRO C 48 -8.95 -11.00 -35.20
C PRO C 48 -8.89 -12.19 -36.13
N ASP C 49 -8.07 -12.14 -37.18
CA ASP C 49 -7.86 -13.28 -38.07
C ASP C 49 -6.50 -13.92 -37.89
N ALA C 50 -5.73 -13.50 -36.88
CA ALA C 50 -4.41 -14.09 -36.66
C ALA C 50 -4.51 -15.57 -36.29
N TRP C 51 -5.60 -15.97 -35.63
CA TRP C 51 -5.76 -17.37 -35.23
C TRP C 51 -5.81 -18.30 -36.43
N GLN C 52 -6.20 -17.80 -37.60
CA GLN C 52 -6.27 -18.64 -38.79
C GLN C 52 -4.88 -19.14 -39.19
N LYS C 53 -3.87 -18.30 -39.00
CA LYS C 53 -2.49 -18.63 -39.35
C LYS C 53 -1.74 -19.29 -38.20
N ALA C 54 -2.45 -19.76 -37.17
CA ALA C 54 -1.79 -20.39 -36.04
C ALA C 54 -1.34 -21.81 -36.35
N ASP C 55 -2.07 -22.52 -37.21
CA ASP C 55 -1.68 -23.89 -37.54
C ASP C 55 -0.38 -23.93 -38.34
N GLN C 56 -0.10 -22.88 -39.12
CA GLN C 56 1.14 -22.84 -39.89
C GLN C 56 2.32 -22.55 -38.99
N ILE C 57 2.22 -21.49 -38.17
CA ILE C 57 3.30 -21.13 -37.25
C ILE C 57 3.67 -22.31 -36.37
N LEU C 58 2.66 -23.02 -35.85
CA LEU C 58 2.91 -24.04 -34.86
C LEU C 58 3.61 -25.27 -35.42
N GLN C 59 3.54 -25.49 -36.73
CA GLN C 59 4.10 -26.69 -37.34
C GLN C 59 5.40 -26.43 -38.08
N PHE C 60 5.53 -25.28 -38.74
CA PHE C 60 6.66 -25.01 -39.62
C PHE C 60 7.63 -23.97 -39.09
N SER C 61 7.35 -23.37 -37.94
CA SER C 61 8.30 -22.45 -37.34
C SER C 61 9.29 -23.21 -36.47
N THR C 62 10.51 -22.68 -36.40
CA THR C 62 11.57 -23.24 -35.57
C THR C 62 11.86 -22.41 -34.33
N ASN C 63 11.09 -21.34 -34.11
CA ASN C 63 11.30 -20.45 -32.98
C ASN C 63 10.23 -20.72 -31.92
N PRO C 64 10.61 -21.17 -30.72
CA PRO C 64 9.58 -21.48 -29.71
C PRO C 64 8.80 -20.26 -29.25
N GLN C 65 9.44 -19.09 -29.20
CA GLN C 65 8.72 -17.87 -28.84
C GLN C 65 7.61 -17.55 -29.84
N SER C 66 7.82 -17.90 -31.12
CA SER C 66 6.77 -17.70 -32.11
C SER C 66 5.63 -18.68 -31.92
N LYS C 67 5.95 -19.95 -31.62
CA LYS C 67 4.91 -20.93 -31.32
C LYS C 67 4.16 -20.53 -30.05
N PHE C 68 4.88 -19.98 -29.05
CA PHE C 68 4.22 -19.51 -27.84
C PHE C 68 3.24 -18.40 -28.16
N ILE C 69 3.67 -17.43 -28.97
CA ILE C 69 2.78 -16.33 -29.35
C ILE C 69 1.58 -16.85 -30.12
N ALA C 70 1.78 -17.90 -30.93
CA ALA C 70 0.67 -18.48 -31.66
C ALA C 70 -0.36 -19.09 -30.70
N LEU C 71 0.12 -19.78 -29.66
CA LEU C 71 -0.79 -20.37 -28.69
C LEU C 71 -1.56 -19.31 -27.92
N SER C 72 -0.95 -18.14 -27.68
CA SER C 72 -1.68 -17.04 -27.06
C SER C 72 -2.81 -16.58 -27.96
N ILE C 73 -2.54 -16.44 -29.27
CA ILE C 73 -3.60 -16.09 -30.22
C ILE C 73 -4.71 -17.13 -30.17
N LEU C 74 -4.35 -18.42 -30.16
CA LEU C 74 -5.35 -19.46 -30.00
C LEU C 74 -6.10 -19.31 -28.68
N ASP C 75 -5.38 -19.01 -27.60
CA ASP C 75 -6.00 -18.91 -26.28
C ASP C 75 -7.09 -17.85 -26.28
N LYS C 76 -6.80 -16.67 -26.82
CA LYS C 76 -7.82 -15.63 -26.91
C LYS C 76 -9.02 -16.10 -27.71
N LEU C 77 -8.77 -16.89 -28.76
CA LEU C 77 -9.86 -17.40 -29.59
C LEU C 77 -10.70 -18.42 -28.82
N ILE C 78 -10.05 -19.32 -28.09
CA ILE C 78 -10.77 -20.37 -27.38
C ILE C 78 -11.59 -19.79 -26.22
N THR C 79 -11.04 -18.80 -25.52
CA THR C 79 -11.72 -18.32 -24.32
C THR C 79 -12.80 -17.28 -24.62
N ARG C 80 -12.79 -16.68 -25.80
CA ARG C 80 -13.73 -15.59 -26.10
C ARG C 80 -14.67 -15.86 -27.26
N LYS C 81 -14.25 -16.61 -28.28
CA LYS C 81 -15.08 -16.81 -29.47
C LYS C 81 -15.19 -18.28 -29.86
N TRP C 82 -14.86 -19.20 -28.96
CA TRP C 82 -14.91 -20.62 -29.27
C TRP C 82 -16.26 -21.01 -29.85
N LYS C 83 -17.36 -20.64 -29.17
CA LYS C 83 -18.68 -21.11 -29.56
C LYS C 83 -19.20 -20.46 -30.84
N LEU C 84 -18.54 -19.41 -31.32
CA LEU C 84 -18.95 -18.79 -32.58
C LEU C 84 -18.39 -19.52 -33.80
N LEU C 85 -17.32 -20.28 -33.62
CA LEU C 85 -16.69 -20.96 -34.75
C LEU C 85 -17.62 -22.00 -35.35
N PRO C 86 -17.50 -22.25 -36.66
CA PRO C 86 -18.09 -23.46 -37.22
C PRO C 86 -17.50 -24.69 -36.54
N ASN C 87 -18.29 -25.76 -36.50
CA ASN C 87 -17.90 -26.92 -35.70
C ASN C 87 -16.58 -27.52 -36.19
N ASP C 88 -16.36 -27.55 -37.50
CA ASP C 88 -15.17 -28.21 -38.03
C ASP C 88 -13.89 -27.49 -37.61
N HIS C 89 -13.95 -26.17 -37.43
CA HIS C 89 -12.80 -25.44 -36.92
C HIS C 89 -12.49 -25.84 -35.48
N ARG C 90 -13.51 -26.13 -34.67
CA ARG C 90 -13.29 -26.46 -33.27
C ARG C 90 -12.64 -27.83 -33.12
N ILE C 91 -13.12 -28.83 -33.86
CA ILE C 91 -12.44 -30.13 -33.85
C ILE C 91 -11.08 -29.99 -34.51
N GLY C 92 -10.94 -29.00 -35.39
CA GLY C 92 -9.67 -28.80 -36.07
C GLY C 92 -8.63 -28.12 -35.21
N ILE C 93 -9.07 -27.28 -34.28
CA ILE C 93 -8.13 -26.76 -33.30
C ILE C 93 -7.79 -27.84 -32.26
N ARG C 94 -8.76 -28.72 -31.97
CA ARG C 94 -8.59 -29.66 -30.87
C ARG C 94 -7.59 -30.77 -31.22
N ASN C 95 -7.78 -31.46 -32.35
CA ASN C 95 -6.80 -32.49 -32.69
C ASN C 95 -5.42 -31.86 -32.99
N PHE C 96 -5.40 -30.60 -33.48
CA PHE C 96 -4.12 -29.93 -33.71
C PHE C 96 -3.35 -29.78 -32.41
N VAL C 97 -4.04 -29.37 -31.33
CA VAL C 97 -3.38 -29.18 -30.04
C VAL C 97 -3.05 -30.53 -29.42
N VAL C 98 -4.00 -31.46 -29.44
CA VAL C 98 -3.74 -32.80 -28.91
C VAL C 98 -2.59 -33.45 -29.67
N GLY C 99 -2.56 -33.27 -30.99
CA GLY C 99 -1.51 -33.90 -31.79
C GLY C 99 -0.14 -33.32 -31.50
N MET C 100 -0.04 -32.00 -31.40
CA MET C 100 1.26 -31.39 -31.14
C MET C 100 1.82 -31.81 -29.79
N ILE C 101 0.97 -31.86 -28.76
CA ILE C 101 1.45 -32.21 -27.43
C ILE C 101 2.02 -33.63 -27.42
N ILE C 102 1.35 -34.55 -28.13
CA ILE C 102 1.88 -35.92 -28.23
C ILE C 102 3.23 -35.91 -28.93
N SER C 103 3.36 -35.12 -30.01
CA SER C 103 4.62 -35.12 -30.76
C SER C 103 5.74 -34.49 -29.96
N MET C 104 5.43 -33.44 -29.18
CA MET C 104 6.46 -32.81 -28.36
C MET C 104 6.93 -33.73 -27.25
N CYS C 105 6.06 -34.59 -26.74
CA CYS C 105 6.44 -35.51 -25.67
C CYS C 105 7.27 -36.68 -26.18
N GLN C 106 7.13 -37.04 -27.46
CA GLN C 106 7.85 -38.20 -27.99
C GLN C 106 9.30 -37.86 -28.33
N ASP C 107 9.57 -36.61 -28.72
CA ASP C 107 10.94 -36.16 -28.95
C ASP C 107 11.54 -35.76 -27.61
N ASP C 108 12.42 -36.61 -27.06
CA ASP C 108 13.03 -36.32 -25.77
C ASP C 108 13.82 -35.02 -25.80
N GLU C 109 14.38 -34.67 -26.96
CA GLU C 109 15.12 -33.42 -27.07
C GLU C 109 14.20 -32.22 -26.90
N VAL C 110 13.05 -32.25 -27.57
CA VAL C 110 12.08 -31.16 -27.44
C VAL C 110 11.46 -31.17 -26.05
N PHE C 111 11.15 -32.36 -25.53
CA PHE C 111 10.56 -32.46 -24.20
C PHE C 111 11.50 -31.93 -23.13
N LYS C 112 12.81 -32.03 -23.36
CA LYS C 112 13.80 -31.53 -22.41
C LYS C 112 14.09 -30.04 -22.59
N THR C 113 13.96 -29.53 -23.80
CA THR C 113 14.48 -28.20 -24.15
C THR C 113 13.40 -27.12 -24.24
N GLN C 114 12.14 -27.48 -24.37
N GLN C 114 12.13 -27.49 -24.38
CA GLN C 114 11.07 -26.52 -24.61
CA GLN C 114 11.06 -26.51 -24.60
C GLN C 114 9.96 -26.69 -23.58
C GLN C 114 9.95 -26.72 -23.57
N LYS C 115 10.33 -26.63 -22.30
CA LYS C 115 9.34 -26.76 -21.23
C LYS C 115 8.33 -25.62 -21.27
N ASN C 116 8.79 -24.42 -21.62
CA ASN C 116 7.87 -23.27 -21.69
C ASN C 116 6.81 -23.49 -22.76
N LEU C 117 7.22 -23.97 -23.92
CA LEU C 117 6.26 -24.18 -25.01
C LEU C 117 5.30 -25.32 -24.69
N ILE C 118 5.79 -26.38 -24.02
CA ILE C 118 4.93 -27.51 -23.69
C ILE C 118 3.88 -27.08 -22.66
N ASN C 119 4.31 -26.38 -21.61
CA ASN C 119 3.36 -25.91 -20.60
C ASN C 119 2.36 -24.94 -21.21
N LYS C 120 2.80 -24.10 -22.15
CA LYS C 120 1.87 -23.23 -22.85
C LYS C 120 0.87 -24.02 -23.67
N SER C 121 1.31 -25.15 -24.24
CA SER C 121 0.38 -26.01 -24.99
C SER C 121 -0.59 -26.71 -24.06
N ASP C 122 -0.11 -27.13 -22.89
CA ASP C 122 -0.98 -27.79 -21.91
C ASP C 122 -2.07 -26.84 -21.42
N LEU C 123 -1.68 -25.60 -21.08
CA LEU C 123 -2.68 -24.62 -20.65
C LEU C 123 -3.68 -24.35 -21.77
N THR C 124 -3.21 -24.30 -23.02
CA THR C 124 -4.13 -24.13 -24.14
C THR C 124 -5.07 -25.31 -24.26
N LEU C 125 -4.57 -26.53 -24.03
CA LEU C 125 -5.44 -27.69 -24.01
C LEU C 125 -6.49 -27.57 -22.92
N VAL C 126 -6.09 -27.08 -21.75
CA VAL C 126 -7.03 -26.96 -20.64
C VAL C 126 -8.14 -25.98 -20.98
N GLN C 127 -7.81 -24.91 -21.71
CA GLN C 127 -8.84 -23.98 -22.14
C GLN C 127 -9.88 -24.68 -23.03
N ILE C 128 -9.42 -25.62 -23.86
CA ILE C 128 -10.35 -26.39 -24.69
C ILE C 128 -11.21 -27.28 -23.81
N LEU C 129 -10.59 -27.97 -22.85
CA LEU C 129 -11.35 -28.81 -21.93
C LEU C 129 -12.43 -28.04 -21.21
N LYS C 130 -12.15 -26.79 -20.82
CA LYS C 130 -13.16 -25.97 -20.16
C LYS C 130 -14.34 -25.68 -21.07
N GLN C 131 -14.15 -25.74 -22.39
CA GLN C 131 -15.25 -25.53 -23.32
C GLN C 131 -15.94 -26.84 -23.71
N GLU C 132 -15.17 -27.92 -23.83
CA GLU C 132 -15.65 -29.14 -24.46
C GLU C 132 -15.81 -30.32 -23.50
N TRP C 133 -15.26 -30.23 -22.29
CA TRP C 133 -15.21 -31.44 -21.48
C TRP C 133 -16.14 -31.32 -20.27
N PRO C 134 -16.87 -32.40 -19.91
CA PRO C 134 -16.87 -33.71 -20.54
C PRO C 134 -18.02 -33.96 -21.53
N GLN C 135 -18.90 -32.98 -21.75
CA GLN C 135 -20.08 -33.21 -22.56
C GLN C 135 -19.74 -33.52 -24.00
N ASN C 136 -18.67 -32.93 -24.53
CA ASN C 136 -18.21 -33.21 -25.89
C ASN C 136 -16.87 -33.92 -25.91
N TRP C 137 -16.52 -34.62 -24.82
CA TRP C 137 -15.25 -35.33 -24.73
C TRP C 137 -15.27 -36.27 -23.52
N PRO C 138 -16.22 -37.21 -23.44
CA PRO C 138 -16.34 -38.01 -22.21
C PRO C 138 -15.18 -38.96 -21.97
N GLU C 139 -14.31 -39.16 -22.95
CA GLU C 139 -13.24 -40.15 -22.84
C GLU C 139 -11.88 -39.54 -22.51
N PHE C 140 -11.84 -38.24 -22.20
CA PHE C 140 -10.56 -37.57 -21.99
C PHE C 140 -9.78 -38.21 -20.84
N ILE C 141 -10.40 -38.28 -19.66
CA ILE C 141 -9.72 -38.89 -18.51
C ILE C 141 -9.36 -40.35 -18.77
N PRO C 142 -10.24 -41.20 -19.32
CA PRO C 142 -9.81 -42.57 -19.64
C PRO C 142 -8.66 -42.63 -20.64
N GLU C 143 -8.71 -41.84 -21.71
CA GLU C 143 -7.63 -41.88 -22.69
C GLU C 143 -6.35 -41.27 -22.13
N LEU C 144 -6.46 -40.33 -21.19
CA LEU C 144 -5.27 -39.80 -20.54
C LEU C 144 -4.58 -40.85 -19.69
N ILE C 145 -5.36 -41.61 -18.91
CA ILE C 145 -4.79 -42.67 -18.10
C ILE C 145 -4.21 -43.77 -18.98
N GLY C 146 -4.82 -44.02 -20.14
CA GLY C 146 -4.29 -45.01 -21.05
C GLY C 146 -2.93 -44.63 -21.59
N SER C 147 -2.82 -43.43 -22.18
CA SER C 147 -1.56 -43.00 -22.77
C SER C 147 -0.47 -42.78 -21.73
N SER C 148 -0.82 -42.67 -20.45
CA SER C 148 0.19 -42.42 -19.42
C SER C 148 1.15 -43.60 -19.31
N SER C 149 0.64 -44.83 -19.34
CA SER C 149 1.49 -46.01 -19.20
C SER C 149 2.35 -46.27 -20.43
N SER C 150 2.08 -45.57 -21.54
CA SER C 150 2.88 -45.79 -22.75
C SER C 150 4.26 -45.17 -22.62
N SER C 151 4.33 -43.87 -22.30
CA SER C 151 5.58 -43.16 -22.19
C SER C 151 5.65 -42.44 -20.86
N VAL C 152 6.84 -42.45 -20.25
CA VAL C 152 7.06 -41.68 -19.02
C VAL C 152 6.91 -40.19 -19.29
N ASN C 153 7.37 -39.75 -20.46
CA ASN C 153 7.32 -38.32 -20.80
C ASN C 153 5.88 -37.82 -20.92
N VAL C 154 5.02 -38.58 -21.61
CA VAL C 154 3.63 -38.15 -21.74
C VAL C 154 2.91 -38.30 -20.40
N CYS C 155 3.31 -39.29 -19.59
CA CYS C 155 2.71 -39.45 -18.27
C CYS C 155 3.05 -38.26 -17.38
N GLU C 156 4.31 -37.83 -17.39
CA GLU C 156 4.69 -36.63 -16.64
C GLU C 156 3.93 -35.42 -17.14
N ASN C 157 3.75 -35.31 -18.46
CA ASN C 157 3.02 -34.17 -19.00
C ASN C 157 1.55 -34.24 -18.64
N ASN C 158 0.98 -35.45 -18.59
CA ASN C 158 -0.41 -35.60 -18.15
C ASN C 158 -0.60 -35.06 -16.74
N MET C 159 0.40 -35.24 -15.88
CA MET C 159 0.34 -34.66 -14.53
C MET C 159 0.32 -33.15 -14.59
N ILE C 160 1.04 -32.56 -15.54
CA ILE C 160 1.01 -31.11 -15.71
C ILE C 160 -0.36 -30.65 -16.17
N VAL C 161 -0.97 -31.40 -17.09
CA VAL C 161 -2.30 -31.05 -17.59
C VAL C 161 -3.34 -31.15 -16.48
N LEU C 162 -3.29 -32.23 -15.70
CA LEU C 162 -4.24 -32.37 -14.61
C LEU C 162 -4.04 -31.28 -13.54
N LYS C 163 -2.79 -30.92 -13.28
CA LYS C 163 -2.52 -29.83 -12.35
C LYS C 163 -3.18 -28.55 -12.81
N LEU C 164 -2.92 -28.14 -14.05
CA LEU C 164 -3.52 -26.93 -14.59
C LEU C 164 -5.04 -27.02 -14.62
N LEU C 165 -5.58 -28.20 -14.96
CA LEU C 165 -7.03 -28.37 -14.95
C LEU C 165 -7.61 -28.12 -13.57
N SER C 166 -7.00 -28.73 -12.55
CA SER C 166 -7.49 -28.55 -11.19
C SER C 166 -7.44 -27.08 -10.77
N GLU C 167 -6.40 -26.36 -11.17
CA GLU C 167 -6.30 -24.95 -10.85
C GLU C 167 -7.42 -24.15 -11.51
N GLU C 168 -7.66 -24.40 -12.79
CA GLU C 168 -8.69 -23.65 -13.52
C GLU C 168 -10.08 -23.94 -12.98
N VAL C 169 -10.33 -25.17 -12.53
CA VAL C 169 -11.67 -25.56 -12.10
C VAL C 169 -11.95 -25.11 -10.68
N PHE C 170 -10.99 -25.30 -9.76
CA PHE C 170 -11.23 -25.08 -8.34
C PHE C 170 -10.57 -23.82 -7.78
N ASP C 171 -9.41 -23.42 -8.28
CA ASP C 171 -8.67 -22.31 -7.66
C ASP C 171 -8.91 -20.96 -8.32
N PHE C 172 -9.25 -20.93 -9.62
CA PHE C 172 -9.35 -19.66 -10.33
C PHE C 172 -10.64 -19.54 -11.12
N SER C 173 -11.67 -20.32 -10.78
CA SER C 173 -12.92 -20.28 -11.52
C SER C 173 -13.86 -19.18 -11.02
N ALA C 174 -13.73 -18.80 -9.75
CA ALA C 174 -14.70 -17.89 -9.13
C ALA C 174 -14.87 -16.62 -9.94
N GLU C 175 -13.77 -16.03 -10.41
CA GLU C 175 -13.85 -14.77 -11.15
C GLU C 175 -14.03 -14.95 -12.64
N GLN C 176 -13.75 -16.14 -13.18
CA GLN C 176 -13.54 -16.30 -14.61
C GLN C 176 -14.64 -17.06 -15.33
N MET C 177 -15.54 -17.74 -14.62
CA MET C 177 -16.65 -18.43 -15.25
C MET C 177 -17.90 -18.26 -14.41
N THR C 178 -19.05 -18.57 -15.02
CA THR C 178 -20.32 -18.43 -14.32
C THR C 178 -20.44 -19.47 -13.23
N GLN C 179 -21.32 -19.20 -12.26
CA GLN C 179 -21.55 -20.13 -11.16
C GLN C 179 -21.96 -21.50 -11.68
N ALA C 180 -22.85 -21.55 -12.68
CA ALA C 180 -23.27 -22.82 -13.23
C ALA C 180 -22.11 -23.53 -13.91
N LYS C 181 -21.34 -22.81 -14.72
CA LYS C 181 -20.22 -23.40 -15.45
C LYS C 181 -19.15 -23.90 -14.48
N ALA C 182 -18.90 -23.16 -13.40
CA ALA C 182 -17.94 -23.61 -12.41
C ALA C 182 -18.40 -24.91 -11.75
N LEU C 183 -19.65 -24.94 -11.29
CA LEU C 183 -20.17 -26.13 -10.62
C LEU C 183 -20.17 -27.34 -11.55
N HIS C 184 -20.54 -27.13 -12.81
CA HIS C 184 -20.52 -28.22 -13.79
C HIS C 184 -19.14 -28.86 -13.89
N LEU C 185 -18.08 -28.03 -13.93
CA LEU C 185 -16.74 -28.58 -14.08
C LEU C 185 -16.25 -29.22 -12.77
N LYS C 186 -16.56 -28.61 -11.63
CA LYS C 186 -16.19 -29.21 -10.35
C LYS C 186 -16.82 -30.58 -10.18
N ASN C 187 -18.10 -30.71 -10.49
CA ASN C 187 -18.75 -32.02 -10.44
C ASN C 187 -18.13 -32.99 -11.44
N SER C 188 -17.76 -32.49 -12.61
CA SER C 188 -17.15 -33.36 -13.62
C SER C 188 -15.79 -33.86 -13.17
N MET C 189 -14.96 -32.98 -12.59
CA MET C 189 -13.69 -33.44 -12.04
C MET C 189 -13.92 -34.35 -10.85
N SER C 190 -14.90 -34.02 -10.00
CA SER C 190 -15.17 -34.85 -8.84
C SER C 190 -15.69 -36.23 -9.22
N LYS C 191 -16.44 -36.33 -10.32
CA LYS C 191 -17.03 -37.61 -10.70
C LYS C 191 -15.99 -38.60 -11.22
N GLU C 192 -14.84 -38.11 -11.70
CA GLU C 192 -13.81 -38.96 -12.27
C GLU C 192 -12.50 -38.91 -11.51
N PHE C 193 -12.50 -38.40 -10.27
CA PHE C 193 -11.25 -38.28 -9.55
C PHE C 193 -10.71 -39.64 -9.13
N GLU C 194 -11.60 -40.62 -8.88
CA GLU C 194 -11.16 -41.94 -8.44
C GLU C 194 -10.11 -42.52 -9.38
N GLN C 195 -10.37 -42.46 -10.69
CA GLN C 195 -9.40 -42.94 -11.66
C GLN C 195 -8.15 -42.05 -11.68
N ILE C 196 -8.33 -40.74 -11.49
CA ILE C 196 -7.18 -39.84 -11.50
C ILE C 196 -6.28 -40.12 -10.30
N PHE C 197 -6.86 -40.28 -9.12
CA PHE C 197 -6.05 -40.55 -7.94
C PHE C 197 -5.34 -41.90 -8.05
N LYS C 198 -6.01 -42.88 -8.67
CA LYS C 198 -5.39 -44.19 -8.85
C LYS C 198 -4.11 -44.09 -9.66
N LEU C 199 -4.15 -43.36 -10.78
CA LEU C 199 -2.95 -43.11 -11.56
C LEU C 199 -1.90 -42.35 -10.74
N CYS C 200 -2.35 -41.35 -9.97
CA CYS C 200 -1.42 -40.55 -9.18
CA CYS C 200 -1.40 -40.56 -9.19
C CYS C 200 -0.73 -41.39 -8.11
N PHE C 201 -1.51 -42.21 -7.40
CA PHE C 201 -0.94 -43.02 -6.33
C PHE C 201 -0.02 -44.10 -6.88
N GLN C 202 -0.39 -44.69 -8.02
CA GLN C 202 0.48 -45.70 -8.63
C GLN C 202 1.83 -45.11 -9.01
N VAL C 203 1.81 -43.96 -9.69
CA VAL C 203 3.06 -43.29 -10.07
C VAL C 203 3.90 -43.00 -8.84
N LEU C 204 3.27 -42.54 -7.76
CA LEU C 204 4.03 -42.18 -6.56
C LEU C 204 4.71 -43.40 -5.94
N GLU C 205 4.01 -44.54 -5.91
CA GLU C 205 4.51 -45.72 -5.21
C GLU C 205 5.52 -46.52 -6.02
N GLN C 206 5.43 -46.51 -7.34
CA GLN C 206 6.27 -47.34 -8.19
C GLN C 206 7.58 -46.66 -8.58
N GLY C 207 7.82 -45.43 -8.13
CA GLY C 207 8.95 -44.67 -8.62
C GLY C 207 8.83 -44.40 -10.12
N SER C 208 9.95 -44.03 -10.73
CA SER C 208 11.22 -43.83 -10.05
C SER C 208 11.90 -42.59 -10.65
N SER C 209 11.25 -42.02 -11.67
CA SER C 209 11.74 -40.82 -12.32
C SER C 209 11.42 -39.61 -11.45
N SER C 210 12.46 -38.87 -11.05
N SER C 210 12.44 -38.85 -11.07
CA SER C 210 12.28 -37.70 -10.21
CA SER C 210 12.20 -37.72 -10.16
C SER C 210 11.38 -36.67 -10.88
C SER C 210 11.39 -36.61 -10.86
N SER C 211 11.66 -36.36 -12.14
CA SER C 211 10.86 -35.37 -12.86
C SER C 211 9.39 -35.79 -12.94
N LEU C 212 9.13 -37.10 -13.06
CA LEU C 212 7.75 -37.58 -13.04
C LEU C 212 7.16 -37.54 -11.64
N ILE C 213 7.96 -37.90 -10.62
CA ILE C 213 7.46 -37.90 -9.25
C ILE C 213 7.12 -36.48 -8.81
N VAL C 214 8.01 -35.52 -9.09
CA VAL C 214 7.78 -34.15 -8.68
C VAL C 214 6.53 -33.58 -9.33
N ALA C 215 6.35 -33.81 -10.64
CA ALA C 215 5.17 -33.32 -11.33
C ALA C 215 3.90 -33.95 -10.78
N THR C 216 3.99 -35.20 -10.31
CA THR C 216 2.84 -35.84 -9.70
C THR C 216 2.52 -35.23 -8.34
N LEU C 217 3.57 -34.94 -7.55
CA LEU C 217 3.34 -34.30 -6.26
C LEU C 217 2.83 -32.88 -6.44
N GLU C 218 3.32 -32.18 -7.48
N GLU C 218 3.33 -32.18 -7.47
CA GLU C 218 2.82 -30.84 -7.74
CA GLU C 218 2.83 -30.83 -7.75
C GLU C 218 1.34 -30.83 -8.08
C GLU C 218 1.33 -30.86 -8.02
N SER C 219 0.85 -31.89 -8.73
CA SER C 219 -0.59 -32.00 -8.99
C SER C 219 -1.34 -32.39 -7.73
N LEU C 220 -0.75 -33.24 -6.90
CA LEU C 220 -1.38 -33.63 -5.64
C LEU C 220 -1.59 -32.42 -4.74
N LEU C 221 -0.65 -31.46 -4.75
CA LEU C 221 -0.82 -30.25 -3.97
C LEU C 221 -2.12 -29.54 -4.34
N ARG C 222 -2.46 -29.51 -5.63
CA ARG C 222 -3.68 -28.86 -6.06
C ARG C 222 -4.91 -29.68 -5.68
N TYR C 223 -4.81 -31.00 -5.73
CA TYR C 223 -5.96 -31.85 -5.39
C TYR C 223 -6.38 -31.62 -3.95
N LEU C 224 -5.41 -31.40 -3.05
CA LEU C 224 -5.71 -31.31 -1.63
C LEU C 224 -6.55 -30.09 -1.28
N HIS C 225 -6.65 -29.11 -2.18
CA HIS C 225 -7.53 -27.97 -1.95
C HIS C 225 -9.00 -28.37 -1.88
N TRP C 226 -9.38 -29.51 -2.46
CA TRP C 226 -10.80 -29.81 -2.63
C TRP C 226 -11.19 -31.28 -2.49
N ILE C 227 -10.29 -32.24 -2.64
CA ILE C 227 -10.68 -33.65 -2.66
C ILE C 227 -11.12 -34.09 -1.26
N PRO C 228 -12.04 -35.06 -1.14
CA PRO C 228 -12.44 -35.52 0.18
C PRO C 228 -11.28 -36.19 0.90
N TYR C 229 -11.36 -36.17 2.23
CA TYR C 229 -10.23 -36.60 3.05
C TYR C 229 -9.96 -38.09 2.94
N ARG C 230 -10.94 -38.90 2.52
CA ARG C 230 -10.75 -40.34 2.49
C ARG C 230 -9.58 -40.74 1.59
N TYR C 231 -9.38 -40.02 0.50
CA TYR C 231 -8.25 -40.31 -0.38
C TYR C 231 -6.91 -40.17 0.33
N ILE C 232 -6.84 -39.38 1.41
CA ILE C 232 -5.59 -39.13 2.10
C ILE C 232 -5.41 -40.06 3.30
N TYR C 233 -6.49 -40.32 4.04
CA TYR C 233 -6.39 -41.11 5.26
C TYR C 233 -6.71 -42.59 5.07
N GLU C 234 -7.45 -42.96 4.02
CA GLU C 234 -7.79 -44.35 3.79
C GLU C 234 -6.88 -45.02 2.76
N THR C 235 -5.79 -44.35 2.37
CA THR C 235 -4.76 -45.01 1.57
C THR C 235 -3.45 -45.00 2.35
N ASN C 236 -2.34 -45.23 1.67
CA ASN C 236 -1.03 -45.21 2.29
C ASN C 236 -0.26 -43.94 1.93
N ILE C 237 -0.93 -42.94 1.37
CA ILE C 237 -0.21 -41.83 0.76
C ILE C 237 0.43 -40.94 1.82
N LEU C 238 -0.15 -40.85 3.02
CA LEU C 238 0.51 -40.12 4.10
C LEU C 238 1.85 -40.73 4.45
N GLU C 239 1.92 -42.07 4.43
CA GLU C 239 3.18 -42.74 4.74
C GLU C 239 4.25 -42.41 3.71
N LEU C 240 3.88 -42.37 2.43
CA LEU C 240 4.85 -42.07 1.39
C LEU C 240 5.32 -40.63 1.47
N LEU C 241 4.41 -39.70 1.77
CA LEU C 241 4.78 -38.29 1.85
C LEU C 241 5.69 -38.04 3.04
N SER C 242 5.33 -38.56 4.22
CA SER C 242 6.05 -38.24 5.43
C SER C 242 7.35 -39.02 5.60
N THR C 243 7.66 -39.97 4.73
CA THR C 243 8.90 -40.72 4.86
C THR C 243 9.70 -40.72 3.57
N LYS C 244 9.20 -41.45 2.56
CA LYS C 244 9.94 -41.63 1.31
C LYS C 244 10.30 -40.29 0.68
N PHE C 245 9.32 -39.43 0.46
CA PHE C 245 9.53 -38.21 -0.32
C PHE C 245 10.15 -37.08 0.48
N MET C 246 10.28 -37.21 1.81
CA MET C 246 11.01 -36.21 2.59
C MET C 246 12.51 -36.43 2.57
N THR C 247 12.97 -37.62 2.18
CA THR C 247 14.41 -37.92 2.21
C THR C 247 15.15 -37.30 1.03
N SER C 248 14.55 -37.34 -0.17
CA SER C 248 15.21 -36.78 -1.35
C SER C 248 14.90 -35.30 -1.48
N PRO C 249 15.91 -34.44 -1.67
CA PRO C 249 15.64 -33.00 -1.75
C PRO C 249 14.82 -32.59 -2.95
N ASP C 250 14.81 -33.38 -4.03
CA ASP C 250 14.01 -33.02 -5.19
C ASP C 250 12.52 -33.02 -4.87
N THR C 251 12.06 -33.99 -4.07
CA THR C 251 10.67 -34.08 -3.69
C THR C 251 10.37 -33.46 -2.34
N ARG C 252 11.39 -33.06 -1.58
CA ARG C 252 11.17 -32.60 -0.21
C ARG C 252 10.37 -31.30 -0.19
N ALA C 253 10.69 -30.35 -1.06
CA ALA C 253 10.00 -29.06 -1.05
C ALA C 253 8.51 -29.22 -1.34
N ILE C 254 8.17 -29.94 -2.40
CA ILE C 254 6.76 -30.08 -2.77
C ILE C 254 6.03 -30.95 -1.75
N THR C 255 6.71 -31.97 -1.20
CA THR C 255 6.06 -32.84 -0.23
C THR C 255 5.69 -32.06 1.03
N LEU C 256 6.59 -31.19 1.48
CA LEU C 256 6.32 -30.38 2.67
C LEU C 256 5.11 -29.49 2.45
N LYS C 257 4.94 -28.97 1.23
CA LYS C 257 3.77 -28.15 0.94
C LYS C 257 2.49 -28.98 0.92
N CYS C 258 2.57 -30.22 0.41
CA CYS C 258 1.41 -31.11 0.45
C CYS C 258 1.00 -31.41 1.89
N LEU C 259 1.98 -31.73 2.74
CA LEU C 259 1.67 -32.04 4.13
C LEU C 259 1.10 -30.83 4.86
N THR C 260 1.57 -29.63 4.52
CA THR C 260 0.94 -28.42 5.06
C THR C 260 -0.54 -28.39 4.71
N GLU C 261 -0.87 -28.65 3.45
CA GLU C 261 -2.28 -28.68 3.05
C GLU C 261 -3.03 -29.84 3.68
N VAL C 262 -2.36 -30.97 3.92
CA VAL C 262 -3.01 -32.09 4.61
C VAL C 262 -3.43 -31.67 6.00
N SER C 263 -2.61 -30.88 6.68
CA SER C 263 -2.96 -30.36 8.00
C SER C 263 -4.17 -29.44 7.97
N ASN C 264 -4.73 -29.12 6.79
CA ASN C 264 -5.93 -28.29 6.68
C ASN C 264 -7.11 -29.03 6.05
N LEU C 265 -7.00 -30.33 5.85
CA LEU C 265 -8.13 -31.11 5.34
C LEU C 265 -9.25 -31.10 6.37
N LYS C 266 -10.49 -31.16 5.87
CA LYS C 266 -11.67 -31.25 6.72
C LYS C 266 -11.81 -32.69 7.18
N ILE C 267 -11.38 -32.98 8.41
CA ILE C 267 -11.36 -34.34 8.92
C ILE C 267 -12.40 -34.48 10.02
N PRO C 268 -12.86 -35.69 10.34
CA PRO C 268 -13.73 -35.86 11.52
C PRO C 268 -12.92 -35.88 12.81
N GLN C 269 -13.44 -35.21 13.82
CA GLN C 269 -12.72 -34.96 15.06
C GLN C 269 -12.98 -36.00 16.14
N ASP C 270 -13.74 -37.06 15.83
CA ASP C 270 -14.11 -38.04 16.84
C ASP C 270 -13.59 -39.44 16.56
N ASN C 271 -12.97 -39.69 15.41
CA ASN C 271 -12.41 -41.00 15.10
C ASN C 271 -10.97 -41.06 15.56
N ASP C 272 -10.66 -42.01 16.45
CA ASP C 272 -9.34 -42.10 17.03
C ASP C 272 -8.30 -42.66 16.06
N LEU C 273 -8.73 -43.30 14.98
CA LEU C 273 -7.77 -43.81 13.99
C LEU C 273 -7.24 -42.68 13.13
N ILE C 274 -8.11 -41.74 12.72
CA ILE C 274 -7.65 -40.56 12.00
C ILE C 274 -6.71 -39.75 12.87
N LYS C 275 -6.99 -39.69 14.18
CA LYS C 275 -6.11 -39.00 15.11
C LYS C 275 -4.71 -39.62 15.09
N ARG C 276 -4.63 -40.95 15.11
CA ARG C 276 -3.34 -41.62 15.07
C ARG C 276 -2.63 -41.37 13.74
N GLN C 277 -3.38 -41.37 12.63
CA GLN C 277 -2.77 -41.07 11.35
C GLN C 277 -2.25 -39.65 11.29
N THR C 278 -2.91 -38.71 11.96
CA THR C 278 -2.46 -37.32 11.98
C THR C 278 -1.20 -37.16 12.82
N VAL C 279 -1.14 -37.86 13.95
CA VAL C 279 0.10 -37.90 14.74
C VAL C 279 1.21 -38.55 13.93
N LEU C 280 0.90 -39.64 13.23
CA LEU C 280 1.93 -40.47 12.62
C LEU C 280 2.70 -39.73 11.53
N PHE C 281 1.99 -39.04 10.63
CA PHE C 281 2.72 -38.37 9.56
C PHE C 281 3.50 -37.16 10.07
N PHE C 282 3.08 -36.56 11.20
CA PHE C 282 3.89 -35.52 11.81
C PHE C 282 5.16 -36.10 12.43
N GLN C 283 5.04 -37.25 13.09
CA GLN C 283 6.19 -37.90 13.70
C GLN C 283 7.20 -38.35 12.64
N ASN C 284 6.71 -38.92 11.53
CA ASN C 284 7.61 -39.30 10.45
C ASN C 284 8.28 -38.08 9.84
N THR C 285 7.53 -37.00 9.61
CA THR C 285 8.09 -35.82 8.99
C THR C 285 9.19 -35.20 9.86
N LEU C 286 8.94 -35.11 11.16
CA LEU C 286 9.96 -34.58 12.07
C LEU C 286 11.16 -35.51 12.17
N GLN C 287 10.93 -36.83 12.10
CA GLN C 287 12.02 -37.79 12.09
C GLN C 287 12.92 -37.59 10.87
N GLN C 288 12.30 -37.45 9.68
CA GLN C 288 13.08 -37.30 8.46
C GLN C 288 13.89 -35.99 8.47
N ILE C 289 13.31 -34.93 9.01
CA ILE C 289 14.05 -33.67 9.11
C ILE C 289 15.24 -33.81 10.03
N ALA C 290 15.04 -34.47 11.17
CA ALA C 290 16.10 -34.61 12.15
C ALA C 290 17.26 -35.45 11.61
N THR C 291 16.95 -36.49 10.83
CA THR C 291 18.00 -37.38 10.35
C THR C 291 18.53 -37.01 8.98
N SER C 292 17.74 -36.33 8.14
CA SER C 292 18.17 -36.07 6.77
C SER C 292 18.48 -34.61 6.47
N VAL C 293 18.00 -33.66 7.26
CA VAL C 293 18.20 -32.25 6.91
C VAL C 293 19.10 -31.56 7.93
N MET C 294 18.63 -31.44 9.17
CA MET C 294 19.47 -30.88 10.23
C MET C 294 18.86 -31.26 11.57
N PRO C 295 19.68 -31.42 12.61
CA PRO C 295 19.14 -31.74 13.93
C PRO C 295 18.53 -30.50 14.60
N VAL C 296 17.79 -30.76 15.68
CA VAL C 296 17.06 -29.72 16.37
C VAL C 296 17.99 -28.64 16.91
N THR C 297 19.26 -28.98 17.15
CA THR C 297 20.20 -28.01 17.69
C THR C 297 20.81 -27.11 16.62
N ALA C 298 20.52 -27.34 15.34
CA ALA C 298 21.21 -26.61 14.28
C ALA C 298 20.89 -25.12 14.35
N ASP C 299 21.88 -24.31 13.98
CA ASP C 299 21.75 -22.86 13.98
C ASP C 299 21.05 -22.46 12.68
N LEU C 300 19.72 -22.42 12.73
CA LEU C 300 18.95 -22.09 11.53
C LEU C 300 19.15 -20.63 11.13
N LYS C 301 19.40 -19.75 12.09
CA LYS C 301 19.68 -18.35 11.76
C LYS C 301 20.89 -18.24 10.84
N ALA C 302 21.94 -19.02 11.11
CA ALA C 302 23.14 -18.98 10.28
C ALA C 302 22.89 -19.66 8.93
N THR C 303 22.18 -20.79 8.94
CA THR C 303 21.84 -21.46 7.69
C THR C 303 21.06 -20.53 6.77
N TYR C 304 20.00 -19.89 7.30
CA TYR C 304 19.20 -19.00 6.48
C TYR C 304 20.04 -17.84 5.94
N ALA C 305 20.96 -17.30 6.75
CA ALA C 305 21.78 -16.19 6.30
C ALA C 305 22.77 -16.60 5.22
N ASN C 306 23.27 -17.85 5.26
CA ASN C 306 24.19 -18.30 4.22
C ASN C 306 23.50 -18.39 2.86
N ALA C 307 22.20 -18.71 2.85
CA ALA C 307 21.37 -18.68 1.64
C ALA C 307 21.88 -19.64 0.57
N ASN C 308 22.28 -20.84 0.99
CA ASN C 308 22.72 -21.86 0.05
C ASN C 308 21.51 -22.54 -0.59
N GLY C 309 21.57 -22.71 -1.91
CA GLY C 309 20.56 -23.44 -2.65
C GLY C 309 19.13 -23.02 -2.36
N ASN C 310 18.34 -23.92 -1.80
CA ASN C 310 16.95 -23.65 -1.46
C ASN C 310 16.73 -23.64 0.05
N ASP C 311 17.78 -23.40 0.83
CA ASP C 311 17.64 -23.45 2.28
C ASP C 311 16.60 -22.44 2.78
N GLN C 312 16.62 -21.23 2.22
CA GLN C 312 15.67 -20.21 2.68
C GLN C 312 14.23 -20.63 2.36
N SER C 313 13.99 -21.14 1.16
CA SER C 313 12.66 -21.66 0.84
C SER C 313 12.27 -22.81 1.75
N PHE C 314 13.22 -23.69 2.06
CA PHE C 314 12.91 -24.83 2.91
C PHE C 314 12.56 -24.37 4.32
N LEU C 315 13.37 -23.48 4.89
CA LEU C 315 13.11 -23.02 6.25
C LEU C 315 11.81 -22.23 6.33
N GLN C 316 11.49 -21.47 5.28
CA GLN C 316 10.17 -20.84 5.21
C GLN C 316 9.06 -21.89 5.19
N ASP C 317 9.20 -22.89 4.33
CA ASP C 317 8.18 -23.94 4.24
C ASP C 317 8.09 -24.77 5.51
N LEU C 318 9.21 -24.98 6.20
CA LEU C 318 9.15 -25.72 7.45
C LEU C 318 8.41 -24.92 8.52
N ALA C 319 8.63 -23.61 8.57
CA ALA C 319 7.90 -22.77 9.51
C ALA C 319 6.40 -22.80 9.22
N MET C 320 6.03 -22.79 7.94
CA MET C 320 4.61 -22.86 7.59
C MET C 320 4.03 -24.21 8.00
N PHE C 321 4.75 -25.31 7.72
CA PHE C 321 4.25 -26.62 8.07
C PHE C 321 4.09 -26.78 9.59
N LEU C 322 5.13 -26.41 10.35
CA LEU C 322 5.07 -26.57 11.80
C LEU C 322 3.95 -25.72 12.40
N THR C 323 3.91 -24.43 12.05
CA THR C 323 2.90 -23.55 12.63
C THR C 323 1.49 -24.01 12.25
N THR C 324 1.28 -24.39 10.98
CA THR C 324 -0.04 -24.84 10.55
C THR C 324 -0.48 -26.09 11.31
N TYR C 325 0.39 -27.10 11.39
CA TYR C 325 0.00 -28.34 12.04
C TYR C 325 -0.23 -28.15 13.52
N LEU C 326 0.66 -27.42 14.19
CA LEU C 326 0.58 -27.29 15.64
C LEU C 326 -0.59 -26.40 16.06
N ALA C 327 -0.94 -25.40 15.26
CA ALA C 327 -2.10 -24.58 15.59
C ALA C 327 -3.39 -25.39 15.55
N ARG C 328 -3.44 -26.46 14.77
N ARG C 328 -3.40 -26.49 14.80
CA ARG C 328 -4.63 -27.29 14.70
CA ARG C 328 -4.60 -27.30 14.59
C ARG C 328 -4.55 -28.53 15.58
C ARG C 328 -4.58 -28.65 15.31
N ASN C 329 -3.40 -29.18 15.64
CA ASN C 329 -3.31 -30.54 16.20
C ASN C 329 -2.41 -30.68 17.42
N ARG C 330 -1.87 -29.60 17.98
CA ARG C 330 -0.93 -29.79 19.07
C ARG C 330 -1.56 -30.46 20.29
N ALA C 331 -2.89 -30.36 20.45
CA ALA C 331 -3.55 -31.04 21.55
C ALA C 331 -3.40 -32.56 21.43
N LEU C 332 -3.27 -33.08 20.20
CA LEU C 332 -3.05 -34.52 20.01
C LEU C 332 -1.73 -34.99 20.59
N LEU C 333 -0.81 -34.07 20.89
CA LEU C 333 0.51 -34.43 21.39
C LEU C 333 0.71 -34.09 22.86
N GLU C 334 -0.29 -33.48 23.52
CA GLU C 334 -0.07 -32.93 24.85
C GLU C 334 -0.44 -33.87 25.98
N SER C 335 -1.26 -34.88 25.73
CA SER C 335 -1.70 -35.80 26.77
C SER C 335 -0.91 -37.09 26.80
N ASP C 336 -0.58 -37.65 25.64
CA ASP C 336 0.18 -38.89 25.58
C ASP C 336 1.62 -38.62 25.99
N GLU C 337 2.09 -39.35 27.01
CA GLU C 337 3.47 -39.16 27.46
C GLU C 337 4.47 -39.55 26.38
N SER C 338 4.15 -40.54 25.56
CA SER C 338 5.07 -40.98 24.52
C SER C 338 5.23 -39.94 23.41
N LEU C 339 4.34 -38.96 23.34
CA LEU C 339 4.38 -37.92 22.31
C LEU C 339 5.00 -36.62 22.81
N ARG C 340 5.51 -36.60 24.03
CA ARG C 340 6.00 -35.35 24.60
C ARG C 340 7.26 -34.87 23.91
N GLU C 341 8.19 -35.78 23.61
CA GLU C 341 9.43 -35.37 22.94
C GLU C 341 9.15 -34.85 21.54
N LEU C 342 8.20 -35.46 20.83
CA LEU C 342 7.84 -34.98 19.51
C LEU C 342 7.29 -33.55 19.57
N LEU C 343 6.40 -33.30 20.54
CA LEU C 343 5.82 -31.97 20.68
C LEU C 343 6.89 -30.93 20.95
N LEU C 344 7.81 -31.22 21.86
CA LEU C 344 8.82 -30.23 22.24
C LEU C 344 9.89 -30.06 21.16
N ASN C 345 10.24 -31.13 20.44
CA ASN C 345 11.17 -30.99 19.33
C ASN C 345 10.56 -30.14 18.22
N ALA C 346 9.28 -30.33 17.93
CA ALA C 346 8.61 -29.48 16.97
C ALA C 346 8.71 -28.01 17.38
N HIS C 347 8.36 -27.71 18.63
CA HIS C 347 8.43 -26.33 19.09
C HIS C 347 9.86 -25.83 19.20
N GLN C 348 10.82 -26.73 19.44
CA GLN C 348 12.21 -26.30 19.50
C GLN C 348 12.72 -25.92 18.11
N TYR C 349 12.27 -26.63 17.07
CA TYR C 349 12.56 -26.19 15.70
C TYR C 349 11.99 -24.79 15.47
N LEU C 350 10.76 -24.55 15.93
CA LEU C 350 10.15 -23.23 15.77
C LEU C 350 10.93 -22.16 16.51
N ILE C 351 11.41 -22.48 17.73
CA ILE C 351 12.27 -21.54 18.44
C ILE C 351 13.48 -21.16 17.58
N GLN C 352 14.14 -22.17 17.01
CA GLN C 352 15.31 -21.91 16.17
C GLN C 352 14.93 -21.13 14.92
N LEU C 353 13.77 -21.44 14.33
CA LEU C 353 13.30 -20.66 13.18
C LEU C 353 13.02 -19.21 13.57
N SER C 354 12.61 -18.97 14.82
CA SER C 354 12.26 -17.62 15.25
C SER C 354 13.47 -16.72 15.41
N LYS C 355 14.68 -17.26 15.40
CA LYS C 355 15.88 -16.44 15.51
C LYS C 355 16.39 -15.97 14.15
N ILE C 356 15.80 -16.47 13.06
CA ILE C 356 16.21 -16.07 11.73
C ILE C 356 15.95 -14.57 11.53
N GLU C 357 16.91 -13.88 10.92
CA GLU C 357 16.76 -12.46 10.64
C GLU C 357 16.00 -12.32 9.32
N GLU C 358 14.68 -12.30 9.42
CA GLU C 358 13.81 -12.22 8.25
C GLU C 358 12.45 -11.75 8.73
N ARG C 359 12.11 -10.49 8.43
CA ARG C 359 10.92 -9.85 8.97
C ARG C 359 9.67 -10.70 8.74
N GLU C 360 9.39 -11.03 7.48
CA GLU C 360 8.13 -11.69 7.14
C GLU C 360 8.08 -13.11 7.71
N LEU C 361 9.22 -13.79 7.80
CA LEU C 361 9.23 -15.10 8.44
C LEU C 361 9.00 -14.96 9.94
N PHE C 362 9.59 -13.94 10.56
CA PHE C 362 9.39 -13.72 11.99
C PHE C 362 7.92 -13.48 12.30
N LYS C 363 7.23 -12.69 11.46
CA LYS C 363 5.81 -12.45 11.67
C LYS C 363 5.01 -13.75 11.60
N THR C 364 5.43 -14.69 10.74
CA THR C 364 4.72 -15.96 10.63
C THR C 364 4.87 -16.77 11.90
N THR C 365 6.09 -16.86 12.44
CA THR C 365 6.27 -17.59 13.69
C THR C 365 5.64 -16.84 14.86
N LEU C 366 5.68 -15.51 14.83
CA LEU C 366 5.11 -14.74 15.94
C LEU C 366 3.61 -14.95 16.05
N ASP C 367 2.92 -15.13 14.91
CA ASP C 367 1.49 -15.42 14.97
C ASP C 367 1.23 -16.75 15.65
N TYR C 368 2.08 -17.75 15.42
CA TYR C 368 1.88 -19.03 16.09
C TYR C 368 2.14 -18.89 17.58
N TRP C 369 3.23 -18.21 17.96
CA TRP C 369 3.51 -18.03 19.38
C TRP C 369 2.34 -17.34 20.07
N HIS C 370 1.74 -16.35 19.41
CA HIS C 370 0.54 -15.71 19.94
C HIS C 370 -0.55 -16.73 20.15
N ASN C 371 -0.76 -17.60 19.15
CA ASN C 371 -1.75 -18.66 19.30
C ASN C 371 -1.43 -19.57 20.48
N LEU C 372 -0.14 -19.85 20.69
CA LEU C 372 0.25 -20.77 21.77
C LEU C 372 0.08 -20.12 23.13
N VAL C 373 0.74 -18.99 23.36
CA VAL C 373 0.77 -18.43 24.71
C VAL C 373 -0.61 -17.94 25.15
N ALA C 374 -1.44 -17.50 24.20
CA ALA C 374 -2.83 -17.20 24.53
C ALA C 374 -3.53 -18.44 25.05
N ASP C 375 -3.22 -19.60 24.47
CA ASP C 375 -3.83 -20.85 24.90
C ASP C 375 -3.32 -21.27 26.27
N LEU C 376 -2.01 -21.14 26.51
CA LEU C 376 -1.45 -21.46 27.82
C LEU C 376 -1.97 -20.51 28.89
N PHE C 377 -2.40 -19.31 28.51
CA PHE C 377 -2.91 -18.35 29.48
C PHE C 377 -4.29 -18.74 29.98
N TYR C 378 -5.12 -19.36 29.15
CA TYR C 378 -6.47 -19.75 29.53
C TYR C 378 -6.66 -21.23 29.77
N GLU C 379 -5.99 -22.09 29.03
CA GLU C 379 -6.29 -23.51 29.09
C GLU C 379 -5.68 -24.15 30.33
N PRO C 380 -6.44 -24.92 31.09
CA PRO C 380 -5.90 -25.50 32.32
C PRO C 380 -4.83 -26.54 32.05
N LEU C 381 -3.84 -26.58 32.95
CA LEU C 381 -2.82 -27.62 33.01
C LEU C 381 -1.95 -27.68 31.76
N LYS C 382 -1.93 -26.62 30.95
CA LYS C 382 -1.16 -26.64 29.71
C LYS C 382 0.21 -25.99 29.85
N LYS C 383 0.31 -24.89 30.61
CA LYS C 383 1.52 -24.08 30.55
C LYS C 383 2.74 -24.82 31.08
N HIS C 384 2.57 -25.77 32.00
CA HIS C 384 3.74 -26.47 32.55
C HIS C 384 4.45 -27.29 31.49
N ILE C 385 3.75 -27.70 30.44
CA ILE C 385 4.36 -28.50 29.38
C ILE C 385 5.42 -27.67 28.64
N TYR C 386 5.18 -26.38 28.47
CA TYR C 386 5.98 -25.54 27.58
C TYR C 386 6.91 -24.60 28.31
N GLU C 387 7.18 -24.84 29.60
CA GLU C 387 7.92 -23.88 30.41
C GLU C 387 9.30 -23.58 29.82
N GLU C 388 9.99 -24.60 29.33
CA GLU C 388 11.30 -24.38 28.72
C GLU C 388 11.19 -23.74 27.34
N ILE C 389 10.14 -24.08 26.58
CA ILE C 389 9.90 -23.40 25.31
C ILE C 389 9.62 -21.92 25.54
N CYS C 390 8.75 -21.61 26.50
CA CYS C 390 8.38 -20.23 26.75
C CYS C 390 9.55 -19.42 27.28
N SER C 391 10.45 -20.05 28.04
CA SER C 391 11.59 -19.32 28.58
C SER C 391 12.53 -18.87 27.47
N GLN C 392 12.80 -19.75 26.51
CA GLN C 392 13.60 -19.33 25.35
C GLN C 392 12.87 -18.27 24.53
N LEU C 393 11.54 -18.39 24.42
CA LEU C 393 10.77 -17.45 23.63
C LEU C 393 10.89 -16.04 24.18
N ARG C 394 10.83 -15.89 25.51
CA ARG C 394 11.00 -14.58 26.12
C ARG C 394 12.27 -13.90 25.64
N LEU C 395 13.38 -14.65 25.61
CA LEU C 395 14.64 -14.07 25.15
C LEU C 395 14.58 -13.72 23.66
N VAL C 396 13.98 -14.60 22.86
CA VAL C 396 13.87 -14.34 21.42
C VAL C 396 13.10 -13.05 21.17
N ILE C 397 12.01 -12.85 21.89
CA ILE C 397 11.17 -11.68 21.64
C ILE C 397 11.80 -10.41 22.19
N ILE C 398 12.41 -10.49 23.38
CA ILE C 398 13.08 -9.33 23.96
C ILE C 398 14.19 -8.83 23.03
N GLU C 399 14.95 -9.75 22.44
CA GLU C 399 16.08 -9.37 21.60
C GLU C 399 15.69 -8.95 20.19
N ASN C 400 14.45 -9.17 19.78
CA ASN C 400 13.98 -8.73 18.47
C ASN C 400 12.88 -7.68 18.57
N MET C 401 12.77 -7.01 19.73
CA MET C 401 11.77 -5.97 19.90
C MET C 401 12.02 -4.83 18.93
N VAL C 402 10.97 -4.36 18.27
CA VAL C 402 11.07 -3.30 17.28
C VAL C 402 10.54 -2.00 17.88
N ARG C 403 10.92 -0.90 17.24
CA ARG C 403 10.53 0.44 17.66
C ARG C 403 9.01 0.58 17.75
N PRO C 404 8.46 0.91 18.93
CA PRO C 404 7.03 1.12 19.15
C PRO C 404 6.51 2.43 18.56
N THR C 427 7.77 -1.39 11.99
CA THR C 427 6.32 -1.37 11.97
C THR C 427 5.75 -1.33 13.38
N ILE C 428 4.79 -0.43 13.62
CA ILE C 428 4.11 -0.43 14.91
C ILE C 428 3.16 -1.61 15.04
N GLN C 429 2.72 -2.17 13.91
CA GLN C 429 1.89 -3.37 13.98
C GLN C 429 2.69 -4.55 14.50
N LEU C 430 3.96 -4.67 14.10
CA LEU C 430 4.80 -5.74 14.60
C LEU C 430 5.11 -5.55 16.08
N TYR C 431 5.28 -4.30 16.52
CA TYR C 431 5.50 -4.06 17.95
C TYR C 431 4.30 -4.49 18.77
N LYS C 432 3.09 -4.18 18.30
CA LYS C 432 1.89 -4.55 19.05
C LYS C 432 1.73 -6.06 19.13
N SER C 433 2.11 -6.77 18.07
CA SER C 433 2.08 -8.24 18.13
C SER C 433 3.13 -8.76 19.10
N GLU C 434 4.33 -8.17 19.09
CA GLU C 434 5.35 -8.60 20.03
C GLU C 434 4.95 -8.29 21.46
N ARG C 435 4.37 -7.11 21.70
CA ARG C 435 3.95 -6.75 23.04
C ARG C 435 2.90 -7.73 23.57
N GLU C 436 1.95 -8.11 22.71
CA GLU C 436 0.88 -9.00 23.13
C GLU C 436 1.42 -10.35 23.58
N VAL C 437 2.35 -10.92 22.82
CA VAL C 437 2.91 -12.21 23.20
C VAL C 437 3.75 -12.08 24.47
N LEU C 438 4.55 -11.01 24.56
CA LEU C 438 5.41 -10.83 25.71
C LEU C 438 4.61 -10.57 26.98
N VAL C 439 3.46 -9.91 26.86
CA VAL C 439 2.58 -9.73 28.02
C VAL C 439 2.07 -11.09 28.51
N TYR C 440 1.61 -11.92 27.58
CA TYR C 440 1.23 -13.29 27.92
C TYR C 440 2.38 -14.03 28.60
N LEU C 441 3.57 -13.96 28.01
CA LEU C 441 4.72 -14.67 28.58
C LEU C 441 5.09 -14.13 29.95
N THR C 442 4.84 -12.84 30.20
CA THR C 442 5.11 -12.29 31.52
C THR C 442 4.09 -12.79 32.54
N HIS C 443 2.83 -12.91 32.14
CA HIS C 443 1.82 -13.49 33.02
C HIS C 443 2.15 -14.94 33.34
N LEU C 444 2.64 -15.69 32.36
CA LEU C 444 2.86 -17.12 32.56
C LEU C 444 4.02 -17.38 33.51
N ASN C 445 4.98 -16.45 33.60
CA ASN C 445 6.07 -16.59 34.57
C ASN C 445 6.73 -15.22 34.75
N VAL C 446 6.21 -14.46 35.72
CA VAL C 446 6.74 -13.12 35.98
C VAL C 446 8.21 -13.18 36.37
N ILE C 447 8.58 -14.18 37.16
CA ILE C 447 9.93 -14.24 37.72
C ILE C 447 10.97 -14.42 36.62
N ASP C 448 10.72 -15.34 35.69
CA ASP C 448 11.67 -15.56 34.60
C ASP C 448 11.81 -14.32 33.73
N THR C 449 10.70 -13.62 33.47
CA THR C 449 10.77 -12.42 32.64
C THR C 449 11.68 -11.37 33.26
N GLU C 450 11.47 -11.05 34.53
CA GLU C 450 12.31 -10.05 35.18
C GLU C 450 13.77 -10.45 35.14
N GLU C 451 14.05 -11.73 35.41
CA GLU C 451 15.44 -12.19 35.46
C GLU C 451 16.12 -12.02 34.11
N ILE C 452 15.42 -12.35 33.02
CA ILE C 452 16.01 -12.19 31.69
C ILE C 452 16.29 -10.72 31.41
N MET C 453 15.36 -9.83 31.79
CA MET C 453 15.54 -8.42 31.49
C MET C 453 16.67 -7.82 32.30
N ILE C 454 16.74 -8.12 33.60
CA ILE C 454 17.85 -7.62 34.42
C ILE C 454 19.18 -8.19 33.93
N SER C 455 19.19 -9.47 33.57
CA SER C 455 20.41 -10.08 33.04
C SER C 455 20.88 -9.36 31.78
N LYS C 456 19.95 -9.13 30.84
CA LYS C 456 20.31 -8.36 29.65
C LYS C 456 20.76 -6.96 30.02
N LEU C 457 20.15 -6.38 31.07
CA LEU C 457 20.56 -5.06 31.53
C LEU C 457 22.01 -5.08 32.04
N ALA C 458 22.40 -6.15 32.73
CA ALA C 458 23.78 -6.25 33.20
C ALA C 458 24.74 -6.41 32.03
N ARG C 459 24.35 -7.16 31.00
CA ARG C 459 25.19 -7.29 29.82
C ARG C 459 25.32 -5.97 29.05
N GLN C 460 24.38 -5.04 29.26
CA GLN C 460 24.57 -3.70 28.74
C GLN C 460 25.56 -2.91 29.59
N ILE C 461 25.58 -3.17 30.90
CA ILE C 461 26.47 -2.43 31.79
C ILE C 461 27.90 -2.93 31.69
N ASP C 462 28.10 -4.26 31.63
CA ASP C 462 29.45 -4.80 31.54
C ASP C 462 30.04 -4.67 30.13
N GLY C 463 29.31 -4.08 29.18
CA GLY C 463 29.82 -3.81 27.86
C GLY C 463 29.82 -4.98 26.90
N SER C 464 29.48 -6.19 27.35
CA SER C 464 29.57 -7.35 26.46
C SER C 464 28.53 -7.28 25.34
N GLU C 465 27.41 -6.61 25.58
CA GLU C 465 26.37 -6.45 24.56
C GLU C 465 25.96 -4.99 24.37
N TRP C 466 26.82 -4.05 24.78
CA TRP C 466 26.45 -2.65 24.69
C TRP C 466 26.40 -2.19 23.24
N SER C 467 25.28 -1.54 22.88
CA SER C 467 25.08 -0.99 21.55
C SER C 467 23.91 -0.02 21.63
N TRP C 468 23.97 1.01 20.78
CA TRP C 468 22.84 1.93 20.69
C TRP C 468 21.56 1.18 20.33
N HIS C 469 21.63 0.32 19.32
CA HIS C 469 20.47 -0.49 18.95
C HIS C 469 20.08 -1.44 20.08
N ASN C 470 21.07 -2.00 20.79
CA ASN C 470 20.78 -3.02 21.79
C ASN C 470 20.15 -2.42 23.03
N ILE C 471 20.57 -1.21 23.43
CA ILE C 471 19.97 -0.61 24.61
C ILE C 471 18.57 -0.07 24.29
N ASN C 472 18.32 0.36 23.06
CA ASN C 472 16.97 0.77 22.67
C ASN C 472 16.03 -0.43 22.63
N THR C 473 16.49 -1.53 22.02
CA THR C 473 15.67 -2.74 21.93
C THR C 473 15.25 -3.21 23.32
N LEU C 474 16.18 -3.19 24.27
CA LEU C 474 15.88 -3.66 25.62
C LEU C 474 14.89 -2.73 26.31
N SER C 475 15.07 -1.42 26.16
CA SER C 475 14.15 -0.48 26.79
C SER C 475 12.74 -0.62 26.25
N TRP C 476 12.61 -0.85 24.94
CA TRP C 476 11.29 -1.09 24.36
C TRP C 476 10.66 -2.34 24.94
N ALA C 477 11.45 -3.40 25.10
CA ALA C 477 10.94 -4.63 25.71
C ALA C 477 10.54 -4.39 27.16
N ILE C 478 11.43 -3.77 27.94
CA ILE C 478 11.12 -3.46 29.33
C ILE C 478 9.87 -2.59 29.43
N GLY C 479 9.67 -1.68 28.47
CA GLY C 479 8.50 -0.84 28.49
C GLY C 479 7.22 -1.51 28.06
N SER C 480 7.32 -2.58 27.27
CA SER C 480 6.13 -3.19 26.68
C SER C 480 5.29 -4.00 27.68
N ILE C 481 5.86 -4.42 28.80
CA ILE C 481 5.17 -5.36 29.69
C ILE C 481 4.54 -4.61 30.85
N SER C 482 4.46 -3.29 30.73
CA SER C 482 3.87 -2.48 31.79
C SER C 482 2.43 -2.89 32.05
N GLY C 483 2.08 -3.00 33.32
CA GLY C 483 0.73 -3.35 33.71
C GLY C 483 0.44 -4.82 33.85
N THR C 484 1.46 -5.68 33.76
CA THR C 484 1.29 -7.11 33.90
C THR C 484 1.78 -7.65 35.24
N MET C 485 2.82 -7.05 35.81
CA MET C 485 3.29 -7.39 37.13
C MET C 485 2.40 -6.75 38.20
N SER C 486 2.48 -7.29 39.41
CA SER C 486 1.83 -6.64 40.54
C SER C 486 2.48 -5.28 40.79
N GLU C 487 1.71 -4.38 41.42
CA GLU C 487 2.22 -3.03 41.66
C GLU C 487 3.46 -3.05 42.56
N ASP C 488 3.47 -3.93 43.56
CA ASP C 488 4.65 -4.05 44.42
C ASP C 488 5.85 -4.56 43.63
N THR C 489 5.66 -5.65 42.88
CA THR C 489 6.76 -6.17 42.06
C THR C 489 7.16 -5.18 40.99
N GLU C 490 6.18 -4.51 40.38
CA GLU C 490 6.49 -3.49 39.38
C GLU C 490 7.30 -2.35 39.99
N LYS C 491 6.97 -1.97 41.22
CA LYS C 491 7.68 -0.88 41.88
C LYS C 491 9.15 -1.22 42.06
N ARG C 492 9.45 -2.42 42.55
CA ARG C 492 10.84 -2.82 42.74
C ARG C 492 11.54 -3.01 41.40
N PHE C 493 10.82 -3.52 40.40
CA PHE C 493 11.42 -3.72 39.09
C PHE C 493 11.75 -2.38 38.44
N VAL C 494 10.80 -1.45 38.43
CA VAL C 494 11.04 -0.13 37.85
C VAL C 494 12.25 0.52 38.52
N VAL C 495 12.29 0.51 39.85
CA VAL C 495 13.41 1.11 40.58
C VAL C 495 14.72 0.46 40.17
N THR C 496 14.74 -0.88 40.11
CA THR C 496 15.94 -1.58 39.69
C THR C 496 16.36 -1.16 38.29
N VAL C 497 15.39 -1.07 37.37
CA VAL C 497 15.72 -0.75 35.98
C VAL C 497 16.23 0.68 35.86
N ILE C 498 15.55 1.62 36.52
CA ILE C 498 16.01 3.01 36.46
C ILE C 498 17.39 3.13 37.09
N LYS C 499 17.61 2.43 38.21
CA LYS C 499 18.91 2.45 38.88
C LYS C 499 20.03 2.01 37.93
N ASP C 500 19.86 0.86 37.29
CA ASP C 500 20.87 0.38 36.35
C ASP C 500 20.99 1.31 35.16
N LEU C 501 19.87 1.81 34.65
CA LEU C 501 19.92 2.72 33.51
C LEU C 501 20.62 4.02 33.88
N LEU C 502 20.39 4.53 35.09
CA LEU C 502 21.08 5.74 35.54
C LEU C 502 22.57 5.50 35.59
N GLY C 503 23.00 4.42 36.24
CA GLY C 503 24.42 4.10 36.29
C GLY C 503 25.04 3.87 34.93
N LEU C 504 24.25 3.34 33.99
CA LEU C 504 24.75 3.16 32.63
C LEU C 504 25.03 4.51 31.96
N CYS C 505 24.22 5.53 32.29
CA CYS C 505 24.42 6.84 31.68
C CYS C 505 25.67 7.53 32.24
N GLU C 506 25.85 7.45 33.57
CA GLU C 506 27.04 8.05 34.17
C GLU C 506 28.31 7.39 33.69
N GLN C 507 28.26 6.07 33.45
CA GLN C 507 29.44 5.35 33.00
C GLN C 507 29.91 5.83 31.62
N LYS C 508 28.98 6.21 30.75
CA LYS C 508 29.33 6.64 29.41
C LYS C 508 29.87 8.07 29.42
N ARG C 509 30.78 8.34 28.50
CA ARG C 509 31.29 9.68 28.26
C ARG C 509 31.00 10.07 26.81
N GLY C 510 30.77 11.35 26.59
CA GLY C 510 30.41 11.83 25.27
C GLY C 510 28.92 12.10 25.13
N LYS C 511 28.60 13.08 24.37
CA LYS C 511 27.24 13.41 24.22
C LYS C 511 26.40 12.32 23.68
N ASP C 512 26.82 11.80 22.57
CA ASP C 512 26.00 10.87 21.80
C ASP C 512 25.59 9.68 22.65
N ASN C 513 26.53 9.09 23.40
CA ASN C 513 26.19 7.96 24.25
C ASN C 513 25.23 8.38 25.36
N LYS C 514 25.53 9.49 26.03
CA LYS C 514 24.68 9.96 27.12
C LYS C 514 23.30 10.39 26.63
N ALA C 515 23.16 10.76 25.36
CA ALA C 515 21.85 11.11 24.84
C ALA C 515 20.98 9.88 24.62
N VAL C 516 21.58 8.79 24.13
CA VAL C 516 20.81 7.58 23.85
C VAL C 516 20.32 6.95 25.15
N VAL C 517 21.18 6.87 26.17
CA VAL C 517 20.77 6.26 27.43
C VAL C 517 19.74 7.13 28.12
N ALA C 518 19.89 8.46 28.04
CA ALA C 518 18.93 9.36 28.69
C ALA C 518 17.55 9.24 28.06
N SER C 519 17.47 9.06 26.75
CA SER C 519 16.17 8.90 26.10
C SER C 519 15.49 7.61 26.55
N ASP C 520 16.25 6.50 26.60
CA ASP C 520 15.67 5.23 27.00
C ASP C 520 15.16 5.31 28.44
N ILE C 521 15.91 5.97 29.32
CA ILE C 521 15.41 6.20 30.68
C ILE C 521 14.08 6.91 30.63
N MET C 522 13.98 7.96 29.82
CA MET C 522 12.71 8.68 29.73
C MET C 522 11.62 7.85 29.05
N TYR C 523 12.01 6.98 28.11
CA TYR C 523 11.00 6.12 27.49
C TYR C 523 10.39 5.17 28.51
N VAL C 524 11.25 4.54 29.33
CA VAL C 524 10.77 3.54 30.29
C VAL C 524 9.82 4.18 31.29
N VAL C 525 10.21 5.34 31.86
CA VAL C 525 9.37 5.97 32.86
C VAL C 525 8.03 6.40 32.26
N GLY C 526 8.03 6.81 31.00
CA GLY C 526 6.77 7.13 30.35
C GLY C 526 5.89 5.93 30.11
N GLN C 527 6.46 4.74 30.11
CA GLN C 527 5.70 3.52 29.90
C GLN C 527 5.08 2.97 31.18
N TYR C 528 5.41 3.54 32.34
CA TYR C 528 4.94 3.04 33.63
C TYR C 528 4.16 4.13 34.36
N PRO C 529 2.96 4.46 33.88
CA PRO C 529 2.20 5.55 34.54
C PRO C 529 1.68 5.17 35.91
N ARG C 530 1.40 3.88 36.16
CA ARG C 530 0.96 3.48 37.49
C ARG C 530 2.01 3.78 38.54
N PHE C 531 3.28 3.57 38.20
CA PHE C 531 4.37 3.93 39.09
C PHE C 531 4.43 5.44 39.30
N LEU C 532 4.28 6.20 38.23
CA LEU C 532 4.36 7.66 38.35
C LEU C 532 3.21 8.20 39.19
N LYS C 533 2.00 7.64 39.02
CA LYS C 533 0.83 8.17 39.71
C LYS C 533 0.95 8.02 41.22
N ALA C 534 1.68 7.01 41.70
CA ALA C 534 1.78 6.74 43.12
C ALA C 534 3.02 7.33 43.77
N HIS C 535 3.91 7.95 42.98
CA HIS C 535 5.16 8.53 43.49
C HIS C 535 5.28 9.95 42.94
N TRP C 536 4.55 10.88 43.56
CA TRP C 536 4.48 12.23 43.02
C TRP C 536 5.84 12.90 42.94
N ASN C 537 6.61 12.86 44.04
CA ASN C 537 7.91 13.49 44.05
C ASN C 537 8.78 12.97 42.91
N PHE C 538 8.66 11.67 42.60
CA PHE C 538 9.34 11.11 41.45
C PHE C 538 8.77 11.67 40.15
N LEU C 539 7.44 11.70 40.04
CA LEU C 539 6.80 12.22 38.83
C LEU C 539 7.19 13.67 38.59
N ARG C 540 7.16 14.50 39.64
CA ARG C 540 7.51 15.90 39.47
C ARG C 540 8.97 16.07 39.04
N THR C 541 9.87 15.29 39.65
CA THR C 541 11.28 15.35 39.25
C THR C 541 11.45 15.01 37.78
N VAL C 542 10.72 14.00 37.31
CA VAL C 542 10.80 13.60 35.90
C VAL C 542 10.36 14.75 35.00
N ILE C 543 9.20 15.35 35.30
CA ILE C 543 8.69 16.45 34.49
C ILE C 543 9.68 17.60 34.47
N LEU C 544 10.19 17.99 35.65
CA LEU C 544 11.16 19.08 35.71
C LEU C 544 12.42 18.74 34.93
N LYS C 545 12.82 17.47 34.92
CA LYS C 545 13.98 17.09 34.12
C LYS C 545 13.68 17.18 32.64
N LEU C 546 12.46 16.79 32.23
CA LEU C 546 12.04 16.97 30.85
C LEU C 546 12.08 18.44 30.45
N PHE C 547 11.59 19.31 31.33
CA PHE C 547 11.64 20.75 31.05
C PHE C 547 13.08 21.20 30.84
N LYS C 548 13.97 20.69 31.65
CA LYS C 548 15.34 21.02 31.52
C LYS C 548 15.88 20.53 30.20
N PHE C 549 15.46 19.38 29.77
CA PHE C 549 15.90 18.80 28.51
C PHE C 549 15.44 19.62 27.31
N MET C 550 14.39 20.42 27.46
CA MET C 550 13.88 21.22 26.35
C MET C 550 14.82 22.36 25.96
N HIS C 551 15.94 22.54 26.66
CA HIS C 551 16.96 23.50 26.29
C HIS C 551 18.19 22.85 25.69
N GLU C 552 18.19 21.53 25.56
CA GLU C 552 19.36 20.82 25.02
C GLU C 552 19.40 20.94 23.51
N THR C 553 20.53 21.40 22.99
CA THR C 553 20.71 21.61 21.56
C THR C 553 20.95 20.31 20.79
N HIS C 554 21.26 19.21 21.49
CA HIS C 554 21.57 17.96 20.80
C HIS C 554 20.37 17.48 20.00
N GLU C 555 20.65 16.91 18.82
CA GLU C 555 19.60 16.52 17.90
C GLU C 555 18.74 15.41 18.50
N GLY C 556 17.42 15.64 18.52
CA GLY C 556 16.46 14.67 18.97
C GLY C 556 16.10 14.76 20.44
N VAL C 557 16.90 15.44 21.25
CA VAL C 557 16.63 15.51 22.69
C VAL C 557 15.35 16.32 22.95
N GLN C 558 15.20 17.45 22.28
CA GLN C 558 14.03 18.30 22.50
C GLN C 558 12.75 17.57 22.08
N ASP C 559 12.76 16.94 20.91
CA ASP C 559 11.62 16.14 20.49
C ASP C 559 11.30 15.06 21.52
N MET C 560 12.34 14.42 22.06
CA MET C 560 12.15 13.38 23.07
C MET C 560 11.48 13.95 24.32
N ALA C 561 11.93 15.12 24.77
CA ALA C 561 11.37 15.70 25.99
C ALA C 561 9.91 16.11 25.78
N CYS C 562 9.57 16.63 24.60
CA CYS C 562 8.19 17.03 24.35
C CYS C 562 7.29 15.80 24.20
N ASP C 563 7.74 14.81 23.42
CA ASP C 563 6.93 13.61 23.21
C ASP C 563 6.69 12.88 24.53
N THR C 564 7.71 12.82 25.39
CA THR C 564 7.52 12.18 26.69
C THR C 564 6.60 12.99 27.59
N PHE C 565 6.74 14.32 27.55
CA PHE C 565 5.91 15.18 28.38
C PHE C 565 4.42 14.95 28.12
N ILE C 566 4.01 15.03 26.86
CA ILE C 566 2.59 14.88 26.55
C ILE C 566 2.14 13.43 26.75
N LYS C 567 3.05 12.47 26.56
CA LYS C 567 2.72 11.07 26.81
C LYS C 567 2.44 10.83 28.29
N ILE C 568 3.26 11.40 29.17
CA ILE C 568 3.03 11.28 30.60
C ILE C 568 1.74 11.99 30.99
N VAL C 569 1.46 13.14 30.37
CA VAL C 569 0.28 13.93 30.74
C VAL C 569 -1.00 13.19 30.40
N GLN C 570 -1.05 12.56 29.22
CA GLN C 570 -2.25 11.82 28.82
C GLN C 570 -2.63 10.77 29.85
N LYS C 571 -1.64 10.13 30.48
CA LYS C 571 -1.89 9.05 31.42
C LYS C 571 -1.99 9.51 32.87
N CYS C 572 -1.42 10.67 33.22
CA CYS C 572 -1.34 11.10 34.61
C CYS C 572 -1.93 12.49 34.81
N LYS C 573 -2.86 12.89 33.93
CA LYS C 573 -3.36 14.27 33.93
C LYS C 573 -3.98 14.66 35.27
N TYR C 574 -4.64 13.71 35.94
CA TYR C 574 -5.31 14.03 37.20
C TYR C 574 -4.32 14.50 38.25
N HIS C 575 -3.10 13.95 38.27
CA HIS C 575 -2.11 14.34 39.25
C HIS C 575 -1.50 15.72 38.97
N PHE C 576 -1.78 16.30 37.80
CA PHE C 576 -1.33 17.65 37.50
C PHE C 576 -2.37 18.71 37.84
N VAL C 577 -3.64 18.33 37.97
CA VAL C 577 -4.71 19.29 38.23
C VAL C 577 -5.05 19.38 39.70
N ILE C 578 -4.77 18.34 40.49
CA ILE C 578 -5.05 18.41 41.92
C ILE C 578 -3.91 19.14 42.62
N GLN C 579 -4.19 19.61 43.83
CA GLN C 579 -3.15 20.14 44.71
C GLN C 579 -2.58 18.97 45.49
N GLN C 580 -1.40 18.53 45.09
CA GLN C 580 -0.78 17.37 45.73
C GLN C 580 -0.43 17.68 47.18
N PRO C 581 -0.48 16.68 48.05
CA PRO C 581 0.11 16.86 49.40
C PRO C 581 1.54 17.34 49.28
N ARG C 582 1.96 18.14 50.27
CA ARG C 582 3.25 18.84 50.32
C ARG C 582 3.29 20.04 49.36
N GLU C 583 2.21 20.37 48.67
CA GLU C 583 2.23 21.41 47.66
C GLU C 583 1.22 22.51 47.96
N SER C 584 1.52 23.71 47.47
CA SER C 584 0.70 24.89 47.69
C SER C 584 -0.28 25.17 46.55
N GLU C 585 -0.09 24.57 45.39
CA GLU C 585 -0.95 24.81 44.24
C GLU C 585 -0.89 23.61 43.32
N PRO C 586 -1.91 23.39 42.51
CA PRO C 586 -1.81 22.35 41.47
C PRO C 586 -0.61 22.60 40.57
N PHE C 587 0.09 21.53 40.24
CA PHE C 587 1.31 21.65 39.44
C PHE C 587 1.04 22.25 38.07
N ILE C 588 -0.20 22.22 37.59
CA ILE C 588 -0.53 22.85 36.31
C ILE C 588 -0.20 24.33 36.36
N GLN C 589 -0.48 24.99 37.48
CA GLN C 589 -0.17 26.41 37.61
C GLN C 589 1.33 26.66 37.53
N THR C 590 2.12 25.76 38.13
CA THR C 590 3.57 25.93 38.08
C THR C 590 4.10 25.79 36.67
N ILE C 591 3.51 24.90 35.86
CA ILE C 591 3.91 24.76 34.47
C ILE C 591 3.57 26.03 33.69
N ILE C 592 2.40 26.61 33.95
CA ILE C 592 1.94 27.78 33.21
C ILE C 592 2.78 29.00 33.56
N ARG C 593 3.15 29.16 34.83
CA ARG C 593 3.89 30.34 35.25
C ARG C 593 5.22 30.47 34.50
N ASP C 594 5.91 29.36 34.27
CA ASP C 594 7.25 29.38 33.69
C ASP C 594 7.27 28.97 32.22
N ILE C 595 6.13 29.07 31.52
CA ILE C 595 6.02 28.44 30.21
C ILE C 595 6.90 29.12 29.17
N GLN C 596 7.13 30.43 29.31
CA GLN C 596 8.01 31.10 28.35
C GLN C 596 9.46 30.68 28.54
N LYS C 597 9.90 30.57 29.80
CA LYS C 597 11.27 30.11 30.06
C LYS C 597 11.45 28.67 29.61
N THR C 598 10.43 27.83 29.80
CA THR C 598 10.55 26.41 29.48
C THR C 598 10.66 26.18 27.97
N THR C 599 9.86 26.90 27.18
CA THR C 599 9.76 26.64 25.75
C THR C 599 10.58 27.62 24.91
N ALA C 600 11.36 28.49 25.53
CA ALA C 600 12.04 29.55 24.80
C ALA C 600 12.98 29.02 23.73
N ASP C 601 13.48 27.79 23.90
CA ASP C 601 14.43 27.22 22.97
C ASP C 601 13.80 26.19 22.04
N LEU C 602 12.49 26.10 22.01
CA LEU C 602 11.79 25.07 21.23
C LEU C 602 11.32 25.62 19.89
N GLN C 603 11.30 24.73 18.89
CA GLN C 603 10.71 25.05 17.61
C GLN C 603 9.21 25.24 17.77
N PRO C 604 8.57 25.99 16.86
CA PRO C 604 7.12 26.26 17.01
C PRO C 604 6.27 25.01 17.20
N GLN C 605 6.45 23.98 16.37
CA GLN C 605 5.64 22.78 16.51
C GLN C 605 5.88 22.10 17.85
N GLN C 606 7.09 22.21 18.39
CA GLN C 606 7.34 21.68 19.72
C GLN C 606 6.64 22.51 20.80
N VAL C 607 6.50 23.81 20.57
CA VAL C 607 5.74 24.65 21.50
C VAL C 607 4.27 24.26 21.50
N HIS C 608 3.74 23.91 20.33
CA HIS C 608 2.31 23.58 20.22
C HIS C 608 2.00 22.28 20.95
N THR C 609 2.88 21.28 20.84
CA THR C 609 2.71 20.06 21.63
C THR C 609 2.66 20.39 23.11
N PHE C 610 3.55 21.28 23.58
CA PHE C 610 3.56 21.67 24.98
C PHE C 610 2.23 22.28 25.39
N TYR C 611 1.75 23.26 24.61
CA TYR C 611 0.47 23.88 24.92
C TYR C 611 -0.67 22.86 24.87
N LYS C 612 -0.63 21.94 23.91
CA LYS C 612 -1.65 20.89 23.86
C LYS C 612 -1.62 20.03 25.12
N ALA C 613 -0.42 19.68 25.57
CA ALA C 613 -0.31 18.91 26.80
C ALA C 613 -0.93 19.64 27.97
N CYS C 614 -0.68 20.96 28.08
CA CYS C 614 -1.30 21.74 29.14
C CYS C 614 -2.82 21.75 29.00
N GLY C 615 -3.32 21.79 27.76
CA GLY C 615 -4.75 21.74 27.54
C GLY C 615 -5.36 20.43 28.02
N ILE C 616 -4.62 19.33 27.95
CA ILE C 616 -5.11 18.06 28.46
C ILE C 616 -5.35 18.16 29.96
N ILE C 617 -4.38 18.72 30.68
CA ILE C 617 -4.50 18.85 32.14
C ILE C 617 -5.67 19.77 32.48
N ILE C 618 -5.75 20.92 31.80
CA ILE C 618 -6.75 21.92 32.16
C ILE C 618 -8.16 21.34 32.03
N SER C 619 -8.39 20.51 31.02
CA SER C 619 -9.71 19.91 30.85
C SER C 619 -10.08 18.97 31.99
N GLU C 620 -9.11 18.49 32.76
CA GLU C 620 -9.44 17.69 33.94
C GLU C 620 -10.09 18.52 35.03
N GLU C 621 -9.79 19.81 35.09
CA GLU C 621 -10.42 20.70 36.06
C GLU C 621 -11.88 20.89 35.69
N ARG C 622 -12.79 20.39 36.54
CA ARG C 622 -14.21 20.47 36.24
C ARG C 622 -14.91 21.64 36.92
N SER C 623 -14.22 22.40 37.76
CA SER C 623 -14.71 23.70 38.21
C SER C 623 -14.60 24.69 37.05
N VAL C 624 -15.74 25.11 36.52
CA VAL C 624 -15.75 25.93 35.31
C VAL C 624 -14.90 27.18 35.49
N ALA C 625 -15.12 27.93 36.57
CA ALA C 625 -14.39 29.18 36.77
C ALA C 625 -12.89 28.94 36.89
N GLU C 626 -12.50 27.84 37.52
CA GLU C 626 -11.07 27.53 37.62
C GLU C 626 -10.50 27.10 36.28
N ARG C 627 -11.28 26.32 35.51
CA ARG C 627 -10.82 25.88 34.20
C ARG C 627 -10.62 27.08 33.26
N ASN C 628 -11.61 27.97 33.21
CA ASN C 628 -11.50 29.16 32.37
C ASN C 628 -10.33 30.04 32.78
N ARG C 629 -10.06 30.12 34.09
CA ARG C 629 -8.92 30.91 34.56
C ARG C 629 -7.60 30.27 34.13
N LEU C 630 -7.49 28.95 34.30
CA LEU C 630 -6.31 28.25 33.80
C LEU C 630 -6.17 28.42 32.29
N LEU C 631 -7.27 28.33 31.56
CA LEU C 631 -7.24 28.54 30.12
C LEU C 631 -6.73 29.94 29.78
N SER C 632 -7.21 30.95 30.51
CA SER C 632 -6.76 32.32 30.26
C SER C 632 -5.27 32.48 30.54
N ASP C 633 -4.79 31.90 31.65
CA ASP C 633 -3.38 32.03 31.98
C ASP C 633 -2.50 31.31 30.96
N LEU C 634 -2.93 30.12 30.53
CA LEU C 634 -2.15 29.37 29.55
C LEU C 634 -2.02 30.13 28.24
N MET C 635 -3.10 30.76 27.78
CA MET C 635 -3.10 31.48 26.53
C MET C 635 -2.59 32.91 26.66
N GLN C 636 -1.95 33.26 27.78
CA GLN C 636 -1.55 34.65 28.02
C GLN C 636 -0.56 35.12 26.95
N LEU C 637 0.48 34.34 26.69
CA LEU C 637 1.49 34.78 25.72
C LEU C 637 0.94 34.88 24.30
N PRO C 638 0.26 33.87 23.75
CA PRO C 638 -0.31 34.05 22.41
C PRO C 638 -1.37 35.13 22.33
N ASN C 639 -2.16 35.31 23.41
CA ASN C 639 -3.20 36.35 23.38
C ASN C 639 -2.58 37.74 23.33
N MET C 640 -1.47 37.95 24.02
CA MET C 640 -0.85 39.28 24.01
C MET C 640 -0.17 39.55 22.69
N ALA C 641 0.52 38.57 22.11
CA ALA C 641 1.03 38.71 20.76
C ALA C 641 -0.11 38.92 19.78
N TRP C 642 -1.26 38.27 20.02
CA TRP C 642 -2.41 38.43 19.15
C TRP C 642 -2.98 39.85 19.26
N ASP C 643 -3.29 40.29 20.49
CA ASP C 643 -3.84 41.63 20.68
C ASP C 643 -2.93 42.69 20.06
N THR C 644 -1.62 42.53 20.20
CA THR C 644 -0.70 43.49 19.59
C THR C 644 -0.84 43.48 18.07
N ILE C 645 -0.71 42.29 17.45
CA ILE C 645 -0.72 42.22 16.00
C ILE C 645 -2.04 42.74 15.43
N VAL C 646 -3.16 42.37 16.05
CA VAL C 646 -4.45 42.87 15.58
C VAL C 646 -4.49 44.39 15.65
N GLU C 647 -3.86 44.97 16.68
CA GLU C 647 -3.78 46.42 16.76
C GLU C 647 -2.90 46.99 15.66
N GLN C 648 -1.70 46.42 15.48
CA GLN C 648 -0.77 46.98 14.51
C GLN C 648 -1.20 46.66 13.08
N SER C 649 -1.56 45.40 12.82
CA SER C 649 -1.89 44.99 11.45
C SER C 649 -3.18 45.64 10.95
N THR C 650 -4.03 46.14 11.83
CA THR C 650 -5.22 46.85 11.37
C THR C 650 -4.93 48.30 11.03
N ALA C 651 -3.79 48.85 11.50
CA ALA C 651 -3.40 50.23 11.23
C ALA C 651 -1.89 50.25 10.98
N ASN C 652 -1.49 49.96 9.74
CA ASN C 652 -2.42 49.64 8.67
C ASN C 652 -1.98 48.32 8.01
N PRO C 653 -2.88 47.68 7.24
CA PRO C 653 -2.60 46.32 6.74
C PRO C 653 -1.34 46.13 5.91
N THR C 654 -0.35 47.00 6.04
CA THR C 654 0.91 46.79 5.31
C THR C 654 1.86 45.87 6.07
N LEU C 655 1.70 45.72 7.39
CA LEU C 655 2.58 44.83 8.14
C LEU C 655 2.40 43.38 7.71
N LEU C 656 1.20 43.01 7.25
CA LEU C 656 0.97 41.67 6.75
C LEU C 656 1.76 41.37 5.48
N LEU C 657 2.36 42.38 4.85
CA LEU C 657 3.34 42.11 3.81
C LEU C 657 4.58 41.45 4.40
N ASP C 658 4.93 41.77 5.64
CA ASP C 658 6.10 41.20 6.29
C ASP C 658 5.89 39.72 6.56
N SER C 659 6.74 38.89 5.98
CA SER C 659 6.63 37.45 6.19
C SER C 659 6.89 37.05 7.64
N GLU C 660 7.60 37.89 8.39
CA GLU C 660 7.79 37.61 9.82
C GLU C 660 6.47 37.73 10.57
N THR C 661 5.66 38.74 10.25
CA THR C 661 4.38 38.89 10.91
C THR C 661 3.42 37.77 10.51
N VAL C 662 3.46 37.36 9.24
CA VAL C 662 2.59 36.29 8.78
C VAL C 662 2.92 34.98 9.51
N LYS C 663 4.21 34.71 9.71
CA LYS C 663 4.59 33.50 10.44
C LYS C 663 4.17 33.58 11.90
N ILE C 664 4.33 34.74 12.53
CA ILE C 664 3.93 34.88 13.93
C ILE C 664 2.44 34.66 14.08
N ILE C 665 1.64 35.15 13.14
CA ILE C 665 0.19 34.99 13.23
C ILE C 665 -0.18 33.52 13.10
N ALA C 666 0.41 32.82 12.13
CA ALA C 666 0.10 31.41 11.95
C ALA C 666 0.42 30.61 13.21
N ASN C 667 1.56 30.91 13.85
CA ASN C 667 1.93 30.20 15.06
C ASN C 667 0.94 30.47 16.19
N ILE C 668 0.42 31.69 16.28
CA ILE C 668 -0.60 31.99 17.30
C ILE C 668 -1.84 31.15 17.06
N ILE C 669 -2.29 31.08 15.80
N ILE C 669 -2.29 31.08 15.80
CA ILE C 669 -3.50 30.33 15.49
CA ILE C 669 -3.49 30.32 15.48
C ILE C 669 -3.27 28.83 15.69
C ILE C 669 -3.25 28.84 15.71
N LYS C 670 -2.10 28.33 15.25
CA LYS C 670 -1.76 26.94 15.48
C LYS C 670 -1.75 26.60 16.97
N THR C 671 -1.24 27.52 17.80
CA THR C 671 -1.30 27.31 19.25
C THR C 671 -2.74 27.16 19.72
N ASN C 672 -3.64 27.98 19.19
CA ASN C 672 -5.06 27.84 19.52
C ASN C 672 -5.61 26.51 19.01
N VAL C 673 -5.15 26.06 17.85
CA VAL C 673 -5.60 24.75 17.36
C VAL C 673 -5.13 23.65 18.30
N ALA C 674 -3.87 23.70 18.71
CA ALA C 674 -3.34 22.68 19.61
C ALA C 674 -4.13 22.61 20.90
N VAL C 675 -4.38 23.76 21.53
CA VAL C 675 -5.12 23.76 22.79
C VAL C 675 -6.57 23.35 22.55
N CYS C 676 -7.18 23.82 21.47
CA CYS C 676 -8.56 23.44 21.18
C CYS C 676 -8.67 21.95 20.86
N THR C 677 -7.62 21.35 20.32
CA THR C 677 -7.67 19.93 20.00
C THR C 677 -7.89 19.08 21.25
N SER C 678 -7.22 19.44 22.35
CA SER C 678 -7.34 18.66 23.58
C SER C 678 -8.46 19.12 24.49
N MET C 679 -8.98 20.34 24.32
CA MET C 679 -9.99 20.84 25.23
C MET C 679 -11.40 20.80 24.67
N GLY C 680 -11.54 20.75 23.34
CA GLY C 680 -12.85 20.62 22.72
C GLY C 680 -13.86 21.64 23.19
N ALA C 681 -14.97 21.16 23.77
CA ALA C 681 -16.03 22.05 24.22
C ALA C 681 -15.54 23.06 25.25
N ASP C 682 -14.51 22.71 26.01
CA ASP C 682 -13.99 23.62 27.02
C ASP C 682 -13.24 24.80 26.42
N PHE C 683 -12.88 24.73 25.14
CA PHE C 683 -12.11 25.80 24.51
C PHE C 683 -12.94 27.04 24.20
N TYR C 684 -14.25 26.95 24.31
CA TYR C 684 -15.13 28.03 23.86
C TYR C 684 -14.78 29.41 24.41
N PRO C 685 -14.48 29.60 25.71
CA PRO C 685 -14.15 30.95 26.16
C PRO C 685 -12.95 31.55 25.45
N GLN C 686 -11.91 30.74 25.18
CA GLN C 686 -10.76 31.27 24.47
C GLN C 686 -11.09 31.58 23.02
N LEU C 687 -11.97 30.77 22.40
CA LEU C 687 -12.39 31.06 21.03
C LEU C 687 -13.11 32.39 20.95
N GLY C 688 -13.97 32.69 21.93
CA GLY C 688 -14.67 33.96 21.96
C GLY C 688 -13.77 35.16 22.17
N HIS C 689 -12.60 34.96 22.77
CA HIS C 689 -11.68 36.08 22.97
C HIS C 689 -11.12 36.60 21.65
N ILE C 690 -10.95 35.72 20.66
CA ILE C 690 -10.30 36.09 19.40
C ILE C 690 -11.24 36.03 18.21
N TYR C 691 -12.47 35.53 18.38
CA TYR C 691 -13.25 35.08 17.22
C TYR C 691 -13.48 36.21 16.22
N TYR C 692 -14.04 37.33 16.68
CA TYR C 692 -14.43 38.39 15.74
C TYR C 692 -13.21 38.98 15.05
N ASN C 693 -12.14 39.25 15.80
CA ASN C 693 -10.94 39.78 15.17
C ASN C 693 -10.28 38.76 14.25
N MET C 694 -10.43 37.47 14.55
CA MET C 694 -9.87 36.44 13.69
C MET C 694 -10.56 36.40 12.34
N LEU C 695 -11.89 36.45 12.34
CA LEU C 695 -12.64 36.49 11.08
C LEU C 695 -12.34 37.79 10.33
N GLN C 696 -12.16 38.88 11.06
CA GLN C 696 -11.72 40.12 10.42
C GLN C 696 -10.34 39.95 9.80
N LEU C 697 -9.42 39.29 10.54
CA LEU C 697 -8.12 38.97 9.97
C LEU C 697 -8.26 38.10 8.73
N TYR C 698 -9.19 37.15 8.76
CA TYR C 698 -9.43 36.28 7.61
C TYR C 698 -9.79 37.09 6.37
N ARG C 699 -10.65 38.11 6.53
CA ARG C 699 -11.01 38.96 5.39
C ARG C 699 -9.81 39.74 4.89
N ALA C 700 -9.04 40.34 5.80
CA ALA C 700 -7.90 41.15 5.39
C ALA C 700 -6.86 40.32 4.65
N VAL C 701 -6.56 39.12 5.15
CA VAL C 701 -5.63 38.24 4.46
C VAL C 701 -6.17 37.87 3.09
N SER C 702 -7.47 37.61 2.99
CA SER C 702 -8.07 37.21 1.73
C SER C 702 -7.93 38.30 0.68
N SER C 703 -8.03 39.56 1.10
CA SER C 703 -7.88 40.66 0.15
C SER C 703 -6.47 40.72 -0.43
N MET C 704 -5.45 40.51 0.42
CA MET C 704 -4.08 40.59 -0.07
C MET C 704 -3.75 39.47 -1.02
N ILE C 705 -4.26 38.26 -0.76
CA ILE C 705 -4.08 37.16 -1.71
C ILE C 705 -4.69 37.53 -3.06
N SER C 706 -5.92 38.04 -3.04
CA SER C 706 -6.57 38.47 -4.27
C SER C 706 -5.79 39.60 -4.94
N ALA C 707 -5.38 40.60 -4.16
CA ALA C 707 -4.58 41.69 -4.71
C ALA C 707 -3.29 41.17 -5.33
N GLN C 708 -2.66 40.19 -4.68
CA GLN C 708 -1.39 39.66 -5.18
C GLN C 708 -1.58 38.90 -6.48
N VAL C 709 -2.63 38.07 -6.57
CA VAL C 709 -2.89 37.36 -7.81
C VAL C 709 -3.25 38.33 -8.93
N ALA C 710 -3.90 39.44 -8.59
CA ALA C 710 -4.23 40.44 -9.60
C ALA C 710 -2.97 41.14 -10.10
N ALA C 711 -2.02 41.40 -9.20
CA ALA C 711 -0.83 42.15 -9.57
C ALA C 711 0.27 41.29 -10.18
N GLU C 712 0.30 39.98 -9.89
CA GLU C 712 1.38 39.13 -10.36
C GLU C 712 0.92 37.93 -11.17
N GLY C 713 -0.37 37.60 -11.17
CA GLY C 713 -0.88 36.46 -11.90
C GLY C 713 -1.06 35.25 -11.01
N LEU C 714 -1.49 34.15 -11.65
CA LEU C 714 -1.70 32.91 -10.91
C LEU C 714 -0.43 32.40 -10.27
N ILE C 715 0.74 32.74 -10.82
CA ILE C 715 2.01 32.29 -10.26
C ILE C 715 2.18 32.78 -8.83
N ALA C 716 1.48 33.84 -8.44
CA ALA C 716 1.61 34.38 -7.10
C ALA C 716 1.19 33.35 -6.04
N THR C 717 0.27 32.45 -6.38
CA THR C 717 -0.19 31.46 -5.41
C THR C 717 0.91 30.46 -5.03
N LYS C 718 1.98 30.38 -5.83
CA LYS C 718 3.11 29.53 -5.50
C LYS C 718 4.17 30.23 -4.67
N THR C 719 4.10 31.56 -4.56
CA THR C 719 5.13 32.31 -3.86
C THR C 719 5.06 32.06 -2.35
N PRO C 720 6.19 32.17 -1.65
CA PRO C 720 6.15 32.05 -0.19
C PRO C 720 5.24 33.06 0.47
N LYS C 721 5.20 34.29 -0.07
CA LYS C 721 4.36 35.34 0.52
C LYS C 721 2.90 34.92 0.55
N VAL C 722 2.39 34.45 -0.59
CA VAL C 722 0.98 34.07 -0.66
C VAL C 722 0.73 32.76 0.07
N ARG C 723 1.65 31.81 -0.04
CA ARG C 723 1.50 30.56 0.70
C ARG C 723 1.47 30.81 2.21
N GLY C 724 2.24 31.79 2.68
CA GLY C 724 2.15 32.18 4.07
C GLY C 724 0.80 32.77 4.42
N LEU C 725 0.25 33.61 3.53
CA LEU C 725 -1.06 34.20 3.78
C LEU C 725 -2.16 33.15 3.81
N ARG C 726 -2.15 32.25 2.83
CA ARG C 726 -3.15 31.18 2.80
C ARG C 726 -3.02 30.26 4.01
N THR C 727 -1.80 30.12 4.54
CA THR C 727 -1.62 29.33 5.76
C THR C 727 -2.46 29.90 6.90
N ILE C 728 -2.49 31.23 7.03
CA ILE C 728 -3.32 31.86 8.06
C ILE C 728 -4.78 31.48 7.86
N LYS C 729 -5.28 31.60 6.63
CA LYS C 729 -6.68 31.26 6.37
C LYS C 729 -6.96 29.80 6.69
N LYS C 730 -6.05 28.90 6.30
CA LYS C 730 -6.28 27.48 6.51
C LYS C 730 -6.29 27.14 8.00
N GLU C 731 -5.37 27.72 8.77
CA GLU C 731 -5.35 27.45 10.21
C GLU C 731 -6.58 28.03 10.90
N ILE C 732 -7.09 29.17 10.43
CA ILE C 732 -8.31 29.73 10.98
C ILE C 732 -9.49 28.79 10.72
N LEU C 733 -9.58 28.26 9.50
CA LEU C 733 -10.63 27.29 9.19
C LEU C 733 -10.46 26.01 9.99
N LYS C 734 -9.22 25.56 10.18
CA LYS C 734 -8.98 24.36 10.96
C LYS C 734 -9.36 24.57 12.42
N LEU C 735 -9.10 25.76 12.96
CA LEU C 735 -9.47 26.05 14.34
C LEU C 735 -10.99 26.03 14.52
N VAL C 736 -11.71 26.69 13.61
CA VAL C 736 -13.17 26.71 13.71
C VAL C 736 -13.74 25.32 13.51
N GLU C 737 -13.19 24.57 12.56
CA GLU C 737 -13.61 23.19 12.36
C GLU C 737 -13.37 22.37 13.62
N THR C 738 -12.18 22.52 14.21
CA THR C 738 -11.83 21.72 15.38
C THR C 738 -12.79 21.97 16.54
N TYR C 739 -13.17 23.22 16.77
CA TYR C 739 -14.09 23.48 17.87
C TYR C 739 -15.48 22.96 17.57
N ILE C 740 -16.01 23.29 16.40
CA ILE C 740 -17.40 22.95 16.10
C ILE C 740 -17.59 21.43 16.10
N SER C 741 -16.58 20.69 15.63
CA SER C 741 -16.69 19.24 15.62
C SER C 741 -16.76 18.65 17.03
N LYS C 742 -16.37 19.41 18.05
CA LYS C 742 -16.35 18.92 19.42
C LYS C 742 -17.28 19.70 20.35
N ALA C 743 -18.03 20.67 19.83
CA ALA C 743 -18.81 21.54 20.71
C ALA C 743 -20.00 20.80 21.30
N ARG C 744 -20.32 21.11 22.55
CA ARG C 744 -21.49 20.58 23.23
C ARG C 744 -22.66 21.55 23.23
N ASN C 745 -22.41 22.85 23.20
CA ASN C 745 -23.47 23.86 23.15
C ASN C 745 -23.66 24.26 21.69
N LEU C 746 -24.60 23.60 21.04
CA LEU C 746 -24.84 23.88 19.62
C LEU C 746 -25.61 25.18 19.43
N ASP C 747 -26.39 25.60 20.43
CA ASP C 747 -27.10 26.87 20.33
C ASP C 747 -26.13 28.02 20.13
N ASP C 748 -25.06 28.05 20.91
CA ASP C 748 -24.04 29.09 20.74
C ASP C 748 -23.37 28.96 19.37
N VAL C 749 -23.18 27.74 18.89
CA VAL C 749 -22.60 27.55 17.56
C VAL C 749 -23.47 28.20 16.50
N VAL C 750 -24.78 27.95 16.57
CA VAL C 750 -25.69 28.44 15.55
C VAL C 750 -25.83 29.96 15.62
N LYS C 751 -25.98 30.51 16.83
CA LYS C 751 -26.38 31.90 16.98
C LYS C 751 -25.22 32.85 17.22
N VAL C 752 -24.01 32.36 17.44
CA VAL C 752 -22.84 33.21 17.65
C VAL C 752 -21.76 32.97 16.61
N LEU C 753 -21.50 31.71 16.25
CA LEU C 753 -20.38 31.37 15.38
C LEU C 753 -20.74 31.31 13.91
N VAL C 754 -21.86 30.66 13.57
CA VAL C 754 -22.11 30.27 12.18
C VAL C 754 -22.29 31.49 11.30
N GLU C 755 -23.12 32.44 11.72
CA GLU C 755 -23.41 33.60 10.88
C GLU C 755 -22.15 34.39 10.50
N PRO C 756 -21.30 34.81 11.45
CA PRO C 756 -20.08 35.53 11.01
C PRO C 756 -19.14 34.65 10.21
N LEU C 757 -19.13 33.34 10.46
CA LEU C 757 -18.23 32.45 9.70
C LEU C 757 -18.62 32.42 8.23
N LEU C 758 -19.91 32.19 7.95
CA LEU C 758 -20.36 32.11 6.56
C LEU C 758 -20.10 33.41 5.81
N ASN C 759 -20.37 34.55 6.45
CA ASN C 759 -20.11 35.84 5.82
C ASN C 759 -18.62 36.02 5.52
N ALA C 760 -17.76 35.38 6.31
CA ALA C 760 -16.33 35.57 6.11
C ALA C 760 -15.78 34.70 4.99
N VAL C 761 -16.35 33.51 4.76
CA VAL C 761 -15.66 32.52 3.94
C VAL C 761 -16.41 32.19 2.65
N LEU C 762 -17.73 32.36 2.63
CA LEU C 762 -18.50 31.89 1.49
C LEU C 762 -18.27 32.75 0.25
N GLU C 763 -18.51 34.06 0.37
CA GLU C 763 -18.37 34.95 -0.77
C GLU C 763 -16.93 35.02 -1.25
N ASP C 764 -15.98 35.08 -0.31
CA ASP C 764 -14.56 35.09 -0.66
C ASP C 764 -14.20 33.85 -1.50
N TYR C 765 -14.72 32.69 -1.12
CA TYR C 765 -14.48 31.47 -1.90
C TYR C 765 -15.08 31.60 -3.30
N MET C 766 -16.35 31.99 -3.38
CA MET C 766 -17.06 32.01 -4.66
C MET C 766 -16.43 32.98 -5.65
N ASN C 767 -15.94 34.12 -5.16
CA ASN C 767 -15.48 35.19 -6.03
C ASN C 767 -13.98 35.22 -6.24
N ASN C 768 -13.25 34.24 -5.71
CA ASN C 768 -11.85 34.07 -6.07
C ASN C 768 -11.73 33.24 -7.34
N VAL C 769 -10.62 33.43 -8.05
CA VAL C 769 -10.29 32.59 -9.19
C VAL C 769 -10.08 31.17 -8.67
N PRO C 770 -10.29 30.14 -9.50
CA PRO C 770 -10.18 28.75 -8.99
C PRO C 770 -8.88 28.45 -8.26
N ASP C 771 -7.73 28.90 -8.77
CA ASP C 771 -6.46 28.55 -8.13
C ASP C 771 -6.27 29.18 -6.77
N ALA C 772 -7.11 30.13 -6.38
CA ALA C 772 -7.00 30.79 -5.09
C ALA C 772 -8.03 30.32 -4.08
N ARG C 773 -8.91 29.40 -4.46
CA ARG C 773 -9.91 28.88 -3.54
C ARG C 773 -9.32 27.81 -2.63
N ASP C 774 -9.59 27.92 -1.34
CA ASP C 774 -9.09 26.96 -0.36
C ASP C 774 -10.08 25.80 -0.22
N ALA C 775 -9.61 24.59 -0.57
CA ALA C 775 -10.45 23.41 -0.36
C ALA C 775 -10.84 23.25 1.09
N GLU C 776 -10.04 23.78 2.02
CA GLU C 776 -10.38 23.72 3.44
C GLU C 776 -11.71 24.39 3.74
N VAL C 777 -12.16 25.32 2.89
CA VAL C 777 -13.47 25.93 3.08
C VAL C 777 -14.56 24.86 2.97
N LEU C 778 -14.46 24.01 1.96
CA LEU C 778 -15.41 22.92 1.81
C LEU C 778 -15.36 21.98 3.01
N ASN C 779 -14.16 21.64 3.47
CA ASN C 779 -14.01 20.78 4.64
C ASN C 779 -14.64 21.41 5.87
N CYS C 780 -14.32 22.69 6.12
CA CYS C 780 -14.91 23.38 7.26
C CYS C 780 -16.43 23.39 7.17
N MET C 781 -16.97 23.64 5.97
CA MET C 781 -18.43 23.64 5.81
C MET C 781 -19.02 22.26 6.04
N THR C 782 -18.29 21.20 5.67
CA THR C 782 -18.78 19.85 5.93
C THR C 782 -18.99 19.62 7.42
N THR C 783 -18.04 20.07 8.24
CA THR C 783 -18.19 19.92 9.69
C THR C 783 -19.36 20.75 10.21
N VAL C 784 -19.53 21.98 9.69
CA VAL C 784 -20.63 22.82 10.14
C VAL C 784 -21.96 22.14 9.87
N VAL C 785 -22.14 21.63 8.65
CA VAL C 785 -23.39 20.94 8.31
C VAL C 785 -23.56 19.67 9.13
N GLU C 786 -22.46 18.99 9.44
CA GLU C 786 -22.55 17.75 10.21
C GLU C 786 -23.08 18.01 11.62
N LYS C 787 -22.56 19.04 12.30
CA LYS C 787 -22.91 19.27 13.69
C LYS C 787 -24.27 19.94 13.83
N VAL C 788 -24.51 21.00 13.06
CA VAL C 788 -25.65 21.88 13.31
C VAL C 788 -26.44 22.11 12.04
N GLY C 789 -26.27 21.24 11.05
CA GLY C 789 -26.98 21.40 9.79
C GLY C 789 -28.48 21.44 9.97
N HIS C 790 -29.01 20.61 10.87
CA HIS C 790 -30.45 20.56 11.10
C HIS C 790 -31.00 21.87 11.65
N MET C 791 -30.16 22.75 12.17
CA MET C 791 -30.61 23.99 12.78
C MET C 791 -30.43 25.21 11.89
N ILE C 792 -29.82 25.07 10.71
CA ILE C 792 -29.53 26.23 9.88
C ILE C 792 -29.93 25.98 8.43
N PRO C 793 -31.21 25.68 8.14
CA PRO C 793 -31.57 25.35 6.75
C PRO C 793 -31.28 26.46 5.77
N GLN C 794 -31.45 27.73 6.17
CA GLN C 794 -31.08 28.82 5.28
C GLN C 794 -29.57 28.92 5.11
N GLY C 795 -28.81 28.52 6.14
CA GLY C 795 -27.36 28.53 6.01
C GLY C 795 -26.87 27.47 5.04
N VAL C 796 -27.47 26.28 5.08
CA VAL C 796 -27.09 25.22 4.15
C VAL C 796 -27.39 25.64 2.71
N ILE C 797 -28.55 26.26 2.49
CA ILE C 797 -28.87 26.80 1.17
C ILE C 797 -27.80 27.81 0.74
N LEU C 798 -27.33 28.63 1.68
CA LEU C 798 -26.33 29.63 1.35
C LEU C 798 -25.00 28.99 1.01
N ILE C 799 -24.66 27.89 1.68
CA ILE C 799 -23.42 27.18 1.39
C ILE C 799 -23.47 26.58 -0.01
N LEU C 800 -24.59 25.94 -0.36
CA LEU C 800 -24.75 25.36 -1.69
C LEU C 800 -24.59 26.43 -2.77
N GLN C 801 -25.34 27.54 -2.65
CA GLN C 801 -25.29 28.58 -3.66
C GLN C 801 -23.87 29.11 -3.87
N SER C 802 -23.08 29.17 -2.82
CA SER C 802 -21.76 29.79 -2.90
C SER C 802 -20.66 28.85 -3.36
N VAL C 803 -20.81 27.54 -3.18
CA VAL C 803 -19.74 26.61 -3.49
C VAL C 803 -20.12 25.54 -4.52
N PHE C 804 -21.41 25.26 -4.74
CA PHE C 804 -21.78 24.11 -5.55
C PHE C 804 -21.37 24.28 -6.99
N GLU C 805 -21.92 25.28 -7.69
CA GLU C 805 -21.71 25.38 -9.12
C GLU C 805 -20.26 25.74 -9.45
N CYS C 806 -19.63 26.63 -8.67
CA CYS C 806 -18.29 27.05 -9.02
C CYS C 806 -17.26 25.97 -8.72
N THR C 807 -17.50 25.12 -7.71
CA THR C 807 -16.57 24.01 -7.47
C THR C 807 -16.78 22.89 -8.48
N LEU C 808 -18.04 22.63 -8.84
CA LEU C 808 -18.33 21.61 -9.85
C LEU C 808 -17.63 21.93 -11.17
N ASP C 809 -17.63 23.22 -11.57
CA ASP C 809 -16.97 23.60 -12.80
C ASP C 809 -15.46 23.43 -12.72
N MET C 810 -14.89 23.41 -11.51
CA MET C 810 -13.47 23.15 -11.36
C MET C 810 -13.13 21.69 -11.60
N ILE C 811 -14.07 20.78 -11.37
CA ILE C 811 -13.75 19.35 -11.28
C ILE C 811 -14.47 18.52 -12.33
N ASN C 812 -15.25 19.11 -13.23
CA ASN C 812 -16.02 18.34 -14.18
C ASN C 812 -15.43 18.34 -15.60
N LYS C 813 -14.16 18.70 -15.74
CA LYS C 813 -13.50 18.67 -17.04
C LYS C 813 -12.53 17.51 -17.18
N ASP C 814 -11.97 17.01 -16.08
CA ASP C 814 -11.17 15.80 -16.07
C ASP C 814 -11.24 15.21 -14.67
N PHE C 815 -10.59 14.07 -14.49
CA PHE C 815 -10.49 13.44 -13.18
C PHE C 815 -9.22 13.84 -12.43
N THR C 816 -8.44 14.76 -12.99
CA THR C 816 -7.10 15.08 -12.51
C THR C 816 -7.06 16.35 -11.66
N GLU C 817 -7.53 17.46 -12.21
CA GLU C 817 -7.30 18.76 -11.60
C GLU C 817 -8.02 18.90 -10.26
N TYR C 818 -7.41 19.68 -9.36
CA TYR C 818 -7.98 20.05 -8.07
C TYR C 818 -8.39 18.82 -7.28
N PRO C 819 -7.44 17.97 -6.87
CA PRO C 819 -7.83 16.72 -6.21
C PRO C 819 -8.46 16.93 -4.84
N GLU C 820 -8.00 17.90 -4.06
CA GLU C 820 -8.57 18.12 -2.74
C GLU C 820 -9.98 18.70 -2.84
N HIS C 821 -10.15 19.73 -3.68
CA HIS C 821 -11.49 20.26 -3.93
C HIS C 821 -12.44 19.16 -4.38
N ARG C 822 -11.92 18.18 -5.12
CA ARG C 822 -12.75 17.07 -5.58
C ARG C 822 -13.26 16.24 -4.41
N VAL C 823 -12.37 15.84 -3.51
CA VAL C 823 -12.76 14.98 -2.40
C VAL C 823 -13.67 15.72 -1.44
N GLU C 824 -13.32 16.96 -1.08
CA GLU C 824 -14.12 17.70 -0.13
C GLU C 824 -15.50 18.05 -0.69
N PHE C 825 -15.56 18.32 -2.00
CA PHE C 825 -16.84 18.62 -2.66
C PHE C 825 -17.86 17.53 -2.40
N TYR C 826 -17.47 16.26 -2.59
CA TYR C 826 -18.44 15.18 -2.45
C TYR C 826 -18.68 14.82 -1.00
N LYS C 827 -17.69 15.02 -0.14
CA LYS C 827 -17.96 14.92 1.29
C LYS C 827 -18.99 15.97 1.71
N LEU C 828 -18.91 17.17 1.15
CA LEU C 828 -19.86 18.23 1.50
C LEU C 828 -21.26 17.91 0.98
N LEU C 829 -21.36 17.49 -0.28
CA LEU C 829 -22.67 17.11 -0.83
C LEU C 829 -23.26 15.94 -0.07
N LYS C 830 -22.43 15.00 0.36
CA LYS C 830 -22.93 13.81 1.04
C LYS C 830 -23.60 14.18 2.36
N VAL C 831 -22.93 15.01 3.18
CA VAL C 831 -23.51 15.38 4.47
C VAL C 831 -24.72 16.28 4.27
N ILE C 832 -24.70 17.15 3.26
CA ILE C 832 -25.89 17.95 2.97
C ILE C 832 -27.05 17.06 2.57
N ASN C 833 -26.77 16.03 1.77
CA ASN C 833 -27.82 15.09 1.41
C ASN C 833 -28.32 14.27 2.59
N GLU C 834 -27.50 14.13 3.63
CA GLU C 834 -27.89 13.38 4.83
C GLU C 834 -28.66 14.24 5.83
N LYS C 835 -28.19 15.47 6.08
CA LYS C 835 -28.67 16.25 7.21
C LYS C 835 -29.62 17.38 6.82
N SER C 836 -29.57 17.86 5.58
N SER C 836 -29.56 17.89 5.59
CA SER C 836 -30.40 18.97 5.14
CA SER C 836 -30.44 18.97 5.16
C SER C 836 -30.82 18.77 3.69
C SER C 836 -30.82 18.77 3.70
N PHE C 837 -31.50 17.65 3.42
CA PHE C 837 -31.95 17.36 2.06
C PHE C 837 -32.88 18.43 1.51
N ALA C 838 -33.56 19.18 2.39
CA ALA C 838 -34.43 20.25 1.93
C ALA C 838 -33.68 21.26 1.07
N ALA C 839 -32.37 21.40 1.29
CA ALA C 839 -31.59 22.38 0.52
C ALA C 839 -31.56 22.05 -0.96
N PHE C 840 -31.61 20.76 -1.32
CA PHE C 840 -31.65 20.38 -2.73
C PHE C 840 -33.03 20.58 -3.33
N LEU C 841 -34.08 20.43 -2.52
CA LEU C 841 -35.43 20.71 -3.01
C LEU C 841 -35.58 22.16 -3.44
N GLU C 842 -34.88 23.08 -2.79
CA GLU C 842 -34.95 24.49 -3.13
C GLU C 842 -34.13 24.85 -4.37
N LEU C 843 -33.26 23.96 -4.83
CA LEU C 843 -32.44 24.28 -5.98
C LEU C 843 -33.32 24.50 -7.21
N PRO C 844 -32.98 25.47 -8.06
CA PRO C 844 -33.65 25.57 -9.34
C PRO C 844 -33.50 24.28 -10.12
N PRO C 845 -34.49 23.92 -10.94
CA PRO C 845 -34.44 22.62 -11.63
C PRO C 845 -33.18 22.43 -12.47
N ALA C 846 -32.63 23.50 -13.03
CA ALA C 846 -31.36 23.36 -13.74
C ALA C 846 -30.22 23.05 -12.81
N ALA C 847 -30.26 23.56 -11.57
CA ALA C 847 -29.22 23.28 -10.59
C ALA C 847 -29.35 21.88 -10.03
N PHE C 848 -30.58 21.42 -9.79
CA PHE C 848 -30.78 20.04 -9.37
C PHE C 848 -30.30 19.06 -10.44
N LYS C 849 -30.38 19.45 -11.71
CA LYS C 849 -29.87 18.60 -12.78
C LYS C 849 -28.35 18.51 -12.74
N LEU C 850 -27.68 19.60 -12.37
CA LEU C 850 -26.24 19.55 -12.16
C LEU C 850 -25.89 18.65 -10.98
N PHE C 851 -26.69 18.70 -9.92
CA PHE C 851 -26.49 17.81 -8.78
C PHE C 851 -26.48 16.35 -9.21
N VAL C 852 -27.45 15.96 -10.05
CA VAL C 852 -27.50 14.60 -10.56
C VAL C 852 -26.28 14.32 -11.45
N ASP C 853 -25.93 15.28 -12.32
CA ASP C 853 -24.75 15.11 -13.16
C ASP C 853 -23.49 14.95 -12.31
N ALA C 854 -23.40 15.69 -11.21
CA ALA C 854 -22.23 15.59 -10.34
C ALA C 854 -22.16 14.21 -9.68
N ILE C 855 -23.30 13.66 -9.29
CA ILE C 855 -23.33 12.34 -8.64
C ILE C 855 -22.81 11.28 -9.61
N CYS C 856 -23.36 11.24 -10.82
CA CYS C 856 -22.89 10.27 -11.81
C CYS C 856 -21.46 10.53 -12.20
N TRP C 857 -21.04 11.80 -12.22
CA TRP C 857 -19.64 12.11 -12.45
C TRP C 857 -18.76 11.44 -11.40
N ALA C 858 -19.23 11.34 -10.16
CA ALA C 858 -18.46 10.67 -9.12
C ALA C 858 -18.41 9.16 -9.35
N PHE C 859 -19.44 8.58 -9.98
CA PHE C 859 -19.42 7.15 -10.31
C PHE C 859 -18.17 6.82 -11.11
N LYS C 860 -17.86 7.63 -12.11
CA LYS C 860 -16.84 7.32 -13.09
C LYS C 860 -15.42 7.57 -12.58
N HIS C 861 -15.27 8.05 -11.36
CA HIS C 861 -13.94 8.23 -10.79
C HIS C 861 -13.35 6.89 -10.38
N ASN C 862 -12.07 6.70 -10.70
CA ASN C 862 -11.33 5.58 -10.13
C ASN C 862 -10.84 5.90 -8.73
N ASN C 863 -10.67 7.20 -8.43
CA ASN C 863 -10.36 7.65 -7.08
C ASN C 863 -11.37 7.08 -6.09
N ARG C 864 -10.87 6.28 -5.14
CA ARG C 864 -11.75 5.58 -4.23
C ARG C 864 -12.56 6.54 -3.38
N ASP C 865 -11.94 7.65 -2.95
CA ASP C 865 -12.64 8.58 -2.07
C ASP C 865 -13.86 9.17 -2.75
N VAL C 866 -13.71 9.62 -4.00
CA VAL C 866 -14.83 10.20 -4.73
C VAL C 866 -15.86 9.13 -5.07
N GLU C 867 -15.39 7.94 -5.47
CA GLU C 867 -16.30 6.90 -5.97
C GLU C 867 -17.24 6.42 -4.89
N VAL C 868 -16.72 6.14 -3.69
CA VAL C 868 -17.56 5.63 -2.61
C VAL C 868 -18.61 6.67 -2.22
N ASN C 869 -18.22 7.94 -2.16
CA ASN C 869 -19.18 8.98 -1.80
C ASN C 869 -20.22 9.17 -2.89
N GLY C 870 -19.81 9.10 -4.16
CA GLY C 870 -20.76 9.24 -5.24
C GLY C 870 -21.85 8.19 -5.21
N LEU C 871 -21.47 6.94 -4.98
CA LEU C 871 -22.45 5.87 -4.88
C LEU C 871 -23.30 6.02 -3.63
N GLN C 872 -22.71 6.48 -2.54
CA GLN C 872 -23.47 6.66 -1.32
C GLN C 872 -24.48 7.80 -1.46
N ILE C 873 -24.07 8.91 -2.08
CA ILE C 873 -25.01 10.01 -2.32
C ILE C 873 -26.17 9.53 -3.19
N ALA C 874 -25.86 8.75 -4.23
CA ALA C 874 -26.91 8.24 -5.11
C ALA C 874 -27.91 7.40 -4.32
N LEU C 875 -27.41 6.48 -3.50
CA LEU C 875 -28.27 5.63 -2.67
C LEU C 875 -29.09 6.48 -1.71
N ASP C 876 -28.44 7.38 -0.99
CA ASP C 876 -29.15 8.22 -0.02
C ASP C 876 -30.14 9.15 -0.70
N LEU C 877 -29.82 9.65 -1.90
CA LEU C 877 -30.76 10.49 -2.63
C LEU C 877 -32.02 9.72 -3.00
N VAL C 878 -31.87 8.49 -3.49
CA VAL C 878 -33.03 7.67 -3.82
C VAL C 878 -33.89 7.45 -2.58
N LYS C 879 -33.26 7.19 -1.44
CA LYS C 879 -34.01 7.02 -0.20
C LYS C 879 -34.72 8.31 0.20
N ASN C 880 -34.04 9.45 0.08
CA ASN C 880 -34.69 10.73 0.37
C ASN C 880 -35.91 10.93 -0.50
N ILE C 881 -35.82 10.62 -1.79
CA ILE C 881 -36.96 10.75 -2.69
C ILE C 881 -38.07 9.78 -2.30
N GLU C 882 -37.70 8.56 -1.90
CA GLU C 882 -38.71 7.57 -1.53
C GLU C 882 -39.51 8.02 -0.31
N ARG C 883 -38.82 8.60 0.69
CA ARG C 883 -39.50 9.03 1.91
C ARG C 883 -40.53 10.12 1.64
N MET C 884 -40.43 10.83 0.50
CA MET C 884 -41.37 11.89 0.19
C MET C 884 -42.75 11.36 -0.20
N GLY C 885 -42.87 10.06 -0.47
CA GLY C 885 -44.14 9.49 -0.86
C GLY C 885 -44.58 9.97 -2.24
N ASN C 886 -45.85 9.68 -2.54
CA ASN C 886 -46.44 10.11 -3.79
C ASN C 886 -46.64 11.62 -3.81
N VAL C 887 -45.65 12.34 -4.31
CA VAL C 887 -45.64 13.81 -4.27
C VAL C 887 -45.03 14.30 -5.57
N PRO C 888 -45.50 15.43 -6.14
CA PRO C 888 -45.03 15.86 -7.46
C PRO C 888 -43.51 15.91 -7.62
N PHE C 889 -42.77 16.28 -6.57
CA PHE C 889 -41.32 16.30 -6.70
C PHE C 889 -40.76 14.88 -6.82
N ALA C 890 -41.30 13.94 -6.04
CA ALA C 890 -40.83 12.56 -6.13
C ALA C 890 -41.12 11.98 -7.51
N ASN C 891 -42.32 12.22 -8.03
CA ASN C 891 -42.69 11.67 -9.33
C ASN C 891 -41.88 12.30 -10.46
N GLU C 892 -41.71 13.62 -10.43
CA GLU C 892 -40.88 14.28 -11.43
C GLU C 892 -39.43 13.81 -11.36
N PHE C 893 -38.95 13.47 -10.17
CA PHE C 893 -37.60 12.94 -10.05
C PHE C 893 -37.46 11.62 -10.80
N HIS C 894 -38.41 10.70 -10.58
CA HIS C 894 -38.36 9.43 -11.27
C HIS C 894 -38.51 9.60 -12.77
N LYS C 895 -39.40 10.52 -13.19
CA LYS C 895 -39.57 10.78 -14.62
C LYS C 895 -38.27 11.24 -15.26
N ASN C 896 -37.51 12.08 -14.57
CA ASN C 896 -36.33 12.71 -15.16
C ASN C 896 -35.06 11.90 -14.98
N TYR C 897 -34.90 11.18 -13.85
CA TYR C 897 -33.59 10.67 -13.48
C TYR C 897 -33.53 9.20 -13.10
N PHE C 898 -34.65 8.49 -13.02
CA PHE C 898 -34.60 7.07 -12.65
C PHE C 898 -33.76 6.27 -13.65
N PHE C 899 -34.10 6.38 -14.95
CA PHE C 899 -33.37 5.60 -15.95
C PHE C 899 -31.97 6.15 -16.19
N ILE C 900 -31.72 7.41 -15.85
CA ILE C 900 -30.35 7.90 -15.85
C ILE C 900 -29.53 7.17 -14.79
N PHE C 901 -30.09 7.02 -13.59
CA PHE C 901 -29.35 6.34 -12.52
C PHE C 901 -29.21 4.85 -12.79
N VAL C 902 -30.22 4.23 -13.41
CA VAL C 902 -30.11 2.82 -13.72
C VAL C 902 -29.02 2.59 -14.77
N SER C 903 -29.04 3.38 -15.84
CA SER C 903 -28.11 3.14 -16.94
C SER C 903 -26.69 3.57 -16.56
N GLU C 904 -26.55 4.67 -15.80
CA GLU C 904 -25.22 5.07 -15.36
C GLU C 904 -24.63 4.06 -14.38
N THR C 905 -25.46 3.45 -13.55
CA THR C 905 -24.96 2.41 -12.66
C THR C 905 -24.56 1.17 -13.45
N PHE C 906 -25.36 0.78 -14.46
CA PHE C 906 -24.99 -0.36 -15.29
C PHE C 906 -23.68 -0.12 -16.04
N PHE C 907 -23.41 1.14 -16.41
CA PHE C 907 -22.19 1.43 -17.17
C PHE C 907 -20.94 1.13 -16.35
N VAL C 908 -20.88 1.65 -15.12
CA VAL C 908 -19.70 1.42 -14.30
C VAL C 908 -19.62 -0.02 -13.83
N LEU C 909 -20.77 -0.70 -13.72
CA LEU C 909 -20.76 -2.12 -13.37
C LEU C 909 -20.11 -2.97 -14.45
N THR C 910 -20.23 -2.58 -15.72
CA THR C 910 -19.90 -3.45 -16.84
C THR C 910 -18.68 -3.02 -17.64
N ASP C 911 -18.04 -1.90 -17.29
CA ASP C 911 -16.99 -1.37 -18.15
C ASP C 911 -15.59 -1.82 -17.76
N SER C 912 -15.46 -2.66 -16.73
CA SER C 912 -14.19 -3.25 -16.30
C SER C 912 -13.19 -2.21 -15.79
N ASP C 913 -13.61 -0.97 -15.58
CA ASP C 913 -12.71 0.06 -15.09
C ASP C 913 -13.12 0.60 -13.72
N HIS C 914 -14.17 0.05 -13.11
CA HIS C 914 -14.62 0.47 -11.78
C HIS C 914 -14.93 -0.75 -10.93
N LYS C 915 -14.08 -1.78 -10.99
CA LYS C 915 -14.35 -3.00 -10.24
C LYS C 915 -14.25 -2.78 -8.73
N SER C 916 -13.55 -1.74 -8.28
CA SER C 916 -13.43 -1.50 -6.85
C SER C 916 -14.76 -1.12 -6.20
N GLY C 917 -15.75 -0.70 -6.98
CA GLY C 917 -17.02 -0.28 -6.40
C GLY C 917 -18.16 -1.23 -6.71
N PHE C 918 -17.85 -2.48 -7.02
CA PHE C 918 -18.88 -3.44 -7.43
C PHE C 918 -19.98 -3.56 -6.38
N SER C 919 -19.61 -3.76 -5.12
CA SER C 919 -20.60 -3.98 -4.07
C SER C 919 -21.55 -2.80 -3.93
N LYS C 920 -21.02 -1.58 -3.97
CA LYS C 920 -21.87 -0.40 -3.83
C LYS C 920 -22.70 -0.17 -5.10
N GLN C 921 -22.13 -0.45 -6.27
CA GLN C 921 -22.91 -0.39 -7.50
C GLN C 921 -24.07 -1.37 -7.47
N ALA C 922 -23.80 -2.60 -6.98
CA ALA C 922 -24.84 -3.62 -6.93
C ALA C 922 -25.96 -3.22 -5.98
N LEU C 923 -25.60 -2.73 -4.80
CA LEU C 923 -26.60 -2.30 -3.83
C LEU C 923 -27.47 -1.20 -4.40
N LEU C 924 -26.87 -0.19 -5.01
CA LEU C 924 -27.63 0.89 -5.61
C LEU C 924 -28.53 0.39 -6.74
N LEU C 925 -28.00 -0.50 -7.58
CA LEU C 925 -28.83 -1.05 -8.65
C LEU C 925 -29.97 -1.88 -8.09
N MET C 926 -29.70 -2.68 -7.06
CA MET C 926 -30.75 -3.50 -6.47
C MET C 926 -31.87 -2.64 -5.89
N LYS C 927 -31.50 -1.52 -5.25
CA LYS C 927 -32.50 -0.61 -4.73
C LYS C 927 -33.34 0.01 -5.85
N LEU C 928 -32.68 0.38 -6.94
CA LEU C 928 -33.40 0.99 -8.06
C LEU C 928 -34.40 0.01 -8.67
N ILE C 929 -34.00 -1.25 -8.86
CA ILE C 929 -34.91 -2.23 -9.43
C ILE C 929 -36.02 -2.60 -8.44
N SER C 930 -35.71 -2.60 -7.14
CA SER C 930 -36.71 -2.96 -6.15
C SER C 930 -37.85 -1.94 -6.09
N LEU C 931 -37.54 -0.66 -6.31
CA LEU C 931 -38.57 0.37 -6.33
C LEU C 931 -39.67 0.04 -7.32
N VAL C 932 -39.29 -0.49 -8.49
CA VAL C 932 -40.28 -0.74 -9.53
C VAL C 932 -41.07 -2.01 -9.23
N TYR C 933 -40.41 -3.06 -8.74
CA TYR C 933 -41.11 -4.30 -8.46
C TYR C 933 -41.82 -4.30 -7.11
N ASP C 934 -41.71 -3.22 -6.34
CA ASP C 934 -42.55 -2.99 -5.18
C ASP C 934 -43.65 -1.97 -5.45
N ASN C 935 -43.69 -1.42 -6.66
CA ASN C 935 -44.66 -0.40 -7.04
C ASN C 935 -44.56 0.83 -6.14
N LYS C 936 -43.33 1.23 -5.84
CA LYS C 936 -43.06 2.45 -5.09
C LYS C 936 -43.03 3.68 -5.96
N ILE C 937 -43.02 3.52 -7.28
CA ILE C 937 -43.03 4.63 -8.23
C ILE C 937 -44.43 4.75 -8.80
N SER C 938 -45.12 5.84 -8.48
CA SER C 938 -46.54 5.97 -8.81
C SER C 938 -46.75 6.47 -10.23
N VAL C 939 -45.79 7.22 -10.76
CA VAL C 939 -45.90 7.90 -12.05
C VAL C 939 -45.44 6.92 -13.13
N PRO C 940 -45.70 7.18 -14.41
CA PRO C 940 -45.17 6.28 -15.45
C PRO C 940 -43.75 6.64 -15.87
N LEU C 941 -42.85 5.66 -15.83
CA LEU C 941 -41.49 5.89 -16.29
C LEU C 941 -41.40 6.08 -17.81
N TYR C 942 -42.49 5.87 -18.53
CA TYR C 942 -42.53 5.96 -19.98
C TYR C 942 -43.43 7.10 -20.42
N GLN C 943 -43.26 7.50 -21.69
CA GLN C 943 -44.15 8.46 -22.30
C GLN C 943 -45.51 7.83 -22.55
N GLU C 944 -46.55 8.67 -22.58
CA GLU C 944 -47.91 8.16 -22.75
C GLU C 944 -48.10 7.47 -24.09
N ALA C 945 -47.30 7.81 -25.10
CA ALA C 945 -47.43 7.23 -26.43
C ALA C 945 -46.47 6.07 -26.68
N GLU C 946 -45.34 6.04 -25.98
CA GLU C 946 -44.29 5.06 -26.27
C GLU C 946 -44.75 3.63 -26.00
N VAL C 947 -45.68 3.44 -25.07
CA VAL C 947 -46.08 2.09 -24.67
C VAL C 947 -47.58 2.11 -24.36
N PRO C 948 -48.32 1.04 -24.67
CA PRO C 948 -49.77 1.03 -24.38
C PRO C 948 -50.08 1.40 -22.94
N GLN C 949 -51.27 1.98 -22.74
CA GLN C 949 -51.70 2.42 -21.42
C GLN C 949 -51.99 1.21 -20.51
N GLY C 950 -51.93 1.46 -19.21
CA GLY C 950 -52.09 0.40 -18.24
C GLY C 950 -50.90 -0.51 -18.10
N THR C 951 -49.83 -0.29 -18.87
CA THR C 951 -48.62 -1.09 -18.73
C THR C 951 -47.92 -0.73 -17.43
N SER C 952 -47.55 -1.75 -16.66
CA SER C 952 -46.84 -1.55 -15.42
C SER C 952 -45.41 -1.07 -15.70
N ASN C 953 -44.83 -0.37 -14.72
CA ASN C 953 -43.42 0.01 -14.83
C ASN C 953 -42.53 -1.22 -14.84
N GLN C 954 -42.98 -2.33 -14.24
CA GLN C 954 -42.21 -3.56 -14.26
C GLN C 954 -42.03 -4.07 -15.69
N VAL C 955 -43.13 -4.12 -16.45
CA VAL C 955 -43.03 -4.53 -17.85
C VAL C 955 -42.18 -3.53 -18.63
N TYR C 956 -42.36 -2.24 -18.38
CA TYR C 956 -41.58 -1.26 -19.12
C TYR C 956 -40.10 -1.28 -18.71
N LEU C 957 -39.81 -1.56 -17.43
CA LEU C 957 -38.43 -1.65 -16.99
C LEU C 957 -37.69 -2.78 -17.71
N SER C 958 -38.35 -3.92 -17.89
CA SER C 958 -37.73 -5.03 -18.62
C SER C 958 -37.45 -4.67 -20.07
N GLN C 959 -38.37 -3.93 -20.71
CA GLN C 959 -38.15 -3.52 -22.09
C GLN C 959 -36.96 -2.57 -22.19
N TYR C 960 -36.95 -1.51 -21.37
CA TYR C 960 -35.85 -0.55 -21.41
C TYR C 960 -34.52 -1.23 -21.17
N LEU C 961 -34.46 -2.10 -20.15
CA LEU C 961 -33.20 -2.78 -19.85
C LEU C 961 -32.79 -3.70 -20.99
N ALA C 962 -33.74 -4.44 -21.56
CA ALA C 962 -33.42 -5.33 -22.67
C ALA C 962 -32.86 -4.54 -23.86
N ASN C 963 -33.51 -3.43 -24.20
CA ASN C 963 -33.02 -2.63 -25.33
C ASN C 963 -31.68 -1.99 -25.01
N MET C 964 -31.51 -1.49 -23.78
CA MET C 964 -30.25 -0.88 -23.39
C MET C 964 -29.10 -1.87 -23.50
N LEU C 965 -29.27 -3.06 -22.93
CA LEU C 965 -28.21 -4.07 -22.98
C LEU C 965 -27.99 -4.57 -24.40
N SER C 966 -29.05 -4.66 -25.21
CA SER C 966 -28.88 -5.13 -26.58
C SER C 966 -28.01 -4.17 -27.40
N ASN C 967 -28.16 -2.87 -27.18
CA ASN C 967 -27.33 -1.92 -27.92
C ASN C 967 -25.93 -1.81 -27.31
N ALA C 968 -25.82 -1.97 -25.99
CA ALA C 968 -24.51 -1.85 -25.35
C ALA C 968 -23.65 -3.09 -25.56
N PHE C 969 -24.28 -4.26 -25.66
CA PHE C 969 -23.59 -5.53 -25.83
C PHE C 969 -24.25 -6.31 -26.96
N PRO C 970 -24.03 -5.87 -28.21
CA PRO C 970 -24.77 -6.46 -29.34
C PRO C 970 -24.42 -7.92 -29.60
N HIS C 971 -23.31 -8.42 -29.08
CA HIS C 971 -22.94 -9.80 -29.32
C HIS C 971 -23.71 -10.78 -28.44
N LEU C 972 -24.51 -10.29 -27.50
CA LEU C 972 -25.35 -11.15 -26.70
C LEU C 972 -26.62 -11.53 -27.46
N THR C 973 -27.13 -12.73 -27.17
CA THR C 973 -28.42 -13.11 -27.74
C THR C 973 -29.55 -12.52 -26.91
N SER C 974 -30.68 -12.28 -27.57
CA SER C 974 -31.85 -11.77 -26.87
C SER C 974 -32.24 -12.71 -25.73
N GLU C 975 -32.00 -14.01 -25.90
CA GLU C 975 -32.32 -14.97 -24.85
C GLU C 975 -31.44 -14.76 -23.63
N GLN C 976 -30.15 -14.48 -23.83
CA GLN C 976 -29.27 -14.16 -22.71
C GLN C 976 -29.78 -12.94 -21.94
N ILE C 977 -30.05 -11.85 -22.65
CA ILE C 977 -30.49 -10.63 -21.99
C ILE C 977 -31.79 -10.86 -21.23
N ALA C 978 -32.69 -11.66 -21.80
CA ALA C 978 -33.97 -11.90 -21.14
C ALA C 978 -33.80 -12.76 -19.89
N SER C 979 -32.94 -13.78 -19.95
CA SER C 979 -32.74 -14.63 -18.79
C SER C 979 -32.02 -13.89 -17.67
N PHE C 980 -30.99 -13.11 -18.02
CA PHE C 980 -30.29 -12.32 -17.03
C PHE C 980 -31.23 -11.35 -16.33
N LEU C 981 -32.03 -10.62 -17.10
CA LEU C 981 -32.93 -9.64 -16.50
C LEU C 981 -34.02 -10.33 -15.68
N SER C 982 -34.53 -11.46 -16.17
CA SER C 982 -35.53 -12.20 -15.41
C SER C 982 -34.98 -12.63 -14.06
N ALA C 983 -33.76 -13.19 -14.04
CA ALA C 983 -33.15 -13.55 -12.77
C ALA C 983 -32.85 -12.32 -11.92
N LEU C 984 -32.31 -11.27 -12.54
CA LEU C 984 -31.88 -10.10 -11.78
C LEU C 984 -33.05 -9.46 -11.04
N THR C 985 -34.15 -9.17 -11.75
CA THR C 985 -35.31 -8.57 -11.11
C THR C 985 -35.92 -9.52 -10.07
N LYS C 986 -35.92 -10.82 -10.38
CA LYS C 986 -36.44 -11.84 -9.47
C LYS C 986 -35.66 -11.85 -8.16
N GLN C 987 -34.39 -11.47 -8.18
CA GLN C 987 -33.48 -11.61 -7.05
C GLN C 987 -33.17 -10.27 -6.39
N CYS C 988 -34.01 -9.26 -6.61
CA CYS C 988 -33.70 -7.92 -6.12
C CYS C 988 -33.98 -7.73 -4.63
N LYS C 989 -34.38 -8.77 -3.90
CA LYS C 989 -34.47 -8.74 -2.45
C LYS C 989 -33.39 -9.59 -1.80
N ASP C 990 -32.37 -10.01 -2.56
CA ASP C 990 -31.33 -10.92 -2.07
C ASP C 990 -30.01 -10.43 -2.63
N LEU C 991 -29.28 -9.64 -1.83
CA LEU C 991 -28.10 -8.95 -2.34
C LEU C 991 -27.00 -9.94 -2.76
N VAL C 992 -26.78 -10.97 -1.96
CA VAL C 992 -25.73 -11.94 -2.28
C VAL C 992 -26.04 -12.64 -3.60
N VAL C 993 -27.29 -13.04 -3.79
CA VAL C 993 -27.65 -13.74 -5.03
C VAL C 993 -27.68 -12.76 -6.19
N PHE C 994 -28.22 -11.56 -5.96
CA PHE C 994 -28.19 -10.48 -6.95
C PHE C 994 -26.78 -10.24 -7.46
N LYS C 995 -25.81 -10.13 -6.53
CA LYS C 995 -24.43 -9.89 -6.92
C LYS C 995 -23.87 -11.07 -7.69
N GLY C 996 -24.25 -12.29 -7.33
CA GLY C 996 -23.79 -13.45 -8.08
C GLY C 996 -24.28 -13.43 -9.52
N THR C 997 -25.52 -12.97 -9.73
CA THR C 997 -26.07 -12.88 -11.07
C THR C 997 -25.36 -11.78 -11.87
N LEU C 998 -25.03 -10.66 -11.23
CA LEU C 998 -24.24 -9.64 -11.90
C LEU C 998 -22.87 -10.17 -12.30
N ARG C 999 -22.23 -10.96 -11.42
N ARG C 999 -22.23 -10.94 -11.41
N ARG C 999 -22.24 -10.95 -11.42
CA ARG C 999 -20.93 -11.53 -11.74
CA ARG C 999 -20.94 -11.55 -11.73
CA ARG C 999 -20.94 -11.53 -11.75
C ARG C 999 -21.04 -12.51 -12.91
C ARG C 999 -21.05 -12.49 -12.91
C ARG C 999 -21.05 -12.48 -12.92
N ASP C 1000 -22.14 -13.26 -12.99
CA ASP C 1000 -22.34 -14.16 -14.10
C ASP C 1000 -22.51 -13.38 -15.40
N PHE C 1001 -23.17 -12.22 -15.33
CA PHE C 1001 -23.30 -11.38 -16.51
C PHE C 1001 -21.95 -10.81 -16.94
N LEU C 1002 -21.12 -10.39 -15.96
CA LEU C 1002 -19.81 -9.85 -16.30
C LEU C 1002 -18.93 -10.88 -16.98
N VAL C 1003 -19.13 -12.16 -16.69
CA VAL C 1003 -18.37 -13.20 -17.39
C VAL C 1003 -18.90 -13.39 -18.80
N GLN C 1004 -20.23 -13.44 -18.96
CA GLN C 1004 -20.80 -13.78 -20.25
C GLN C 1004 -20.56 -12.69 -21.29
N ILE C 1005 -20.50 -11.42 -20.87
CA ILE C 1005 -20.23 -10.35 -21.83
C ILE C 1005 -18.80 -10.37 -22.34
N LYS C 1006 -17.92 -11.15 -21.72
CA LYS C 1006 -16.55 -11.25 -22.20
C LYS C 1006 -16.38 -12.27 -23.32
N GLU C 1007 -17.43 -13.03 -23.64
CA GLU C 1007 -17.36 -14.08 -24.64
C GLU C 1007 -18.61 -14.05 -25.49
N VAL C 1008 -18.67 -14.97 -26.45
CA VAL C 1008 -19.83 -15.15 -27.31
C VAL C 1008 -20.43 -16.52 -27.02
N GLY C 1009 -21.77 -16.59 -26.99
CA GLY C 1009 -22.44 -17.85 -26.81
C GLY C 1009 -22.60 -18.30 -25.37
N GLY C 1010 -22.69 -17.37 -24.43
CA GLY C 1010 -22.93 -17.74 -23.06
C GLY C 1010 -24.27 -18.45 -22.91
N ASP C 1011 -24.31 -19.46 -22.06
CA ASP C 1011 -25.52 -20.24 -21.85
C ASP C 1011 -26.53 -19.42 -21.08
N PRO C 1012 -27.70 -19.10 -21.65
CA PRO C 1012 -28.69 -18.33 -20.91
C PRO C 1012 -29.25 -19.05 -19.69
N THR C 1013 -29.20 -20.39 -19.65
CA THR C 1013 -29.68 -21.12 -18.49
C THR C 1013 -28.80 -20.91 -17.26
N ASP C 1014 -27.58 -20.37 -17.43
CA ASP C 1014 -26.72 -20.11 -16.28
C ASP C 1014 -27.41 -19.25 -15.23
N TYR C 1015 -28.30 -18.35 -15.64
CA TYR C 1015 -28.93 -17.42 -14.71
C TYR C 1015 -30.03 -18.06 -13.89
N LEU C 1016 -30.32 -19.35 -14.09
CA LEU C 1016 -31.22 -20.10 -13.23
C LEU C 1016 -30.48 -20.78 -12.08
N PHE C 1017 -29.24 -20.34 -11.80
CA PHE C 1017 -28.39 -21.09 -10.87
C PHE C 1017 -28.95 -21.06 -9.45
N ALA C 1018 -29.52 -19.94 -9.03
CA ALA C 1018 -30.03 -19.83 -7.67
C ALA C 1018 -31.50 -20.25 -7.60
N VAL D 1 14.14 5.13 46.44
CA VAL D 1 13.36 5.98 45.53
C VAL D 1 13.91 7.40 45.51
N GLU D 2 13.99 8.00 46.70
CA GLU D 2 14.48 9.37 46.82
C GLU D 2 15.95 9.49 46.43
N ALA D 3 16.70 8.38 46.43
CA ALA D 3 18.08 8.40 45.98
C ALA D 3 18.19 8.50 44.47
N LEU D 4 17.13 8.17 43.73
CA LEU D 4 17.16 8.30 42.28
C LEU D 4 17.12 9.76 41.84
N LEU D 5 16.43 10.60 42.60
CA LEU D 5 16.13 11.96 42.15
C LEU D 5 17.40 12.75 41.88
N ALA D 6 18.37 12.67 42.80
CA ALA D 6 19.61 13.44 42.63
C ALA D 6 20.33 13.03 41.35
N ARG D 7 20.44 11.73 41.12
CA ARG D 7 21.07 11.25 39.89
C ARG D 7 20.21 11.55 38.67
N LEU D 8 18.89 11.53 38.83
CA LEU D 8 18.00 11.87 37.73
C LEU D 8 18.17 13.33 37.31
N ARG D 9 18.25 14.24 38.29
CA ARG D 9 18.48 15.65 37.98
C ARG D 9 19.86 15.86 37.37
N ALA D 10 20.86 15.12 37.84
CA ALA D 10 22.25 15.32 37.42
C ALA D 10 22.54 14.74 36.04
N LEU D 11 21.55 14.20 35.34
CA LEU D 11 21.77 13.71 33.99
C LEU D 11 22.15 14.85 33.06
#